data_6WCK
# 
_entry.id   6WCK 
# 
_audit_conform.dict_name       mmcif_pdbx.dic 
_audit_conform.dict_version    5.380 
_audit_conform.dict_location   http://mmcif.pdb.org/dictionaries/ascii/mmcif_pdbx.dic 
# 
loop_
_database_2.database_id 
_database_2.database_code 
_database_2.pdbx_database_accession 
_database_2.pdbx_DOI 
PDB   6WCK         pdb_00006wck 10.2210/pdb6wck/pdb 
WWPDB D_1000248035 ?            ?                   
# 
_pdbx_database_related.db_name        PDB 
_pdbx_database_related.details        '6n65 is non-BrU version of sequence' 
_pdbx_database_related.db_id          6n65 
_pdbx_database_related.content_type   unspecified 
# 
_pdbx_database_status.status_code                     REL 
_pdbx_database_status.status_code_sf                  REL 
_pdbx_database_status.status_code_mr                  ? 
_pdbx_database_status.entry_id                        6WCK 
_pdbx_database_status.recvd_initial_deposition_date   2020-03-30 
_pdbx_database_status.SG_entry                        N 
_pdbx_database_status.deposit_site                    RCSB 
_pdbx_database_status.process_site                    RCSB 
_pdbx_database_status.status_code_cs                  ? 
_pdbx_database_status.status_code_nmr_data            ? 
_pdbx_database_status.methods_development_category    ? 
_pdbx_database_status.pdb_format_compatible           Y 
# 
loop_
_audit_author.name 
_audit_author.pdbx_ordinal 
_audit_author.identifier_ORCID 
'Schmidberger, J.W.' 1 0000-0002-0919-0926 
'Ou, A.'             2 0000-0002-3903-0018 
'Smith, N.M.'        3 0000-0002-5519-8152 
'Iyer, K.S.'         4 0000-0001-9329-4930 
'Bond, C.S.'         5 0000-0002-9584-6783 
# 
_citation.abstract                  ? 
_citation.abstract_id_CAS           ? 
_citation.book_id_ISBN              ? 
_citation.book_publisher            ? 
_citation.book_publisher_city       ? 
_citation.book_title                ? 
_citation.coordinate_linkage        ? 
_citation.country                   UK 
_citation.database_id_Medline       ? 
_citation.details                   ? 
_citation.id                        primary 
_citation.journal_abbrev            'Nucleic Acids Res.' 
_citation.journal_id_ASTM           NARHAD 
_citation.journal_id_CSD            0389 
_citation.journal_id_ISSN           1362-4962 
_citation.journal_full              ? 
_citation.journal_issue             ? 
_citation.journal_volume            48 
_citation.language                  ? 
_citation.page_first                5766 
_citation.page_last                 5776 
_citation.title                     
;High resolution crystal structure of a KRAS promoter G-quadruplex reveals a dimer with extensive poly-A pi-stacking interactions for small-molecule recognition.
;
_citation.year                      2020 
_citation.database_id_CSD           ? 
_citation.pdbx_database_id_DOI      10.1093/nar/gkaa262 
_citation.pdbx_database_id_PubMed   32313953 
_citation.unpublished_flag          ? 
# 
loop_
_citation_author.citation_id 
_citation_author.name 
_citation_author.ordinal 
_citation_author.identifier_ORCID 
primary 'Ou, A.'             1  ? 
primary 'Schmidberger, J.W.' 2  ? 
primary 'Wilson, K.A.'       3  ? 
primary 'Evans, C.W.'        4  ? 
primary 'Hargreaves, J.A.'   5  ? 
primary 'Grigg, M.'          6  ? 
primary 
;O'Mara, M.L.
;
7  ? 
primary 'Iyer, K.S.'         8  ? 
primary 'Bond, C.S.'         9  ? 
primary 'Smith, N.M.'        10 ? 
# 
_cell.angle_alpha                  90.000 
_cell.angle_alpha_esd              ? 
_cell.angle_beta                   94.620 
_cell.angle_beta_esd               ? 
_cell.angle_gamma                  90.000 
_cell.angle_gamma_esd              ? 
_cell.entry_id                     6WCK 
_cell.details                      ? 
_cell.formula_units_Z              ? 
_cell.length_a                     33.452 
_cell.length_a_esd                 ? 
_cell.length_b                     29.943 
_cell.length_b_esd                 ? 
_cell.length_c                     52.691 
_cell.length_c_esd                 ? 
_cell.volume                       ? 
_cell.volume_esd                   ? 
_cell.Z_PDB                        4 
_cell.reciprocal_angle_alpha       ? 
_cell.reciprocal_angle_beta        ? 
_cell.reciprocal_angle_gamma       ? 
_cell.reciprocal_angle_alpha_esd   ? 
_cell.reciprocal_angle_beta_esd    ? 
_cell.reciprocal_angle_gamma_esd   ? 
_cell.reciprocal_length_a          ? 
_cell.reciprocal_length_b          ? 
_cell.reciprocal_length_c          ? 
_cell.reciprocal_length_a_esd      ? 
_cell.reciprocal_length_b_esd      ? 
_cell.reciprocal_length_c_esd      ? 
_cell.pdbx_unique_axis             ? 
# 
_symmetry.entry_id                         6WCK 
_symmetry.cell_setting                     ? 
_symmetry.Int_Tables_number                4 
_symmetry.space_group_name_Hall            ? 
_symmetry.space_group_name_H-M             'P 1 21 1' 
_symmetry.pdbx_full_space_group_name_H-M   ? 
# 
loop_
_entity.id 
_entity.type 
_entity.src_method 
_entity.pdbx_description 
_entity.formula_weight 
_entity.pdbx_number_of_molecules 
_entity.pdbx_ec 
_entity.pdbx_mutation 
_entity.pdbx_fragment 
_entity.details 
1 polymer     syn 
;DNA (5'-D(*AP*GP*GP*GP*CP*GP*GP*(BRU)P*GP*TP*GP*GP*GP*AP*AP*(BRU)P*AP*GP*GP*GP*AP*A)-3')
;
7116.254 2  ? 'T8BrU, G16BrU' ? ? 
2 non-polymer syn 'POTASSIUM ION'                                                                            39.098   5  ? ? ? ? 
3 water       nat water                                                                                      18.015   92 ? ? ? ? 
# 
_entity_poly.entity_id                      1 
_entity_poly.type                           polydeoxyribonucleotide 
_entity_poly.nstd_linkage                   no 
_entity_poly.nstd_monomer                   yes 
_entity_poly.pdbx_seq_one_letter_code       
;(DA)(DG)(DG)(DG)(DC)(DG)(DG)(BRU)(DG)(DT)(DG)(DG)(DG)(DA)(DA)(BRU)(DA)(DG)(DG)
(DG)(DA)(DA)
;
_entity_poly.pdbx_seq_one_letter_code_can   AGGGCGGUGTGGGAAUAGGGAA 
_entity_poly.pdbx_strand_id                 A,B 
_entity_poly.pdbx_target_identifier         ? 
# 
loop_
_entity_poly_seq.entity_id 
_entity_poly_seq.num 
_entity_poly_seq.mon_id 
_entity_poly_seq.hetero 
1 1  DA  n 
1 2  DG  n 
1 3  DG  n 
1 4  DG  n 
1 5  DC  n 
1 6  DG  n 
1 7  DG  n 
1 8  BRU n 
1 9  DG  n 
1 10 DT  n 
1 11 DG  n 
1 12 DG  n 
1 13 DG  n 
1 14 DA  n 
1 15 DA  n 
1 16 BRU n 
1 17 DA  n 
1 18 DG  n 
1 19 DG  n 
1 20 DG  n 
1 21 DA  n 
1 22 DA  n 
# 
_pdbx_entity_src_syn.entity_id              1 
_pdbx_entity_src_syn.pdbx_src_id            1 
_pdbx_entity_src_syn.pdbx_alt_source_flag   sample 
_pdbx_entity_src_syn.pdbx_beg_seq_num       1 
_pdbx_entity_src_syn.pdbx_end_seq_num       22 
_pdbx_entity_src_syn.organism_scientific    'Homo sapiens' 
_pdbx_entity_src_syn.organism_common_name   ? 
_pdbx_entity_src_syn.ncbi_taxonomy_id       9606 
_pdbx_entity_src_syn.details                ? 
# 
_struct_ref.id                         1 
_struct_ref.db_name                    PDB 
_struct_ref.db_code                    6WCK 
_struct_ref.pdbx_db_accession          6WCK 
_struct_ref.pdbx_db_isoform            ? 
_struct_ref.entity_id                  1 
_struct_ref.pdbx_seq_one_letter_code   ? 
_struct_ref.pdbx_align_begin           1 
# 
loop_
_struct_ref_seq.align_id 
_struct_ref_seq.ref_id 
_struct_ref_seq.pdbx_PDB_id_code 
_struct_ref_seq.pdbx_strand_id 
_struct_ref_seq.seq_align_beg 
_struct_ref_seq.pdbx_seq_align_beg_ins_code 
_struct_ref_seq.seq_align_end 
_struct_ref_seq.pdbx_seq_align_end_ins_code 
_struct_ref_seq.pdbx_db_accession 
_struct_ref_seq.db_align_beg 
_struct_ref_seq.pdbx_db_align_beg_ins_code 
_struct_ref_seq.db_align_end 
_struct_ref_seq.pdbx_db_align_end_ins_code 
_struct_ref_seq.pdbx_auth_seq_align_beg 
_struct_ref_seq.pdbx_auth_seq_align_end 
1 1 6WCK A 1 ? 22 ? 6WCK 1 ? 22 ? 1 22 
2 1 6WCK B 1 ? 22 ? 6WCK 1 ? 22 ? 1 22 
# 
loop_
_chem_comp.id 
_chem_comp.type 
_chem_comp.mon_nstd_flag 
_chem_comp.name 
_chem_comp.pdbx_synonyms 
_chem_comp.formula 
_chem_comp.formula_weight 
BRU 'DNA linking' n "5-BROMO-2'-DEOXYURIDINE-5'-MONOPHOSPHATE" ? 'C9 H12 Br N2 O8 P' 387.078 
DA  'DNA linking' y "2'-DEOXYADENOSINE-5'-MONOPHOSPHATE"       ? 'C10 H14 N5 O6 P'   331.222 
DC  'DNA linking' y "2'-DEOXYCYTIDINE-5'-MONOPHOSPHATE"        ? 'C9 H14 N3 O7 P'    307.197 
DG  'DNA linking' y "2'-DEOXYGUANOSINE-5'-MONOPHOSPHATE"       ? 'C10 H14 N5 O7 P'   347.221 
DT  'DNA linking' y "THYMIDINE-5'-MONOPHOSPHATE"               ? 'C10 H15 N2 O8 P'   322.208 
HOH non-polymer   . WATER                                      ? 'H2 O'              18.015  
K   non-polymer   . 'POTASSIUM ION'                            ? 'K 1'               39.098  
# 
_exptl.absorpt_coefficient_mu     ? 
_exptl.absorpt_correction_T_max   ? 
_exptl.absorpt_correction_T_min   ? 
_exptl.absorpt_correction_type    ? 
_exptl.absorpt_process_details    ? 
_exptl.entry_id                   6WCK 
_exptl.crystals_number            1 
_exptl.details                    ? 
_exptl.method                     'X-RAY DIFFRACTION' 
_exptl.method_details             ? 
# 
_exptl_crystal.colour                      ? 
_exptl_crystal.density_diffrn              ? 
_exptl_crystal.density_Matthews            1.85 
_exptl_crystal.density_method              ? 
_exptl_crystal.density_percent_sol         33.45 
_exptl_crystal.description                 ? 
_exptl_crystal.F_000                       ? 
_exptl_crystal.id                          1 
_exptl_crystal.preparation                 ? 
_exptl_crystal.size_max                    ? 
_exptl_crystal.size_mid                    ? 
_exptl_crystal.size_min                    ? 
_exptl_crystal.size_rad                    ? 
_exptl_crystal.colour_lustre               ? 
_exptl_crystal.colour_modifier             ? 
_exptl_crystal.colour_primary              ? 
_exptl_crystal.density_meas                ? 
_exptl_crystal.density_meas_esd            ? 
_exptl_crystal.density_meas_gt             ? 
_exptl_crystal.density_meas_lt             ? 
_exptl_crystal.density_meas_temp           ? 
_exptl_crystal.density_meas_temp_esd       ? 
_exptl_crystal.density_meas_temp_gt        ? 
_exptl_crystal.density_meas_temp_lt        ? 
_exptl_crystal.pdbx_crystal_image_url      ? 
_exptl_crystal.pdbx_crystal_image_format   ? 
_exptl_crystal.pdbx_mosaicity              ? 
_exptl_crystal.pdbx_mosaicity_esd          ? 
# 
_exptl_crystal_grow.apparatus       ? 
_exptl_crystal_grow.atmosphere      ? 
_exptl_crystal_grow.crystal_id      1 
_exptl_crystal_grow.details         ? 
_exptl_crystal_grow.method          'VAPOR DIFFUSION, SITTING DROP' 
_exptl_crystal_grow.method_ref      ? 
_exptl_crystal_grow.pH              7 
_exptl_crystal_grow.pressure        ? 
_exptl_crystal_grow.pressure_esd    ? 
_exptl_crystal_grow.seeding         ? 
_exptl_crystal_grow.seeding_ref     ? 
_exptl_crystal_grow.temp            293 
_exptl_crystal_grow.temp_details    ? 
_exptl_crystal_grow.temp_esd        ? 
_exptl_crystal_grow.time            ? 
_exptl_crystal_grow.pdbx_details    
'80 mM NaCl, 12 mM KCl, 20 mM MgCl.6H2O, 40 mM Na-cacodylate.3H2O pH 7.0, 35% v/v MPD, 12 mM spermine.4HCl' 
_exptl_crystal_grow.pdbx_pH_range   ? 
# 
_diffrn.ambient_environment              ? 
_diffrn.ambient_temp                     100 
_diffrn.ambient_temp_details             ? 
_diffrn.ambient_temp_esd                 ? 
_diffrn.crystal_id                       1 
_diffrn.crystal_support                  ? 
_diffrn.crystal_treatment                ? 
_diffrn.details                          ? 
_diffrn.id                               1 
_diffrn.ambient_pressure                 ? 
_diffrn.ambient_pressure_esd             ? 
_diffrn.ambient_pressure_gt              ? 
_diffrn.ambient_pressure_lt              ? 
_diffrn.ambient_temp_gt                  ? 
_diffrn.ambient_temp_lt                  ? 
_diffrn.pdbx_serial_crystal_experiment   N 
# 
_diffrn_detector.details                      ? 
_diffrn_detector.detector                     CCD 
_diffrn_detector.diffrn_id                    1 
_diffrn_detector.type                         'ADSC QUANTUM 270' 
_diffrn_detector.area_resol_mean              ? 
_diffrn_detector.dtime                        ? 
_diffrn_detector.pdbx_frames_total            ? 
_diffrn_detector.pdbx_collection_time_total   ? 
_diffrn_detector.pdbx_collection_date         2018-08-23 
_diffrn_detector.pdbx_frequency               ? 
# 
_diffrn_radiation.collimation                      ? 
_diffrn_radiation.diffrn_id                        1 
_diffrn_radiation.filter_edge                      ? 
_diffrn_radiation.inhomogeneity                    ? 
_diffrn_radiation.monochromator                    ? 
_diffrn_radiation.polarisn_norm                    ? 
_diffrn_radiation.polarisn_ratio                   ? 
_diffrn_radiation.probe                            ? 
_diffrn_radiation.type                             ? 
_diffrn_radiation.xray_symbol                      ? 
_diffrn_radiation.wavelength_id                    1 
_diffrn_radiation.pdbx_monochromatic_or_laue_m_l   M 
_diffrn_radiation.pdbx_wavelength_list             ? 
_diffrn_radiation.pdbx_wavelength                  ? 
_diffrn_radiation.pdbx_diffrn_protocol             'SINGLE WAVELENGTH' 
_diffrn_radiation.pdbx_analyzer                    ? 
_diffrn_radiation.pdbx_scattering_type             x-ray 
# 
_diffrn_radiation_wavelength.id           1 
_diffrn_radiation_wavelength.wavelength   0.9199 
_diffrn_radiation_wavelength.wt           1.0 
# 
_diffrn_source.current                     ? 
_diffrn_source.details                     ? 
_diffrn_source.diffrn_id                   1 
_diffrn_source.power                       ? 
_diffrn_source.size                        ? 
_diffrn_source.source                      SYNCHROTRON 
_diffrn_source.target                      ? 
_diffrn_source.type                        'AUSTRALIAN SYNCHROTRON BEAMLINE MX1' 
_diffrn_source.voltage                     ? 
_diffrn_source.take-off_angle              ? 
_diffrn_source.pdbx_wavelength_list        0.9199 
_diffrn_source.pdbx_wavelength             ? 
_diffrn_source.pdbx_synchrotron_beamline   MX1 
_diffrn_source.pdbx_synchrotron_site       'Australian Synchrotron' 
# 
_reflns.B_iso_Wilson_estimate            21.910 
_reflns.entry_id                         6WCK 
_reflns.data_reduction_details           ? 
_reflns.data_reduction_method            ? 
_reflns.d_resolution_high                1.800 
_reflns.d_resolution_low                 33.3430 
_reflns.details                          ? 
_reflns.limit_h_max                      ? 
_reflns.limit_h_min                      ? 
_reflns.limit_k_max                      ? 
_reflns.limit_k_min                      ? 
_reflns.limit_l_max                      ? 
_reflns.limit_l_min                      ? 
_reflns.number_all                       ? 
_reflns.number_obs                       9608 
_reflns.observed_criterion               ? 
_reflns.observed_criterion_F_max         ? 
_reflns.observed_criterion_F_min         ? 
_reflns.observed_criterion_I_max         ? 
_reflns.observed_criterion_I_min         ? 
_reflns.observed_criterion_sigma_F       ? 
_reflns.observed_criterion_sigma_I       ? 
_reflns.percent_possible_obs             97.700 
_reflns.R_free_details                   ? 
_reflns.Rmerge_F_all                     ? 
_reflns.Rmerge_F_obs                     ? 
_reflns.Friedel_coverage                 ? 
_reflns.number_gt                        ? 
_reflns.threshold_expression             ? 
_reflns.pdbx_redundancy                  7.000 
_reflns.pdbx_Rmerge_I_obs                0.117 
_reflns.pdbx_Rmerge_I_all                ? 
_reflns.pdbx_Rsym_value                  ? 
_reflns.pdbx_netI_over_av_sigmaI         ? 
_reflns.pdbx_netI_over_sigmaI            10.900 
_reflns.pdbx_res_netI_over_av_sigmaI_2   ? 
_reflns.pdbx_res_netI_over_sigmaI_2      ? 
_reflns.pdbx_chi_squared                 ? 
_reflns.pdbx_scaling_rejects             ? 
_reflns.pdbx_d_res_high_opt              ? 
_reflns.pdbx_d_res_low_opt               ? 
_reflns.pdbx_d_res_opt_method            ? 
_reflns.phase_calculation_details        ? 
_reflns.pdbx_Rrim_I_all                  0.126 
_reflns.pdbx_Rpim_I_all                  0.047 
_reflns.pdbx_d_opt                       ? 
_reflns.pdbx_number_measured_all         ? 
_reflns.pdbx_diffrn_id                   1 
_reflns.pdbx_ordinal                     1 
_reflns.pdbx_CC_half                     0.999 
_reflns.pdbx_CC_star                     ? 
_reflns.pdbx_R_split                     ? 
# 
loop_
_reflns_shell.d_res_high 
_reflns_shell.d_res_low 
_reflns_shell.meanI_over_sigI_all 
_reflns_shell.meanI_over_sigI_obs 
_reflns_shell.number_measured_all 
_reflns_shell.number_measured_obs 
_reflns_shell.number_possible 
_reflns_shell.number_unique_all 
_reflns_shell.number_unique_obs 
_reflns_shell.percent_possible_all 
_reflns_shell.percent_possible_obs 
_reflns_shell.Rmerge_F_all 
_reflns_shell.Rmerge_F_obs 
_reflns_shell.Rmerge_I_all 
_reflns_shell.Rmerge_I_obs 
_reflns_shell.meanI_over_sigI_gt 
_reflns_shell.meanI_over_uI_all 
_reflns_shell.meanI_over_uI_gt 
_reflns_shell.number_measured_gt 
_reflns_shell.number_unique_gt 
_reflns_shell.percent_possible_gt 
_reflns_shell.Rmerge_F_gt 
_reflns_shell.Rmerge_I_gt 
_reflns_shell.pdbx_redundancy 
_reflns_shell.pdbx_Rsym_value 
_reflns_shell.pdbx_chi_squared 
_reflns_shell.pdbx_netI_over_sigmaI_all 
_reflns_shell.pdbx_netI_over_sigmaI_obs 
_reflns_shell.pdbx_Rrim_I_all 
_reflns_shell.pdbx_Rpim_I_all 
_reflns_shell.pdbx_rejects 
_reflns_shell.pdbx_ordinal 
_reflns_shell.pdbx_diffrn_id 
_reflns_shell.pdbx_CC_half 
_reflns_shell.pdbx_CC_star 
_reflns_shell.pdbx_R_split 
1.800 1.840  ? ? 2298 ? ? ? 448 80.200 ? ? ? ? 1.124 ? ? ? ? ? ? ? ? 5.100 ? ? ? 1.300  1.248 0.531 ? 1 1 0.553 ? ? 
9.000 33.340 ? ? 557  ? ? ? 91  98.000 ? ? ? ? 0.051 ? ? ? ? ? ? ? ? 6.100 ? ? ? 37.400 0.056 0.022 ? 2 1 0.999 ? ? 
# 
_refine.aniso_B[1][1]                            ? 
_refine.aniso_B[1][2]                            ? 
_refine.aniso_B[1][3]                            ? 
_refine.aniso_B[2][2]                            ? 
_refine.aniso_B[2][3]                            ? 
_refine.aniso_B[3][3]                            ? 
_refine.B_iso_max                                164.100 
_refine.B_iso_mean                               29.2003 
_refine.B_iso_min                                8.840 
_refine.correlation_coeff_Fo_to_Fc               ? 
_refine.correlation_coeff_Fo_to_Fc_free          ? 
_refine.details                                  ? 
_refine.diff_density_max                         ? 
_refine.diff_density_max_esd                     ? 
_refine.diff_density_min                         ? 
_refine.diff_density_min_esd                     ? 
_refine.diff_density_rms                         ? 
_refine.diff_density_rms_esd                     ? 
_refine.entry_id                                 6WCK 
_refine.pdbx_refine_id                           'X-RAY DIFFRACTION' 
_refine.ls_abs_structure_details                 ? 
_refine.ls_abs_structure_Flack                   ? 
_refine.ls_abs_structure_Flack_esd               ? 
_refine.ls_abs_structure_Rogers                  ? 
_refine.ls_abs_structure_Rogers_esd              ? 
_refine.ls_d_res_high                            1.8010 
_refine.ls_d_res_low                             33.3430 
_refine.ls_extinction_coef                       ? 
_refine.ls_extinction_coef_esd                   ? 
_refine.ls_extinction_expression                 ? 
_refine.ls_extinction_method                     ? 
_refine.ls_goodness_of_fit_all                   ? 
_refine.ls_goodness_of_fit_all_esd               ? 
_refine.ls_goodness_of_fit_obs                   ? 
_refine.ls_goodness_of_fit_obs_esd               ? 
_refine.ls_hydrogen_treatment                    ? 
_refine.ls_matrix_type                           ? 
_refine.ls_number_constraints                    ? 
_refine.ls_number_parameters                     ? 
_refine.ls_number_reflns_all                     ? 
_refine.ls_number_reflns_obs                     9561 
_refine.ls_number_reflns_R_free                  471 
_refine.ls_number_reflns_R_work                  ? 
_refine.ls_number_restraints                     ? 
_refine.ls_percent_reflns_obs                    97.0100 
_refine.ls_percent_reflns_R_free                 4.9300 
_refine.ls_R_factor_all                          ? 
_refine.ls_R_factor_obs                          0.1988 
_refine.ls_R_factor_R_free                       0.2414 
_refine.ls_R_factor_R_free_error                 ? 
_refine.ls_R_factor_R_free_error_details         ? 
_refine.ls_R_factor_R_work                       0.1967 
_refine.ls_R_Fsqd_factor_obs                     ? 
_refine.ls_R_I_factor_obs                        ? 
_refine.ls_redundancy_reflns_all                 ? 
_refine.ls_redundancy_reflns_obs                 ? 
_refine.ls_restrained_S_all                      ? 
_refine.ls_restrained_S_obs                      ? 
_refine.ls_shift_over_esd_max                    ? 
_refine.ls_shift_over_esd_mean                   ? 
_refine.ls_structure_factor_coef                 ? 
_refine.ls_weighting_details                     ? 
_refine.ls_weighting_scheme                      ? 
_refine.ls_wR_factor_all                         ? 
_refine.ls_wR_factor_obs                         ? 
_refine.ls_wR_factor_R_free                      ? 
_refine.ls_wR_factor_R_work                      ? 
_refine.occupancy_max                            ? 
_refine.occupancy_min                            ? 
_refine.solvent_model_details                    ? 
_refine.solvent_model_param_bsol                 ? 
_refine.solvent_model_param_ksol                 ? 
_refine.pdbx_R_complete                          ? 
_refine.ls_R_factor_gt                           ? 
_refine.ls_goodness_of_fit_gt                    ? 
_refine.ls_goodness_of_fit_ref                   ? 
_refine.ls_shift_over_su_max                     ? 
_refine.ls_shift_over_su_max_lt                  ? 
_refine.ls_shift_over_su_mean                    ? 
_refine.ls_shift_over_su_mean_lt                 ? 
_refine.pdbx_ls_sigma_I                          ? 
_refine.pdbx_ls_sigma_F                          1.360 
_refine.pdbx_ls_sigma_Fsqd                       ? 
_refine.pdbx_data_cutoff_high_absF               ? 
_refine.pdbx_data_cutoff_high_rms_absF           ? 
_refine.pdbx_data_cutoff_low_absF                ? 
_refine.pdbx_isotropic_thermal_model             ? 
_refine.pdbx_ls_cross_valid_method               THROUGHOUT 
_refine.pdbx_method_to_determine_struct          'MOLECULAR REPLACEMENT' 
_refine.pdbx_starting_model                      5i2v 
_refine.pdbx_stereochemistry_target_values       ? 
_refine.pdbx_R_Free_selection_details            ? 
_refine.pdbx_stereochem_target_val_spec_case     ? 
_refine.pdbx_overall_ESU_R                       ? 
_refine.pdbx_overall_ESU_R_Free                  ? 
_refine.pdbx_solvent_vdw_probe_radii             1.1100 
_refine.pdbx_solvent_ion_probe_radii             ? 
_refine.pdbx_solvent_shrinkage_radii             0.9000 
_refine.pdbx_real_space_R                        ? 
_refine.pdbx_density_correlation                 ? 
_refine.pdbx_pd_number_of_powder_patterns        ? 
_refine.pdbx_pd_number_of_points                 ? 
_refine.pdbx_pd_meas_number_of_points            ? 
_refine.pdbx_pd_proc_ls_prof_R_factor            ? 
_refine.pdbx_pd_proc_ls_prof_wR_factor           ? 
_refine.pdbx_pd_Marquardt_correlation_coeff      ? 
_refine.pdbx_pd_Fsqrd_R_factor                   ? 
_refine.pdbx_pd_ls_matrix_band_width             ? 
_refine.pdbx_overall_phase_error                 28.0300 
_refine.pdbx_overall_SU_R_free_Cruickshank_DPI   ? 
_refine.pdbx_overall_SU_R_free_Blow_DPI          ? 
_refine.pdbx_overall_SU_R_Blow_DPI               ? 
_refine.pdbx_TLS_residual_ADP_flag               ? 
_refine.pdbx_diffrn_id                           1 
_refine.overall_SU_B                             ? 
_refine.overall_SU_ML                            0.2300 
_refine.overall_SU_R_Cruickshank_DPI             ? 
_refine.overall_SU_R_free                        ? 
_refine.overall_FOM_free_R_set                   ? 
_refine.overall_FOM_work_R_set                   ? 
_refine.pdbx_average_fsc_overall                 ? 
_refine.pdbx_average_fsc_work                    ? 
_refine.pdbx_average_fsc_free                    ? 
# 
_refine_hist.pdbx_refine_id                   'X-RAY DIFFRACTION' 
_refine_hist.cycle_id                         final 
_refine_hist.details                          ? 
_refine_hist.d_res_high                       1.8010 
_refine_hist.d_res_low                        33.3430 
_refine_hist.number_atoms_solvent             92 
_refine_hist.number_atoms_total               1029 
_refine_hist.number_reflns_all                ? 
_refine_hist.number_reflns_obs                ? 
_refine_hist.number_reflns_R_free             ? 
_refine_hist.number_reflns_R_work             ? 
_refine_hist.R_factor_all                     ? 
_refine_hist.R_factor_obs                     ? 
_refine_hist.R_factor_R_free                  ? 
_refine_hist.R_factor_R_work                  ? 
_refine_hist.pdbx_number_residues_total       44 
_refine_hist.pdbx_B_iso_mean_ligand           12.65 
_refine_hist.pdbx_B_iso_mean_solvent          31.84 
_refine_hist.pdbx_number_atoms_protein        0 
_refine_hist.pdbx_number_atoms_nucleic_acid   932 
_refine_hist.pdbx_number_atoms_ligand         5 
_refine_hist.pdbx_number_atoms_lipid          ? 
_refine_hist.pdbx_number_atoms_carb           ? 
_refine_hist.pdbx_pseudo_atom_details         ? 
# 
loop_
_refine_ls_restr_ncs.pdbx_refine_id 
_refine_ls_restr_ncs.dom_id 
_refine_ls_restr_ncs.ncs_model_details 
_refine_ls_restr_ncs.rms_dev_B_iso 
_refine_ls_restr_ncs.rms_dev_position 
_refine_ls_restr_ncs.weight_B_iso 
_refine_ls_restr_ncs.weight_position 
_refine_ls_restr_ncs.pdbx_ordinal 
_refine_ls_restr_ncs.pdbx_type 
_refine_ls_restr_ncs.pdbx_asym_id 
_refine_ls_restr_ncs.pdbx_auth_asym_id 
_refine_ls_restr_ncs.pdbx_number 
_refine_ls_restr_ncs.pdbx_rms 
_refine_ls_restr_ncs.pdbx_weight 
_refine_ls_restr_ncs.pdbx_ens_id 
'X-RAY DIFFRACTION' 1 ? ? ? ? ? 1 TORSIONAL ? A 370 0.668 ? 1 
'X-RAY DIFFRACTION' 2 ? ? ? ? ? 2 TORSIONAL ? B 370 0.668 ? 1 
# 
loop_
_refine_ls_shell.pdbx_refine_id 
_refine_ls_shell.d_res_high 
_refine_ls_shell.d_res_low 
_refine_ls_shell.number_reflns_all 
_refine_ls_shell.number_reflns_obs 
_refine_ls_shell.number_reflns_R_free 
_refine_ls_shell.number_reflns_R_work 
_refine_ls_shell.percent_reflns_obs 
_refine_ls_shell.percent_reflns_R_free 
_refine_ls_shell.R_factor_all 
_refine_ls_shell.R_factor_obs 
_refine_ls_shell.R_factor_R_free 
_refine_ls_shell.R_factor_R_free_error 
_refine_ls_shell.R_factor_R_work 
_refine_ls_shell.redundancy_reflns_all 
_refine_ls_shell.redundancy_reflns_obs 
_refine_ls_shell.wR_factor_all 
_refine_ls_shell.wR_factor_obs 
_refine_ls_shell.wR_factor_R_free 
_refine_ls_shell.wR_factor_R_work 
_refine_ls_shell.pdbx_R_complete 
_refine_ls_shell.pdbx_total_number_of_bins_used 
_refine_ls_shell.pdbx_phase_error 
_refine_ls_shell.pdbx_fsc_work 
_refine_ls_shell.pdbx_fsc_free 
'X-RAY DIFFRACTION' 1.801  2.0614  . . 169 2806 92.0000  . . . 0.2995 0.0000 0.2354 . . . . . . . . . . . 
'X-RAY DIFFRACTION' 2.0614 2.5970  . . 145 3128 100.0000 . . . 0.2520 0.0000 0.2288 . . . . . . . . . . . 
'X-RAY DIFFRACTION' 2.5970 33.3430 . . 157 3156 99.0000  . . . 0.2218 0.0000 0.1740 . . . . . . . . . . . 
# 
loop_
_struct_ncs_dom.pdbx_ens_id 
_struct_ncs_dom.id 
_struct_ncs_dom.details 
1 1 '(chain A and resid 3 through 22)' 
1 2 '(chain B and resid 3 through 22)' 
# 
loop_
_struct_ncs_dom_lim.pdbx_ens_id 
_struct_ncs_dom_lim.dom_id 
_struct_ncs_dom_lim.pdbx_component_id 
_struct_ncs_dom_lim.beg_label_asym_id 
_struct_ncs_dom_lim.beg_label_comp_id 
_struct_ncs_dom_lim.beg_label_seq_id 
_struct_ncs_dom_lim.beg_label_alt_id 
_struct_ncs_dom_lim.end_label_asym_id 
_struct_ncs_dom_lim.end_label_comp_id 
_struct_ncs_dom_lim.end_label_seq_id 
_struct_ncs_dom_lim.end_label_alt_id 
_struct_ncs_dom_lim.beg_auth_asym_id 
_struct_ncs_dom_lim.beg_auth_comp_id 
_struct_ncs_dom_lim.beg_auth_seq_id 
_struct_ncs_dom_lim.end_auth_asym_id 
_struct_ncs_dom_lim.end_auth_comp_id 
_struct_ncs_dom_lim.end_auth_seq_id 
_struct_ncs_dom_lim.pdbx_refine_code 
_struct_ncs_dom_lim.selection_details 
1 1 1 A DG 3 . A DA 22 . A DG 3 A DA 22 ? '(chain A and resid 3 through 22)' 
1 2 1 B DG 3 . B DA 22 . B DG 3 B DA 22 ? '(chain B and resid 3 through 22)' 
# 
_struct_ncs_ens.id        1 
_struct_ncs_ens.details   ? 
# 
_struct.entry_id                     6WCK 
_struct.title                        'KRAS G-quadruplex G16T mutant with Bromo Uracil replacing T8 and T16.' 
_struct.pdbx_model_details           ? 
_struct.pdbx_formula_weight          ? 
_struct.pdbx_formula_weight_method   ? 
_struct.pdbx_model_type_details      ? 
_struct.pdbx_CASP_flag               N 
# 
_struct_keywords.entry_id        6WCK 
_struct_keywords.text            'KRAS, G-quadruplex, promoter sequence, G16T mutant, Bromouracil, DNA' 
_struct_keywords.pdbx_keywords   DNA 
# 
loop_
_struct_asym.id 
_struct_asym.pdbx_blank_PDB_chainid_flag 
_struct_asym.pdbx_modified 
_struct_asym.entity_id 
_struct_asym.details 
A N N 1 ? 
B N N 1 ? 
C N N 2 ? 
D N N 2 ? 
E N N 2 ? 
F N N 2 ? 
G N N 2 ? 
H N N 3 ? 
I N N 3 ? 
# 
loop_
_struct_conn.id 
_struct_conn.conn_type_id 
_struct_conn.pdbx_leaving_atom_flag 
_struct_conn.pdbx_PDB_id 
_struct_conn.ptnr1_label_asym_id 
_struct_conn.ptnr1_label_comp_id 
_struct_conn.ptnr1_label_seq_id 
_struct_conn.ptnr1_label_atom_id 
_struct_conn.pdbx_ptnr1_label_alt_id 
_struct_conn.pdbx_ptnr1_PDB_ins_code 
_struct_conn.pdbx_ptnr1_standard_comp_id 
_struct_conn.ptnr1_symmetry 
_struct_conn.ptnr2_label_asym_id 
_struct_conn.ptnr2_label_comp_id 
_struct_conn.ptnr2_label_seq_id 
_struct_conn.ptnr2_label_atom_id 
_struct_conn.pdbx_ptnr2_label_alt_id 
_struct_conn.pdbx_ptnr2_PDB_ins_code 
_struct_conn.ptnr1_auth_asym_id 
_struct_conn.ptnr1_auth_comp_id 
_struct_conn.ptnr1_auth_seq_id 
_struct_conn.ptnr2_auth_asym_id 
_struct_conn.ptnr2_auth_comp_id 
_struct_conn.ptnr2_auth_seq_id 
_struct_conn.ptnr2_symmetry 
_struct_conn.pdbx_ptnr3_label_atom_id 
_struct_conn.pdbx_ptnr3_label_seq_id 
_struct_conn.pdbx_ptnr3_label_comp_id 
_struct_conn.pdbx_ptnr3_label_asym_id 
_struct_conn.pdbx_ptnr3_label_alt_id 
_struct_conn.pdbx_ptnr3_PDB_ins_code 
_struct_conn.details 
_struct_conn.pdbx_dist_value 
_struct_conn.pdbx_value_order 
_struct_conn.pdbx_role 
covale1  covale both ? A DG  7  "O3'" ? ? ? 1_555 A BRU 8  P  ? ? A DG  7   A BRU 8   1_555 ? ? ? ? ? ? ?                       
1.612 ? ? 
covale2  covale both ? A BRU 8  "O3'" ? ? ? 1_555 A DG  9  P  ? ? A BRU 8   A DG  9   1_555 ? ? ? ? ? ? ?                       
1.606 ? ? 
covale3  covale both ? A DA  15 "O3'" ? ? ? 1_555 A BRU 16 P  ? ? A DA  15  A BRU 16  1_555 ? ? ? ? ? ? ?                       
1.604 ? ? 
covale4  covale both ? A BRU 16 "O3'" ? ? ? 1_555 A DA  17 P  ? ? A BRU 16  A DA  17  1_555 ? ? ? ? ? ? ?                       
1.601 ? ? 
covale5  covale both ? B DG  7  "O3'" ? ? ? 1_555 B BRU 8  P  ? ? B DG  7   B BRU 8   1_555 ? ? ? ? ? ? ?                       
1.608 ? ? 
covale6  covale both ? B BRU 8  "O3'" ? ? ? 1_555 B DG  9  P  ? ? B BRU 8   B DG  9   1_555 ? ? ? ? ? ? ?                       
1.602 ? ? 
covale7  covale both ? B DA  15 "O3'" ? ? ? 1_555 B BRU 16 P  ? ? B DA  15  B BRU 16  1_555 ? ? ? ? ? ? ?                       
1.605 ? ? 
covale8  covale both ? B BRU 16 "O3'" ? ? ? 1_555 B DA  17 P  ? ? B BRU 16  B DA  17  1_555 ? ? ? ? ? ? ?                       
1.601 ? ? 
metalc1  metalc ?    ? A DG  2  O6    A ? ? 1_555 C K   .  K  ? ? A DG  2   A K   101 1_555 ? ? ? ? ? ? ?                       
2.850 ? ? 
metalc2  metalc ?    ? A DG  2  O6    B ? ? 1_555 C K   .  K  ? ? A DG  2   A K   101 1_555 ? ? ? ? ? ? ?                       
2.646 ? ? 
metalc3  metalc ?    ? A DG  2  O6    A ? ? 1_555 D K   .  K  ? ? A DG  2   A K   102 1_555 ? ? ? ? ? ? ?                       
2.773 ? ? 
metalc4  metalc ?    ? A DG  2  O6    B ? ? 1_555 D K   .  K  ? ? A DG  2   A K   102 1_555 ? ? ? ? ? ? ?                       
2.753 ? ? 
metalc5  metalc ?    ? A DG  3  O6    ? ? ? 1_555 D K   .  K  ? ? A DG  3   A K   102 1_555 ? ? ? ? ? ? ?                       
2.788 ? ? 
metalc6  metalc ?    ? A DG  3  O6    ? ? ? 1_555 E K   .  K  ? ? A DG  3   A K   103 1_555 ? ? ? ? ? ? ?                       
2.913 ? ? 
metalc7  metalc ?    ? A DG  4  O6    ? ? ? 1_555 E K   .  K  ? ? A DG  4   A K   103 1_555 ? ? ? ? ? ? ?                       
2.745 ? ? 
metalc8  metalc ?    ? A DG  6  O6    ? ? ? 1_555 C K   .  K  ? ? A DG  6   A K   101 1_555 ? ? ? ? ? ? ?                       
2.842 ? ? 
metalc9  metalc ?    ? A DG  6  O6    ? ? ? 1_555 D K   .  K  ? ? A DG  6   A K   102 1_555 ? ? ? ? ? ? ?                       
2.782 ? ? 
metalc10 metalc ?    ? A DG  7  O6    ? ? ? 1_555 D K   .  K  ? ? A DG  7   A K   102 1_555 ? ? ? ? ? ? ?                       
2.663 ? ? 
metalc11 metalc ?    ? A DG  7  O6    ? ? ? 1_555 E K   .  K  ? ? A DG  7   A K   103 1_555 ? ? ? ? ? ? ?                       
2.928 ? ? 
metalc12 metalc ?    ? A DG  9  O6    ? ? ? 1_555 E K   .  K  ? ? A DG  9   A K   103 1_555 ? ? ? ? ? ? ?                       
2.791 ? ? 
metalc13 metalc ?    ? A DG  11 O6    ? ? ? 1_555 C K   .  K  ? ? A DG  11  A K   101 1_555 ? ? ? ? ? ? ?                       
2.747 ? ? 
metalc14 metalc ?    ? A DG  11 O6    ? ? ? 1_555 D K   .  K  ? ? A DG  11  A K   102 1_555 ? ? ? ? ? ? ?                       
2.829 ? ? 
metalc15 metalc ?    ? A DG  12 O6    ? ? ? 1_555 D K   .  K  ? ? A DG  12  A K   102 1_555 ? ? ? ? ? ? ?                       
2.601 ? ? 
metalc16 metalc ?    ? A DG  12 O6    ? ? ? 1_555 E K   .  K  ? ? A DG  12  A K   103 1_555 ? ? ? ? ? ? ?                       
2.794 ? ? 
metalc17 metalc ?    ? A DG  13 O6    ? ? ? 1_555 E K   .  K  ? ? A DG  13  A K   103 1_555 ? ? ? ? ? ? ?                       
2.760 ? ? 
metalc18 metalc ?    ? A DG  18 O6    ? ? ? 1_555 C K   .  K  ? ? A DG  18  A K   101 1_555 ? ? ? ? ? ? ?                       
2.721 ? ? 
metalc19 metalc ?    ? A DG  18 O6    ? ? ? 1_555 D K   .  K  ? ? A DG  18  A K   102 1_555 ? ? ? ? ? ? ?                       
2.811 ? ? 
metalc20 metalc ?    ? A DG  19 O6    ? ? ? 1_555 D K   .  K  ? ? A DG  19  A K   102 1_555 ? ? ? ? ? ? ?                       
2.718 ? ? 
metalc21 metalc ?    ? A DG  19 O6    ? ? ? 1_555 E K   .  K  ? ? A DG  19  A K   103 1_555 ? ? ? ? ? ? ?                       
2.808 ? ? 
metalc22 metalc ?    ? A DG  20 O6    ? ? ? 1_555 E K   .  K  ? ? A DG  20  A K   103 1_555 ? ? ? ? ? ? ?                       
2.675 ? ? 
metalc23 metalc ?    ? C K   .  K     ? ? ? 1_555 B DG  2  O6 A ? A K   101 B DG  2   1_555 ? ? ? ? ? ? ?                       
2.844 ? ? 
metalc24 metalc ?    ? C K   .  K     ? ? ? 1_555 B DG  2  O6 B ? A K   101 B DG  2   1_555 ? ? ? ? ? ? ?                       
2.652 ? ? 
metalc25 metalc ?    ? C K   .  K     ? ? ? 1_555 B DG  6  O6 ? ? A K   101 B DG  6   1_555 ? ? ? ? ? ? ?                       
2.864 ? ? 
metalc26 metalc ?    ? C K   .  K     ? ? ? 1_555 B DG  11 O6 ? ? A K   101 B DG  11  1_555 ? ? ? ? ? ? ?                       
2.777 ? ? 
metalc27 metalc ?    ? C K   .  K     ? ? ? 1_555 B DG  18 O6 ? ? A K   101 B DG  18  1_555 ? ? ? ? ? ? ?                       
2.767 ? ? 
metalc28 metalc ?    ? B DG  2  O6    A ? ? 1_555 F K   .  K  ? ? B DG  2   B K   101 1_555 ? ? ? ? ? ? ?                       
2.653 ? ? 
metalc29 metalc ?    ? B DG  2  O6    B ? ? 1_555 F K   .  K  ? ? B DG  2   B K   101 1_555 ? ? ? ? ? ? ?                       
2.695 ? ? 
metalc30 metalc ?    ? B DG  3  O6    ? ? ? 1_555 F K   .  K  ? ? B DG  3   B K   101 1_555 ? ? ? ? ? ? ?                       
2.708 ? ? 
metalc31 metalc ?    ? B DG  3  O6    ? ? ? 1_555 G K   .  K  ? ? B DG  3   B K   102 1_555 ? ? ? ? ? ? ?                       
2.990 ? ? 
metalc32 metalc ?    ? B DG  4  O6    ? ? ? 1_555 G K   .  K  ? ? B DG  4   B K   102 1_555 ? ? ? ? ? ? ?                       
2.767 ? ? 
metalc33 metalc ?    ? B DG  6  O6    ? ? ? 1_555 F K   .  K  ? ? B DG  6   B K   101 1_555 ? ? ? ? ? ? ?                       
2.775 ? ? 
metalc34 metalc ?    ? B DG  7  O6    ? ? ? 1_555 F K   .  K  ? ? B DG  7   B K   101 1_555 ? ? ? ? ? ? ?                       
2.674 ? ? 
metalc35 metalc ?    ? B DG  7  O6    ? ? ? 1_555 G K   .  K  ? ? B DG  7   B K   102 1_555 ? ? ? ? ? ? ?                       
2.934 ? ? 
metalc36 metalc ?    ? B DG  9  O6    ? ? ? 1_555 G K   .  K  ? ? B DG  9   B K   102 1_555 ? ? ? ? ? ? ?                       
2.785 ? ? 
metalc37 metalc ?    ? B DG  11 O6    ? ? ? 1_555 F K   .  K  ? ? B DG  11  B K   101 1_555 ? ? ? ? ? ? ?                       
2.847 ? ? 
metalc38 metalc ?    ? B DG  12 O6    ? ? ? 1_555 F K   .  K  ? ? B DG  12  B K   101 1_555 ? ? ? ? ? ? ?                       
2.661 ? ? 
metalc39 metalc ?    ? B DG  12 O6    ? ? ? 1_555 G K   .  K  ? ? B DG  12  B K   102 1_555 ? ? ? ? ? ? ?                       
2.903 ? ? 
metalc40 metalc ?    ? B DG  13 O6    ? ? ? 1_555 G K   .  K  ? ? B DG  13  B K   102 1_555 ? ? ? ? ? ? ?                       
2.703 ? ? 
metalc41 metalc ?    ? B DG  18 O6    ? ? ? 1_555 F K   .  K  ? ? B DG  18  B K   101 1_555 ? ? ? ? ? ? ?                       
2.768 ? ? 
metalc42 metalc ?    ? B DG  19 O6    ? ? ? 1_555 F K   .  K  ? ? B DG  19  B K   101 1_555 ? ? ? ? ? ? ?                       
2.686 ? ? 
metalc43 metalc ?    ? B DG  19 O6    ? ? ? 1_555 G K   .  K  ? ? B DG  19  B K   102 1_555 ? ? ? ? ? ? ?                       
2.847 ? ? 
metalc44 metalc ?    ? B DG  20 O6    ? ? ? 1_555 G K   .  K  ? ? B DG  20  B K   102 1_555 ? ? ? ? ? ? ?                       
2.625 ? ? 
hydrog1  hydrog ?    ? A DG  2  N1    A ? ? 1_555 A DG  6  O6 ? ? A DG  2   A DG  6   1_555 ? ? ? ? ? ? TYPE_6_PAIR             ? 
? ? 
hydrog2  hydrog ?    ? A DG  2  N1    B ? ? 1_555 A DG  6  O6 ? ? A DG  2   A DG  6   1_555 ? ? ? ? ? ? TYPE_6_PAIR             ? 
? ? 
hydrog3  hydrog ?    ? A DG  2  N2    A ? ? 1_555 A DG  6  N7 ? ? A DG  2   A DG  6   1_555 ? ? ? ? ? ? TYPE_6_PAIR             ? 
? ? 
hydrog4  hydrog ?    ? A DG  2  N2    B ? ? 1_555 A DG  6  N7 ? ? A DG  2   A DG  6   1_555 ? ? ? ? ? ? TYPE_6_PAIR             ? 
? ? 
hydrog5  hydrog ?    ? A DG  2  N7    A ? ? 1_555 A DG  18 N2 ? ? A DG  2   A DG  18  1_555 ? ? ? ? ? ? TYPE_6_PAIR             ? 
? ? 
hydrog6  hydrog ?    ? A DG  2  N7    B ? ? 1_555 A DG  18 N2 ? ? A DG  2   A DG  18  1_555 ? ? ? ? ? ? TYPE_6_PAIR             ? 
? ? 
hydrog7  hydrog ?    ? A DG  2  O6    A ? ? 1_555 A DG  18 N1 ? ? A DG  2   A DG  18  1_555 ? ? ? ? ? ? TYPE_6_PAIR             ? 
? ? 
hydrog8  hydrog ?    ? A DG  2  O6    B ? ? 1_555 A DG  18 N1 ? ? A DG  2   A DG  18  1_555 ? ? ? ? ? ? TYPE_6_PAIR             ? 
? ? 
hydrog9  hydrog ?    ? A DG  3  N1    ? ? ? 1_555 A DG  7  O6 ? ? A DG  3   A DG  7   1_555 ? ? ? ? ? ? TYPE_6_PAIR             ? 
? ? 
hydrog10 hydrog ?    ? A DG  3  N2    ? ? ? 1_555 A DG  7  N7 ? ? A DG  3   A DG  7   1_555 ? ? ? ? ? ? TYPE_6_PAIR             ? 
? ? 
hydrog11 hydrog ?    ? A DG  3  N7    ? ? ? 1_555 A DG  19 N2 ? ? A DG  3   A DG  19  1_555 ? ? ? ? ? ? TYPE_6_PAIR             ? 
? ? 
hydrog12 hydrog ?    ? A DG  3  O6    ? ? ? 1_555 A DG  19 N1 ? ? A DG  3   A DG  19  1_555 ? ? ? ? ? ? TYPE_6_PAIR             ? 
? ? 
hydrog13 hydrog ?    ? A DG  4  N1    ? ? ? 1_555 A DG  9  O6 ? ? A DG  4   A DG  9   1_555 ? ? ? ? ? ? TYPE_6_PAIR             ? 
? ? 
hydrog14 hydrog ?    ? A DG  4  N2    ? ? ? 1_555 A DG  9  N7 ? ? A DG  4   A DG  9   1_555 ? ? ? ? ? ? TYPE_6_PAIR             ? 
? ? 
hydrog15 hydrog ?    ? A DG  4  N7    ? ? ? 1_555 A DG  20 N2 ? ? A DG  4   A DG  20  1_555 ? ? ? ? ? ? TYPE_6_PAIR             ? 
? ? 
hydrog16 hydrog ?    ? A DG  4  O6    ? ? ? 1_555 A DG  20 N1 ? ? A DG  4   A DG  20  1_555 ? ? ? ? ? ? TYPE_6_PAIR             ? 
? ? 
hydrog17 hydrog ?    ? A DG  6  N1    ? ? ? 1_555 A DG  11 O6 ? ? A DG  6   A DG  11  1_555 ? ? ? ? ? ? TYPE_6_PAIR             ? 
? ? 
hydrog18 hydrog ?    ? A DG  6  N2    ? ? ? 1_555 A DG  11 N7 ? ? A DG  6   A DG  11  1_555 ? ? ? ? ? ? TYPE_6_PAIR             ? 
? ? 
hydrog19 hydrog ?    ? A DG  7  N1    ? ? ? 1_555 A DG  12 O6 ? ? A DG  7   A DG  12  1_555 ? ? ? ? ? ? TYPE_6_PAIR             ? 
? ? 
hydrog20 hydrog ?    ? A DG  7  N2    ? ? ? 1_555 A DG  12 N7 ? ? A DG  7   A DG  12  1_555 ? ? ? ? ? ? TYPE_6_PAIR             ? 
? ? 
hydrog21 hydrog ?    ? A BRU 8  N3    ? ? ? 1_555 A DA  22 N1 ? ? A BRU 8   A DA  22  1_555 ? ? ? ? ? ? 'REVERSED WATSON-CRICK' ? 
? ? 
hydrog22 hydrog ?    ? A BRU 8  O2    ? ? ? 1_555 A DA  22 N6 ? ? A BRU 8   A DA  22  1_555 ? ? ? ? ? ? 'REVERSED WATSON-CRICK' ? 
? ? 
hydrog23 hydrog ?    ? A DG  9  N1    ? ? ? 1_555 A DG  13 O6 ? ? A DG  9   A DG  13  1_555 ? ? ? ? ? ? TYPE_6_PAIR             ? 
? ? 
hydrog24 hydrog ?    ? A DG  9  N2    ? ? ? 1_555 A DG  13 N7 ? ? A DG  9   A DG  13  1_555 ? ? ? ? ? ? TYPE_6_PAIR             ? 
? ? 
hydrog25 hydrog ?    ? A DG  11 N1    ? ? ? 1_555 A DG  18 O6 ? ? A DG  11  A DG  18  1_555 ? ? ? ? ? ? TYPE_6_PAIR             ? 
? ? 
hydrog26 hydrog ?    ? A DG  11 N2    ? ? ? 1_555 A DG  18 N7 ? ? A DG  11  A DG  18  1_555 ? ? ? ? ? ? TYPE_6_PAIR             ? 
? ? 
hydrog27 hydrog ?    ? A DG  12 N1    ? ? ? 1_555 A DG  19 O6 ? ? A DG  12  A DG  19  1_555 ? ? ? ? ? ? TYPE_6_PAIR             ? 
? ? 
hydrog28 hydrog ?    ? A DG  12 N2    ? ? ? 1_555 A DG  19 N7 ? ? A DG  12  A DG  19  1_555 ? ? ? ? ? ? TYPE_6_PAIR             ? 
? ? 
hydrog29 hydrog ?    ? A DG  13 N1    ? ? ? 1_555 A DG  20 O6 ? ? A DG  13  A DG  20  1_555 ? ? ? ? ? ? TYPE_6_PAIR             ? 
? ? 
hydrog30 hydrog ?    ? A DG  13 N2    ? ? ? 1_555 A DG  20 N7 ? ? A DG  13  A DG  20  1_555 ? ? ? ? ? ? TYPE_6_PAIR             ? 
? ? 
hydrog31 hydrog ?    ? B DG  2  N1    A ? ? 1_555 B DG  6  O6 ? ? B DG  2   B DG  6   1_555 ? ? ? ? ? ? TYPE_6_PAIR             ? 
? ? 
hydrog32 hydrog ?    ? B DG  2  N1    B ? ? 1_555 B DG  6  O6 ? ? B DG  2   B DG  6   1_555 ? ? ? ? ? ? TYPE_6_PAIR             ? 
? ? 
hydrog33 hydrog ?    ? B DG  2  N2    A ? ? 1_555 B DG  6  N7 ? ? B DG  2   B DG  6   1_555 ? ? ? ? ? ? TYPE_6_PAIR             ? 
? ? 
hydrog34 hydrog ?    ? B DG  2  N2    B ? ? 1_555 B DG  6  N7 ? ? B DG  2   B DG  6   1_555 ? ? ? ? ? ? TYPE_6_PAIR             ? 
? ? 
hydrog35 hydrog ?    ? B DG  2  N7    A ? ? 1_555 B DG  18 N2 ? ? B DG  2   B DG  18  1_555 ? ? ? ? ? ? TYPE_6_PAIR             ? 
? ? 
hydrog36 hydrog ?    ? B DG  2  N7    B ? ? 1_555 B DG  18 N2 ? ? B DG  2   B DG  18  1_555 ? ? ? ? ? ? TYPE_6_PAIR             ? 
? ? 
hydrog37 hydrog ?    ? B DG  2  O6    A ? ? 1_555 B DG  18 N1 ? ? B DG  2   B DG  18  1_555 ? ? ? ? ? ? TYPE_6_PAIR             ? 
? ? 
hydrog38 hydrog ?    ? B DG  2  O6    B ? ? 1_555 B DG  18 N1 ? ? B DG  2   B DG  18  1_555 ? ? ? ? ? ? TYPE_6_PAIR             ? 
? ? 
hydrog39 hydrog ?    ? B DG  3  N1    ? ? ? 1_555 B DG  7  O6 ? ? B DG  3   B DG  7   1_555 ? ? ? ? ? ? TYPE_6_PAIR             ? 
? ? 
hydrog40 hydrog ?    ? B DG  3  N2    ? ? ? 1_555 B DG  7  N7 ? ? B DG  3   B DG  7   1_555 ? ? ? ? ? ? TYPE_6_PAIR             ? 
? ? 
hydrog41 hydrog ?    ? B DG  3  N7    ? ? ? 1_555 B DG  19 N2 ? ? B DG  3   B DG  19  1_555 ? ? ? ? ? ? TYPE_6_PAIR             ? 
? ? 
hydrog42 hydrog ?    ? B DG  3  O6    ? ? ? 1_555 B DG  19 N1 ? ? B DG  3   B DG  19  1_555 ? ? ? ? ? ? TYPE_6_PAIR             ? 
? ? 
hydrog43 hydrog ?    ? B DG  4  N1    ? ? ? 1_555 B DG  9  O6 ? ? B DG  4   B DG  9   1_555 ? ? ? ? ? ? TYPE_6_PAIR             ? 
? ? 
hydrog44 hydrog ?    ? B DG  4  N2    ? ? ? 1_555 B DG  9  N7 ? ? B DG  4   B DG  9   1_555 ? ? ? ? ? ? TYPE_6_PAIR             ? 
? ? 
hydrog45 hydrog ?    ? B DG  4  N7    ? ? ? 1_555 B DG  20 N2 ? ? B DG  4   B DG  20  1_555 ? ? ? ? ? ? TYPE_6_PAIR             ? 
? ? 
hydrog46 hydrog ?    ? B DG  4  O6    ? ? ? 1_555 B DG  20 N1 ? ? B DG  4   B DG  20  1_555 ? ? ? ? ? ? TYPE_6_PAIR             ? 
? ? 
hydrog47 hydrog ?    ? B DG  6  N1    ? ? ? 1_555 B DG  11 O6 ? ? B DG  6   B DG  11  1_555 ? ? ? ? ? ? TYPE_6_PAIR             ? 
? ? 
hydrog48 hydrog ?    ? B DG  6  N2    ? ? ? 1_555 B DG  11 N7 ? ? B DG  6   B DG  11  1_555 ? ? ? ? ? ? TYPE_6_PAIR             ? 
? ? 
hydrog49 hydrog ?    ? B DG  7  N1    ? ? ? 1_555 B DG  12 O6 ? ? B DG  7   B DG  12  1_555 ? ? ? ? ? ? TYPE_6_PAIR             ? 
? ? 
hydrog50 hydrog ?    ? B DG  7  N2    ? ? ? 1_555 B DG  12 N7 ? ? B DG  7   B DG  12  1_555 ? ? ? ? ? ? TYPE_6_PAIR             ? 
? ? 
hydrog51 hydrog ?    ? B BRU 8  N3    ? ? ? 1_555 B DA  22 N1 ? ? B BRU 8   B DA  22  1_555 ? ? ? ? ? ? 'REVERSED WATSON-CRICK' ? 
? ? 
hydrog52 hydrog ?    ? B BRU 8  O2    ? ? ? 1_555 B DA  22 N6 ? ? B BRU 8   B DA  22  1_555 ? ? ? ? ? ? 'REVERSED WATSON-CRICK' ? 
? ? 
hydrog53 hydrog ?    ? B DG  9  N1    ? ? ? 1_555 B DG  13 O6 ? ? B DG  9   B DG  13  1_555 ? ? ? ? ? ? TYPE_6_PAIR             ? 
? ? 
hydrog54 hydrog ?    ? B DG  9  N2    ? ? ? 1_555 B DG  13 N7 ? ? B DG  9   B DG  13  1_555 ? ? ? ? ? ? TYPE_6_PAIR             ? 
? ? 
hydrog55 hydrog ?    ? B DG  11 N1    ? ? ? 1_555 B DG  18 O6 ? ? B DG  11  B DG  18  1_555 ? ? ? ? ? ? TYPE_6_PAIR             ? 
? ? 
hydrog56 hydrog ?    ? B DG  11 N2    ? ? ? 1_555 B DG  18 N7 ? ? B DG  11  B DG  18  1_555 ? ? ? ? ? ? TYPE_6_PAIR             ? 
? ? 
hydrog57 hydrog ?    ? B DG  12 N1    ? ? ? 1_555 B DG  19 O6 ? ? B DG  12  B DG  19  1_555 ? ? ? ? ? ? TYPE_6_PAIR             ? 
? ? 
hydrog58 hydrog ?    ? B DG  12 N2    ? ? ? 1_555 B DG  19 N7 ? ? B DG  12  B DG  19  1_555 ? ? ? ? ? ? TYPE_6_PAIR             ? 
? ? 
hydrog59 hydrog ?    ? B DG  13 N1    ? ? ? 1_555 B DG  20 O6 ? ? B DG  13  B DG  20  1_555 ? ? ? ? ? ? TYPE_6_PAIR             ? 
? ? 
hydrog60 hydrog ?    ? B DG  13 N2    ? ? ? 1_555 B DG  20 N7 ? ? B DG  13  B DG  20  1_555 ? ? ? ? ? ? TYPE_6_PAIR             ? 
? ? 
# 
loop_
_struct_conn_type.id 
_struct_conn_type.criteria 
_struct_conn_type.reference 
covale ? ? 
metalc ? ? 
hydrog ? ? 
# 
loop_
_struct_site.id 
_struct_site.pdbx_evidence_code 
_struct_site.pdbx_auth_asym_id 
_struct_site.pdbx_auth_comp_id 
_struct_site.pdbx_auth_seq_id 
_struct_site.pdbx_auth_ins_code 
_struct_site.pdbx_num_residues 
_struct_site.details 
AC1 Software A K   101 ? 10 'binding site for residue K A 101'                    
AC2 Software A K   102 ? 10 'binding site for residue K A 102'                    
AC3 Software A K   103 ? 9  'binding site for residue K A 103'                    
AC4 Software B K   101 ? 10 'binding site for residue K B 101'                    
AC5 Software B K   102 ? 9  'binding site for residue K B 102'                    
AC6 Software B DG  7   ? 14 'binding site for Di-nucleotide DG B 7 and BRU B 8'   
AC7 Software B BRU 8   ? 10 'binding site for Di-nucleotide BRU B 8 and DG B 9'   
AC8 Software B DA  15  ? 6  'binding site for Di-nucleotide DA B 15 and BRU B 16' 
AC9 Software B BRU 16  ? 6  'binding site for Di-nucleotide BRU B 16 and DA B 17' 
# 
loop_
_struct_site_gen.id 
_struct_site_gen.site_id 
_struct_site_gen.pdbx_num_res 
_struct_site_gen.label_comp_id 
_struct_site_gen.label_asym_id 
_struct_site_gen.label_seq_id 
_struct_site_gen.pdbx_auth_ins_code 
_struct_site_gen.auth_comp_id 
_struct_site_gen.auth_asym_id 
_struct_site_gen.auth_seq_id 
_struct_site_gen.label_atom_id 
_struct_site_gen.label_alt_id 
_struct_site_gen.symmetry 
_struct_site_gen.details 
1  AC1 10 DG  A 2  ? DG  A 2   . ? 1_555 ? 
2  AC1 10 DG  A 6  ? DG  A 6   . ? 1_555 ? 
3  AC1 10 DG  A 11 ? DG  A 11  . ? 1_555 ? 
4  AC1 10 DG  A 18 ? DG  A 18  . ? 1_555 ? 
5  AC1 10 K   D .  ? K   A 102 . ? 1_555 ? 
6  AC1 10 DG  B 2  ? DG  B 2   . ? 1_555 ? 
7  AC1 10 DG  B 6  ? DG  B 6   . ? 1_555 ? 
8  AC1 10 DG  B 11 ? DG  B 11  . ? 1_555 ? 
9  AC1 10 DG  B 18 ? DG  B 18  . ? 1_555 ? 
10 AC1 10 K   F .  ? K   B 101 . ? 1_555 ? 
11 AC2 10 DG  A 2  ? DG  A 2   . ? 1_555 ? 
12 AC2 10 DG  A 3  ? DG  A 3   . ? 1_555 ? 
13 AC2 10 DG  A 6  ? DG  A 6   . ? 1_555 ? 
14 AC2 10 DG  A 7  ? DG  A 7   . ? 1_555 ? 
15 AC2 10 DG  A 11 ? DG  A 11  . ? 1_555 ? 
16 AC2 10 DG  A 12 ? DG  A 12  . ? 1_555 ? 
17 AC2 10 DG  A 18 ? DG  A 18  . ? 1_555 ? 
18 AC2 10 DG  A 19 ? DG  A 19  . ? 1_555 ? 
19 AC2 10 K   C .  ? K   A 101 . ? 1_555 ? 
20 AC2 10 K   E .  ? K   A 103 . ? 1_555 ? 
21 AC3 9  DG  A 3  ? DG  A 3   . ? 1_555 ? 
22 AC3 9  DG  A 4  ? DG  A 4   . ? 1_555 ? 
23 AC3 9  DG  A 7  ? DG  A 7   . ? 1_555 ? 
24 AC3 9  DG  A 9  ? DG  A 9   . ? 1_555 ? 
25 AC3 9  DG  A 12 ? DG  A 12  . ? 1_555 ? 
26 AC3 9  DG  A 13 ? DG  A 13  . ? 1_555 ? 
27 AC3 9  DG  A 19 ? DG  A 19  . ? 1_555 ? 
28 AC3 9  DG  A 20 ? DG  A 20  . ? 1_555 ? 
29 AC3 9  K   D .  ? K   A 102 . ? 1_555 ? 
30 AC4 10 K   C .  ? K   A 101 . ? 1_555 ? 
31 AC4 10 DG  B 2  ? DG  B 2   . ? 1_555 ? 
32 AC4 10 DG  B 3  ? DG  B 3   . ? 1_555 ? 
33 AC4 10 DG  B 6  ? DG  B 6   . ? 1_555 ? 
34 AC4 10 DG  B 7  ? DG  B 7   . ? 1_555 ? 
35 AC4 10 DG  B 11 ? DG  B 11  . ? 1_555 ? 
36 AC4 10 DG  B 12 ? DG  B 12  . ? 1_555 ? 
37 AC4 10 DG  B 18 ? DG  B 18  . ? 1_555 ? 
38 AC4 10 DG  B 19 ? DG  B 19  . ? 1_555 ? 
39 AC4 10 K   G .  ? K   B 102 . ? 1_555 ? 
40 AC5 9  DG  B 3  ? DG  B 3   . ? 1_555 ? 
41 AC5 9  DG  B 4  ? DG  B 4   . ? 1_555 ? 
42 AC5 9  DG  B 7  ? DG  B 7   . ? 1_555 ? 
43 AC5 9  DG  B 9  ? DG  B 9   . ? 1_555 ? 
44 AC5 9  DG  B 12 ? DG  B 12  . ? 1_555 ? 
45 AC5 9  DG  B 13 ? DG  B 13  . ? 1_555 ? 
46 AC5 9  DG  B 19 ? DG  B 19  . ? 1_555 ? 
47 AC5 9  DG  B 20 ? DG  B 20  . ? 1_555 ? 
48 AC5 9  K   F .  ? K   B 101 . ? 1_555 ? 
49 AC6 14 DG  B 3  ? DG  B 3   . ? 1_555 ? 
50 AC6 14 DG  B 4  ? DG  B 4   . ? 1_555 ? 
51 AC6 14 DG  B 6  ? DG  B 6   . ? 1_555 ? 
52 AC6 14 DG  B 9  ? DG  B 9   . ? 1_555 ? 
53 AC6 14 DG  B 11 ? DG  B 11  . ? 1_555 ? 
54 AC6 14 DG  B 12 ? DG  B 12  . ? 1_555 ? 
55 AC6 14 DA  B 22 ? DA  B 22  . ? 1_555 ? 
56 AC6 14 K   F .  ? K   B 101 . ? 1_555 ? 
57 AC6 14 K   G .  ? K   B 102 . ? 1_555 ? 
58 AC6 14 HOH I .  ? HOH B 202 . ? 1_555 ? 
59 AC6 14 HOH I .  ? HOH B 210 . ? 1_555 ? 
60 AC6 14 HOH I .  ? HOH B 217 . ? 1_555 ? 
61 AC6 14 HOH I .  ? HOH B 232 . ? 1_555 ? 
62 AC6 14 HOH I .  ? HOH B 233 . ? 1_555 ? 
63 AC7 10 DG  B 4  ? DG  B 4   . ? 1_555 ? 
64 AC7 10 DG  B 7  ? DG  B 7   . ? 1_555 ? 
65 AC7 10 DT  B 10 ? DT  B 10  . ? 1_555 ? 
66 AC7 10 DG  B 12 ? DG  B 12  . ? 1_555 ? 
67 AC7 10 DG  B 13 ? DG  B 13  . ? 1_555 ? 
68 AC7 10 DA  B 22 ? DA  B 22  . ? 1_555 ? 
69 AC7 10 K   G .  ? K   B 102 . ? 1_555 ? 
70 AC7 10 HOH I .  ? HOH B 202 . ? 1_555 ? 
71 AC7 10 HOH I .  ? HOH B 210 . ? 1_555 ? 
72 AC7 10 HOH I .  ? HOH B 228 . ? 1_555 ? 
73 AC8 6  DA  A 1  ? DA  A 1   . ? 1_555 ? 
74 AC8 6  BRU A 16 ? BRU A 16  . ? 1_545 ? 
75 AC8 6  DA  B 14 ? DA  B 14  . ? 1_555 ? 
76 AC8 6  DA  B 17 ? DA  B 17  . ? 1_555 ? 
77 AC8 6  HOH I .  ? HOH B 224 . ? 1_555 ? 
78 AC8 6  HOH I .  ? HOH B 234 . ? 1_555 ? 
79 AC9 6  DA  A 1  ? DA  A 1   . ? 1_555 ? 
80 AC9 6  BRU A 16 ? BRU A 16  . ? 1_545 ? 
81 AC9 6  DA  B 15 ? DA  B 15  . ? 1_555 ? 
82 AC9 6  DG  B 18 ? DG  B 18  . ? 1_555 ? 
83 AC9 6  HOH I .  ? HOH B 214 . ? 1_555 ? 
84 AC9 6  HOH I .  ? HOH B 224 . ? 1_555 ? 
# 
_atom_sites.entry_id                    6WCK 
_atom_sites.Cartn_transf_matrix[1][1]   ? 
_atom_sites.Cartn_transf_matrix[1][2]   ? 
_atom_sites.Cartn_transf_matrix[1][3]   ? 
_atom_sites.Cartn_transf_matrix[2][1]   ? 
_atom_sites.Cartn_transf_matrix[2][2]   ? 
_atom_sites.Cartn_transf_matrix[2][3]   ? 
_atom_sites.Cartn_transf_matrix[3][1]   ? 
_atom_sites.Cartn_transf_matrix[3][2]   ? 
_atom_sites.Cartn_transf_matrix[3][3]   ? 
_atom_sites.Cartn_transf_vector[1]      ? 
_atom_sites.Cartn_transf_vector[2]      ? 
_atom_sites.Cartn_transf_vector[3]      ? 
_atom_sites.fract_transf_matrix[1][1]   0.02434147 
_atom_sites.fract_transf_matrix[1][2]   -0.01319055 
_atom_sites.fract_transf_matrix[1][3]   -0.01153175 
_atom_sites.fract_transf_matrix[2][1]   -0.00991312 
_atom_sites.fract_transf_matrix[2][2]   -0.02930109 
_atom_sites.fract_transf_matrix[2][3]   0.01259110 
_atom_sites.fract_transf_matrix[3][1]   -0.00830571 
_atom_sites.fract_transf_matrix[3][2]   -0.00431540 
_atom_sites.fract_transf_matrix[3][3]   -0.01658168 
_atom_sites.fract_transf_vector[1]      -0.069704 
_atom_sites.fract_transf_vector[2]      -0.000369 
_atom_sites.fract_transf_vector[3]      0.247684 
_atom_sites.solution_primary            ? 
_atom_sites.solution_secondary          ? 
_atom_sites.solution_hydrogens          ? 
_atom_sites.special_details             ? 
# 
loop_
_atom_type.symbol 
BR 
C  
K  
N  
O  
P  
# 
loop_
_atom_site.group_PDB 
_atom_site.id 
_atom_site.type_symbol 
_atom_site.label_atom_id 
_atom_site.label_alt_id 
_atom_site.label_comp_id 
_atom_site.label_asym_id 
_atom_site.label_entity_id 
_atom_site.label_seq_id 
_atom_site.pdbx_PDB_ins_code 
_atom_site.Cartn_x 
_atom_site.Cartn_y 
_atom_site.Cartn_z 
_atom_site.occupancy 
_atom_site.B_iso_or_equiv 
_atom_site.pdbx_formal_charge 
_atom_site.auth_seq_id 
_atom_site.auth_comp_id 
_atom_site.auth_asym_id 
_atom_site.auth_atom_id 
_atom_site.pdbx_PDB_model_num 
ATOM   1    O  "O5'" A DA  A 1 1  ? 8.044   4.319   -4.068  0.46 39.04  ? 1   DA  A "O5'" 1 
ATOM   2    O  "O5'" B DA  A 1 1  ? 8.499   5.442   -5.251  0.54 43.14  ? 1   DA  A "O5'" 1 
ATOM   3    C  "C5'" A DA  A 1 1  ? 8.818   5.120   -4.954  0.46 39.02  ? 1   DA  A "C5'" 1 
ATOM   4    C  "C5'" B DA  A 1 1  ? 7.999   6.531   -4.479  0.54 29.62  ? 1   DA  A "C5'" 1 
ATOM   5    C  "C4'" A DA  A 1 1  ? 8.345   6.561   -4.925  0.46 32.44  ? 1   DA  A "C4'" 1 
ATOM   6    C  "C4'" B DA  A 1 1  ? 7.493   7.653   -5.376  0.54 31.66  ? 1   DA  A "C4'" 1 
ATOM   7    O  "O4'" A DA  A 1 1  ? 9.253   7.375   -5.693  0.46 26.06  ? 1   DA  A "O4'" 1 
ATOM   8    O  "O4'" B DA  A 1 1  ? 8.559   8.104   -6.247  0.54 29.19  ? 1   DA  A "O4'" 1 
ATOM   9    C  "C3'" A DA  A 1 1  ? 6.993   6.808   -5.569  0.46 30.70  ? 1   DA  A "C3'" 1 
ATOM   10   C  "C3'" B DA  A 1 1  ? 6.344   7.283   -6.308  0.54 28.35  ? 1   DA  A "C3'" 1 
ATOM   11   O  "O3'" A DA  A 1 1  ? 6.490   8.078   -5.144  0.46 24.28  ? 1   DA  A "O3'" 1 
ATOM   12   O  "O3'" B DA  A 1 1  ? 5.545   8.430   -6.539  0.54 24.97  ? 1   DA  A "O3'" 1 
ATOM   13   C  "C2'" A DA  A 1 1  ? 7.385   6.843   -7.037  0.46 29.67  ? 1   DA  A "C2'" 1 
ATOM   14   C  "C2'" B DA  A 1 1  ? 7.074   6.872   -7.576  0.54 27.47  ? 1   DA  A "C2'" 1 
ATOM   15   C  "C1'" A DA  A 1 1  ? 8.674   7.659   -6.956  0.46 31.28  ? 1   DA  A "C1'" 1 
ATOM   16   C  "C1'" B DA  A 1 1  ? 8.183   7.912   -7.596  0.54 29.58  ? 1   DA  A "C1'" 1 
ATOM   17   N  N9    A DA  A 1 1  ? 9.655   7.335   -7.984  0.46 28.23  ? 1   DA  A N9    1 
ATOM   18   N  N9    B DA  A 1 1  ? 9.363   7.499   -8.341  0.54 28.25  ? 1   DA  A N9    1 
ATOM   19   C  C8    A DA  A 1 1  ? 10.477  6.242   -8.029  0.46 28.03  ? 1   DA  A C8    1 
ATOM   20   C  C8    B DA  A 1 1  ? 10.112  6.369   -8.150  0.54 27.83  ? 1   DA  A C8    1 
ATOM   21   N  N7    A DA  A 1 1  ? 11.276  6.225   -9.071  0.46 29.44  ? 1   DA  A N7    1 
ATOM   22   N  N7    B DA  A 1 1  ? 11.130  6.267   -8.973  0.54 29.66  ? 1   DA  A N7    1 
ATOM   23   C  C5    A DA  A 1 1  ? 10.962  7.393   -9.749  0.46 28.37  ? 1   DA  A C5    1 
ATOM   24   C  C5    B DA  A 1 1  ? 11.044  7.413   -9.750  0.54 28.31  ? 1   DA  A C5    1 
ATOM   25   C  C6    A DA  A 1 1  ? 11.457  7.963   -10.937 0.46 30.28  ? 1   DA  A C6    1 
ATOM   26   C  C6    B DA  A 1 1  ? 11.828  7.904   -10.809 0.54 29.88  ? 1   DA  A C6    1 
ATOM   27   N  N6    A DA  A 1 1  ? 12.413  7.399   -11.681 0.46 33.57  ? 1   DA  A N6    1 
ATOM   28   N  N6    B DA  A 1 1  ? 12.904  7.269   -11.285 0.54 35.80  ? 1   DA  A N6    1 
ATOM   29   N  N1    A DA  A 1 1  ? 10.920  9.136   -11.337 0.46 29.79  ? 1   DA  A N1    1 
ATOM   30   N  N1    B DA  A 1 1  ? 11.463  9.079   -11.365 0.54 31.28  ? 1   DA  A N1    1 
ATOM   31   C  C2    A DA  A 1 1  ? 9.960   9.695   -10.592 0.46 30.62  ? 1   DA  A C2    1 
ATOM   32   C  C2    B DA  A 1 1  ? 10.385  9.713   -10.888 0.54 30.53  ? 1   DA  A C2    1 
ATOM   33   N  N3    A DA  A 1 1  ? 9.418   9.257   -9.456  0.46 25.19  ? 1   DA  A N3    1 
ATOM   34   N  N3    B DA  A 1 1  ? 9.571   9.350   -9.898  0.54 27.63  ? 1   DA  A N3    1 
ATOM   35   C  C4    A DA  A 1 1  ? 9.967   8.090   -9.089  0.46 28.24  ? 1   DA  A C4    1 
ATOM   36   C  C4    B DA  A 1 1  ? 9.961   8.182   -9.367  0.54 27.84  ? 1   DA  A C4    1 
ATOM   37   P  P     A DG  A 1 2  ? 5.921   8.285   -3.650  0.46 26.65  ? 2   DG  A P     1 
ATOM   38   P  P     B DG  A 1 2  ? 3.950   8.293   -6.576  0.54 23.38  ? 2   DG  A P     1 
ATOM   39   O  OP1   A DG  A 1 2  ? 6.062   9.729   -3.372  0.46 24.71  ? 2   DG  A OP1   1 
ATOM   40   O  OP1   B DG  A 1 2  ? 3.628   7.231   -7.551  0.54 24.06  ? 2   DG  A OP1   1 
ATOM   41   O  OP2   A DG  A 1 2  ? 6.490   7.301   -2.704  0.46 31.07  ? 2   DG  A OP2   1 
ATOM   42   O  OP2   B DG  A 1 2  ? 3.359   9.642   -6.704  0.54 24.27  ? 2   DG  A OP2   1 
ATOM   43   O  "O5'" A DG  A 1 2  ? 4.368   7.938   -3.782  0.46 19.46  ? 2   DG  A "O5'" 1 
ATOM   44   O  "O5'" B DG  A 1 2  ? 3.593   7.695   -5.144  0.54 18.45  ? 2   DG  A "O5'" 1 
ATOM   45   C  "C5'" A DG  A 1 2  ? 3.531   8.726   -4.608  0.46 20.72  ? 2   DG  A "C5'" 1 
ATOM   46   C  "C5'" B DG  A 1 2  ? 3.780   8.476   -4.006  0.54 19.49  ? 2   DG  A "C5'" 1 
ATOM   47   C  "C4'" A DG  A 1 2  ? 2.285   9.147   -3.856  0.46 20.75  ? 2   DG  A "C4'" 1 
ATOM   48   C  "C4'" B DG  A 1 2  ? 2.470   9.075   -3.588  0.54 20.84  ? 2   DG  A "C4'" 1 
ATOM   49   O  "O4'" A DG  A 1 2  ? 1.590   7.965   -3.390  0.46 14.97  ? 2   DG  A "O4'" 1 
ATOM   50   O  "O4'" B DG  A 1 2  ? 1.566   8.010   -3.217  0.54 14.84  ? 2   DG  A "O4'" 1 
ATOM   51   C  "C3'" A DG  A 1 2  ? 2.538   10.001  -2.612  0.46 19.22  ? 2   DG  A "C3'" 1 
ATOM   52   C  "C3'" B DG  A 1 2  ? 2.556   9.982   -2.381  0.54 19.24  ? 2   DG  A "C3'" 1 
ATOM   53   O  "O3'" A DG  A 1 2  ? 1.568   11.036  -2.528  0.46 22.55  ? 2   DG  A "O3'" 1 
ATOM   54   O  "O3'" B DG  A 1 2  ? 1.622   11.013  -2.495  0.54 22.58  ? 2   DG  A "O3'" 1 
ATOM   55   C  "C2'" A DG  A 1 2  ? 2.388   9.003   -1.466  0.46 19.05  ? 2   DG  A "C2'" 1 
ATOM   56   C  "C2'" B DG  A 1 2  ? 2.218   9.053   -1.226  0.54 19.17  ? 2   DG  A "C2'" 1 
ATOM   57   C  "C1'" A DG  A 1 2  ? 1.298   8.103   -2.019  0.46 13.96  ? 2   DG  A "C1'" 1 
ATOM   58   C  "C1'" B DG  A 1 2  ? 1.169   8.168   -1.873  0.54 13.78  ? 2   DG  A "C1'" 1 
ATOM   59   N  N9    A DG  A 1 2  ? 1.259   6.768   -1.424  0.46 14.93  ? 2   DG  A N9    1 
ATOM   60   N  N9    B DG  A 1 2  ? 1.066   6.847   -1.272  0.54 14.27  ? 2   DG  A N9    1 
ATOM   61   C  C8    A DG  A 1 2  ? 2.116   5.721   -1.678  0.46 14.00  ? 2   DG  A C8    1 
ATOM   62   C  C8    B DG  A 1 2  ? 1.953   5.800   -1.397  0.54 14.47  ? 2   DG  A C8    1 
ATOM   63   N  N7    A DG  A 1 2  ? 1.819   4.636   -1.015  0.46 17.88  ? 2   DG  A N7    1 
ATOM   64   N  N7    B DG  A 1 2  ? 1.579   4.729   -0.749  0.54 17.13  ? 2   DG  A N7    1 
ATOM   65   C  C5    A DG  A 1 2  ? 0.698   4.984   -0.278  0.46 12.65  ? 2   DG  A C5    1 
ATOM   66   C  C5    B DG  A 1 2  ? 0.376   5.091   -0.166  0.54 12.57  ? 2   DG  A C5    1 
ATOM   67   C  C6    A DG  A 1 2  ? -0.067  4.220   0.630   0.46 13.84  ? 2   DG  A C6    1 
ATOM   68   C  C6    B DG  A 1 2  ? -0.490  4.349   0.657   0.54 13.13  ? 2   DG  A C6    1 
ATOM   69   O  O6    A DG  A 1 2  ? 0.096   3.032   0.969   0.46 12.44  ? 2   DG  A O6    1 
ATOM   70   O  O6    B DG  A 1 2  ? -0.369  3.170   1.034   0.54 13.81  ? 2   DG  A O6    1 
ATOM   71   N  N1    A DG  A 1 2  ? -1.126  4.956   1.151   0.46 10.66  ? 2   DG  A N1    1 
ATOM   72   N  N1    B DG  A 1 2  ? -1.605  5.090   1.025   0.54 11.52  ? 2   DG  A N1    1 
ATOM   73   C  C2    A DG  A 1 2  ? -1.403  6.267   0.840   0.46 13.11  ? 2   DG  A C2    1 
ATOM   74   C  C2    B DG  A 1 2  ? -1.841  6.394   0.659   0.54 13.70  ? 2   DG  A C2    1 
ATOM   75   N  N2    A DG  A 1 2  ? -2.460  6.818   1.457   0.46 9.55   ? 2   DG  A N2    1 
ATOM   76   N  N2    B DG  A 1 2  ? -2.969  6.956   1.122   0.54 11.97  ? 2   DG  A N2    1 
ATOM   77   N  N3    A DG  A 1 2  ? -0.693  6.992   -0.007  0.46 14.43  ? 2   DG  A N3    1 
ATOM   78   N  N3    B DG  A 1 2  ? -1.038  7.095   -0.117  0.54 13.98  ? 2   DG  A N3    1 
ATOM   79   C  C4    A DG  A 1 2  ? 0.338   6.293   -0.523  0.46 15.11  ? 2   DG  A C4    1 
ATOM   80   C  C4    B DG  A 1 2  ? 0.049   6.390   -0.481  0.54 15.05  ? 2   DG  A C4    1 
ATOM   81   P  P     . DG  A 1 3  ? 1.872   12.344  -1.641  1.00 32.52  ? 3   DG  A P     1 
ATOM   82   O  OP1   . DG  A 1 3  ? 1.271   13.480  -2.384  1.00 38.67  ? 3   DG  A OP1   1 
ATOM   83   O  OP2   . DG  A 1 3  ? 3.293   12.300  -1.204  1.00 29.42  ? 3   DG  A OP2   1 
ATOM   84   O  "O5'" . DG  A 1 3  ? 1.066   12.094  -0.293  1.00 32.06  ? 3   DG  A "O5'" 1 
ATOM   85   C  "C5'" . DG  A 1 3  ? -0.288  12.388  -0.263  1.00 28.85  ? 3   DG  A "C5'" 1 
ATOM   86   C  "C4'" . DG  A 1 3  ? -0.863  12.136  1.104   1.00 28.62  ? 3   DG  A "C4'" 1 
ATOM   87   O  "O4'" . DG  A 1 3  ? -0.838  10.718  1.394   1.00 22.91  ? 3   DG  A "O4'" 1 
ATOM   88   C  "C3'" . DG  A 1 3  ? -0.161  12.834  2.267   1.00 24.08  ? 3   DG  A "C3'" 1 
ATOM   89   O  "O3'" . DG  A 1 3  ? -1.162  13.457  3.042   1.00 27.69  ? 3   DG  A "O3'" 1 
ATOM   90   C  "C2'" . DG  A 1 3  ? 0.507   11.674  3.035   1.00 28.68  ? 3   DG  A "C2'" 1 
ATOM   91   C  "C1'" . DG  A 1 3  ? -0.446  10.526  2.729   1.00 22.62  ? 3   DG  A "C1'" 1 
ATOM   92   N  N9    . DG  A 1 3  ? 0.120   9.168   2.850   1.00 12.91  ? 3   DG  A N9    1 
ATOM   93   C  C8    . DG  A 1 3  ? 1.262   8.681   2.249   1.00 15.20  ? 3   DG  A C8    1 
ATOM   94   N  N7    . DG  A 1 3  ? 1.504   7.427   2.542   1.00 16.62  ? 3   DG  A N7    1 
ATOM   95   C  C5    . DG  A 1 3  ? 0.448   7.060   3.379   1.00 15.87  ? 3   DG  A C5    1 
ATOM   96   C  C6    . DG  A 1 3  ? 0.171   5.821   4.009   1.00 18.89  ? 3   DG  A C6    1 
ATOM   97   O  O6    . DG  A 1 3  ? 0.827   4.762   3.945   1.00 13.12  ? 3   DG  A O6    1 
ATOM   98   N  N1    . DG  A 1 3  ? -0.993  5.883   4.782   1.00 14.54  ? 3   DG  A N1    1 
ATOM   99   C  C2    . DG  A 1 3  ? -1.776  6.996   4.921   1.00 16.02  ? 3   DG  A C2    1 
ATOM   100  N  N2    . DG  A 1 3  ? -2.857  6.872   5.696   1.00 11.53  ? 3   DG  A N2    1 
ATOM   101  N  N3    . DG  A 1 3  ? -1.523  8.164   4.336   1.00 14.59  ? 3   DG  A N3    1 
ATOM   102  C  C4    . DG  A 1 3  ? -0.398  8.125   3.589   1.00 13.17  ? 3   DG  A C4    1 
ATOM   103  P  P     . DG  A 1 4  ? -0.821  14.247  4.390   1.00 26.35  ? 4   DG  A P     1 
ATOM   104  O  OP1   . DG  A 1 4  ? -1.793  15.365  4.381   1.00 30.01  ? 4   DG  A OP1   1 
ATOM   105  O  OP2   . DG  A 1 4  ? 0.639   14.426  4.573   1.00 26.05  ? 4   DG  A OP2   1 
ATOM   106  O  "O5'" . DG  A 1 4  ? -1.294  13.240  5.548   1.00 23.87  ? 4   DG  A "O5'" 1 
ATOM   107  C  "C5'" . DG  A 1 4  ? -2.658  12.874  5.629   1.00 20.37  ? 4   DG  A "C5'" 1 
ATOM   108  C  "C4'" . DG  A 1 4  ? -2.968  12.227  6.970   1.00 24.37  ? 4   DG  A "C4'" 1 
ATOM   109  O  "O4'" . DG  A 1 4  ? -2.474  10.867  6.973   1.00 15.47  ? 4   DG  A "O4'" 1 
ATOM   110  C  "C3'" . DG  A 1 4  ? -2.339  12.881  8.192   1.00 24.03  ? 4   DG  A "C3'" 1 
ATOM   111  O  "O3'" . DG  A 1 4  ? -3.185  12.639  9.314   1.00 23.22  ? 4   DG  A "O3'" 1 
ATOM   112  C  "C2'" . DG  A 1 4  ? -1.031  12.094  8.333   1.00 20.65  ? 4   DG  A "C2'" 1 
ATOM   113  C  "C1'" . DG  A 1 4  ? -1.559  10.697  8.031   1.00 18.21  ? 4   DG  A "C1'" 1 
ATOM   114  N  N9    . DG  A 1 4  ? -0.567  9.702   7.613   1.00 17.97  ? 4   DG  A N9    1 
ATOM   115  C  C8    . DG  A 1 4  ? 0.470   9.868   6.728   1.00 17.95  ? 4   DG  A C8    1 
ATOM   116  N  N7    . DG  A 1 4  ? 1.151   8.775   6.529   1.00 14.36  ? 4   DG  A N7    1 
ATOM   117  C  C5    . DG  A 1 4  ? 0.514   7.824   7.327   1.00 12.59  ? 4   DG  A C5    1 
ATOM   118  C  C6    . DG  A 1 4  ? 0.801   6.457   7.518   1.00 13.77  ? 4   DG  A C6    1 
ATOM   119  O  O6    . DG  A 1 4  ? 1.713   5.787   7.008   1.00 12.64  ? 4   DG  A O6    1 
ATOM   120  N  N1    . DG  A 1 4  ? -0.095  5.853   8.411   1.00 20.27  ? 4   DG  A N1    1 
ATOM   121  C  C2    . DG  A 1 4  ? -1.139  6.494   9.027   1.00 18.71  ? 4   DG  A C2    1 
ATOM   122  N  N2    . DG  A 1 4  ? -1.900  5.749   9.858   1.00 19.06  ? 4   DG  A N2    1 
ATOM   123  N  N3    . DG  A 1 4  ? -1.421  7.776   8.844   1.00 16.30  ? 4   DG  A N3    1 
ATOM   124  C  C4    . DG  A 1 4  ? -0.545  8.378   7.988   1.00 11.19  ? 4   DG  A C4    1 
ATOM   125  P  P     . DC  A 1 5  ? -4.477  13.550  9.614   1.00 25.32  ? 5   DC  A P     1 
ATOM   126  O  OP1   . DC  A 1 5  ? -4.210  14.928  9.158   1.00 25.96  ? 5   DC  A OP1   1 
ATOM   127  O  OP2   . DC  A 1 5  ? -4.907  13.212  10.985  1.00 25.67  ? 5   DC  A OP2   1 
ATOM   128  O  "O5'" . DC  A 1 5  ? -5.618  12.957  8.684   1.00 21.22  ? 5   DC  A "O5'" 1 
ATOM   129  C  "C5'" . DC  A 1 5  ? -6.269  11.744  9.023   1.00 18.83  ? 5   DC  A "C5'" 1 
ATOM   130  C  "C4'" . DC  A 1 5  ? -7.630  11.706  8.371   1.00 31.46  ? 5   DC  A "C4'" 1 
ATOM   131  O  "O4'" . DC  A 1 5  ? -8.474  12.711  8.957   1.00 46.07  ? 5   DC  A "O4'" 1 
ATOM   132  C  "C3'" . DC  A 1 5  ? -7.610  11.976  6.872   1.00 31.88  ? 5   DC  A "C3'" 1 
ATOM   133  O  "O3'" . DC  A 1 5  ? -7.773  10.749  6.200   1.00 36.21  ? 5   DC  A "O3'" 1 
ATOM   134  C  "C2'" . DC  A 1 5  ? -8.805  12.905  6.613   1.00 48.03  ? 5   DC  A "C2'" 1 
ATOM   135  C  "C1'" . DC  A 1 5  ? -9.385  13.187  7.999   1.00 55.56  ? 5   DC  A "C1'" 1 
ATOM   136  N  N1    . DC  A 1 5  ? -9.654  14.634  8.264   1.00 59.82  ? 5   DC  A N1    1 
ATOM   137  C  C2    . DC  A 1 5  ? -8.593  15.554  8.291   1.00 62.82  ? 5   DC  A C2    1 
ATOM   138  O  O2    . DC  A 1 5  ? -7.437  15.154  8.110   1.00 74.10  ? 5   DC  A O2    1 
ATOM   139  N  N3    . DC  A 1 5  ? -8.859  16.859  8.533   1.00 68.48  ? 5   DC  A N3    1 
ATOM   140  C  C4    . DC  A 1 5  ? -10.113 17.260  8.727   1.00 69.71  ? 5   DC  A C4    1 
ATOM   141  N  N4    . DC  A 1 5  ? -10.321 18.561  8.955   1.00 77.17  ? 5   DC  A N4    1 
ATOM   142  C  C5    . DC  A 1 5  ? -11.211 16.343  8.695   1.00 72.02  ? 5   DC  A C5    1 
ATOM   143  C  C6    . DC  A 1 5  ? -10.938 15.053  8.460   1.00 60.20  ? 5   DC  A C6    1 
ATOM   144  P  P     . DG  A 1 6  ? -7.249  10.523  4.700   1.00 26.07  ? 6   DG  A P     1 
ATOM   145  O  OP1   . DG  A 1 6  ? -5.766  10.539  4.700   1.00 23.57  ? 6   DG  A OP1   1 
ATOM   146  O  OP2   . DG  A 1 6  ? -7.983  11.416  3.787   1.00 28.35  ? 6   DG  A OP2   1 
ATOM   147  O  "O5'" . DG  A 1 6  ? -7.708  9.042   4.429   1.00 27.09  ? 6   DG  A "O5'" 1 
ATOM   148  C  "C5'" . DG  A 1 6  ? -9.075  8.732   4.431   1.00 14.87  ? 6   DG  A "C5'" 1 
ATOM   149  C  "C4'" . DG  A 1 6  ? -9.274  7.338   4.971   1.00 19.39  ? 6   DG  A "C4'" 1 
ATOM   150  O  "O4'" . DG  A 1 6  ? -8.424  6.420   4.224   1.00 16.70  ? 6   DG  A "O4'" 1 
ATOM   151  C  "C3'" . DG  A 1 6  ? -8.896  7.158   6.439   1.00 21.37  ? 6   DG  A "C3'" 1 
ATOM   152  O  "O3'" . DG  A 1 6  ? -9.787  6.190   6.996   1.00 22.28  ? 6   DG  A "O3'" 1 
ATOM   153  C  "C2'" . DG  A 1 6  ? -7.453  6.627   6.327   1.00 17.24  ? 6   DG  A "C2'" 1 
ATOM   154  C  "C1'" . DG  A 1 6  ? -7.593  5.714   5.123   1.00 12.82  ? 6   DG  A "C1'" 1 
ATOM   155  N  N9    . DG  A 1 6  ? -6.336  5.362   4.431   1.00 13.05  ? 6   DG  A N9    1 
ATOM   156  C  C8    . DG  A 1 6  ? -5.632  6.134   3.533   1.00 15.52  ? 6   DG  A C8    1 
ATOM   157  N  N7    . DG  A 1 6  ? -4.562  5.541   3.064   1.00 15.05  ? 6   DG  A N7    1 
ATOM   158  C  C5    . DG  A 1 6  ? -4.581  4.286   3.658   1.00 13.30  ? 6   DG  A C5    1 
ATOM   159  C  C6    . DG  A 1 6  ? -3.680  3.207   3.536   1.00 14.72  ? 6   DG  A C6    1 
ATOM   160  O  O6    . DG  A 1 6  ? -2.666  3.132   2.821   1.00 15.58  ? 6   DG  A O6    1 
ATOM   161  N  N1    . DG  A 1 6  ? -4.078  2.112   4.312   1.00 16.01  ? 6   DG  A N1    1 
ATOM   162  C  C2    . DG  A 1 6  ? -5.192  2.097   5.132   1.00 12.89  ? 6   DG  A C2    1 
ATOM   163  N  N2    . DG  A 1 6  ? -5.421  0.979   5.829   1.00 14.21  ? 6   DG  A N2    1 
ATOM   164  N  N3    . DG  A 1 6  ? -6.028  3.098   5.248   1.00 11.27  ? 6   DG  A N3    1 
ATOM   165  C  C4    . DG  A 1 6  ? -5.669  4.160   4.493   1.00 10.19  ? 6   DG  A C4    1 
ATOM   166  P  P     . DG  A 1 7  ? -10.145 6.120   8.563   1.00 26.57  ? 7   DG  A P     1 
ATOM   167  O  OP1   . DG  A 1 7  ? -11.346 5.265   8.701   1.00 32.31  ? 7   DG  A OP1   1 
ATOM   168  O  OP2   . DG  A 1 7  ? -10.171 7.480   9.131   1.00 23.14  ? 7   DG  A OP2   1 
ATOM   169  O  "O5'" . DG  A 1 7  ? -8.895  5.343   9.174   1.00 26.78  ? 7   DG  A "O5'" 1 
ATOM   170  C  "C5'" . DG  A 1 7  ? -9.072  4.360   10.131  1.00 30.29  ? 7   DG  A "C5'" 1 
ATOM   171  C  "C4'" . DG  A 1 7  ? -7.721  3.855   10.598  1.00 23.74  ? 7   DG  A "C4'" 1 
ATOM   172  O  "O4'" . DG  A 1 7  ? -6.936  3.477   9.453   1.00 21.30  ? 7   DG  A "O4'" 1 
ATOM   173  C  "C3'" . DG  A 1 7  ? -6.833  4.871   11.305  1.00 24.24  ? 7   DG  A "C3'" 1 
ATOM   174  O  "O3'" . DG  A 1 7  ? -7.125  4.921   12.701  1.00 40.68  ? 7   DG  A "O3'" 1 
ATOM   175  C  "C2'" . DG  A 1 7  ? -5.431  4.300   11.070  1.00 22.41  ? 7   DG  A "C2'" 1 
ATOM   176  C  "C1'" . DG  A 1 7  ? -5.619  3.311   9.908   1.00 21.69  ? 7   DG  A "C1'" 1 
ATOM   177  N  N9    . DG  A 1 7  ? -4.662  3.561   8.829   1.00 16.89  ? 7   DG  A N9    1 
ATOM   178  C  C8    . DG  A 1 7  ? -4.452  4.750   8.149   1.00 11.21  ? 7   DG  A C8    1 
ATOM   179  N  N7    . DG  A 1 7  ? -3.469  4.681   7.289   1.00 17.81  ? 7   DG  A N7    1 
ATOM   180  C  C5    . DG  A 1 7  ? -3.007  3.362   7.406   1.00 12.75  ? 7   DG  A C5    1 
ATOM   181  C  C6    . DG  A 1 7  ? -1.959  2.690   6.730   1.00 15.45  ? 7   DG  A C6    1 
ATOM   182  O  O6    . DG  A 1 7  ? -1.213  3.128   5.855   1.00 14.68  ? 7   DG  A O6    1 
ATOM   183  N  N1    . DG  A 1 7  ? -1.820  1.363   7.161   1.00 15.40  ? 7   DG  A N1    1 
ATOM   184  C  C2    . DG  A 1 7  ? -2.602  0.771   8.134   1.00 12.51  ? 7   DG  A C2    1 
ATOM   185  N  N2    . DG  A 1 7  ? -2.336  -0.521  8.420   1.00 11.45  ? 7   DG  A N2    1 
ATOM   186  N  N3    . DG  A 1 7  ? -3.582  1.398   8.772   1.00 8.84   ? 7   DG  A N3    1 
ATOM   187  C  C4    . DG  A 1 7  ? -3.729  2.679   8.359   1.00 15.33  ? 7   DG  A C4    1 
HETATM 188  N  N1    . BRU A 1 8  ? -0.691  6.864   12.689  1.00 18.77  ? 8   BRU A N1    1 
HETATM 189  C  C2    . BRU A 1 8  ? 0.477   6.575   11.820  1.00 17.39  ? 8   BRU A C2    1 
HETATM 190  N  N3    . BRU A 1 8  ? 1.127   7.678   11.061  1.00 16.10  ? 8   BRU A N3    1 
HETATM 191  C  C4    . BRU A 1 8  ? 0.608   9.034   11.182  1.00 18.78  ? 8   BRU A C4    1 
HETATM 192  C  C5    . BRU A 1 8  ? -0.555  9.298   12.033  1.00 26.92  ? 8   BRU A C5    1 
HETATM 193  C  C6    . BRU A 1 8  ? -1.202  8.202   12.779  1.00 25.01  ? 8   BRU A C6    1 
HETATM 194  O  O2    . BRU A 1 8  ? 0.885   5.472   11.723  1.00 20.03  ? 8   BRU A O2    1 
HETATM 195  O  O4    . BRU A 1 8  ? 1.105   9.916   10.586  1.00 20.66  ? 8   BRU A O4    1 
HETATM 196  BR BR    . BRU A 1 8  ? -1.220  11.111  12.181  1.00 81.69  ? 8   BRU A BR    1 
HETATM 197  C  "C1'" . BRU A 1 8  ? -1.370  5.798   13.400  1.00 25.73  ? 8   BRU A "C1'" 1 
HETATM 198  C  "C2'" . BRU A 1 8  ? -1.501  6.067   14.988  1.00 30.66  ? 8   BRU A "C2'" 1 
HETATM 199  C  "C3'" . BRU A 1 8  ? -2.520  5.345   15.317  1.00 31.09  ? 8   BRU A "C3'" 1 
HETATM 200  C  "C4'" . BRU A 1 8  ? -3.523  5.521   14.166  1.00 30.58  ? 8   BRU A "C4'" 1 
HETATM 201  O  "O3'" . BRU A 1 8  ? -2.186  3.899   15.214  1.00 31.32  ? 8   BRU A "O3'" 1 
HETATM 202  O  "O4'" . BRU A 1 8  ? -2.607  5.810   12.975  1.00 24.26  ? 8   BRU A "O4'" 1 
HETATM 203  C  "C5'" . BRU A 1 8  ? -4.433  6.576   14.418  1.00 38.91  ? 8   BRU A "C5'" 1 
HETATM 204  O  "O5'" . BRU A 1 8  ? -5.318  6.668   13.343  1.00 44.26  ? 8   BRU A "O5'" 1 
HETATM 205  P  P     . BRU A 1 8  ? -6.911  6.287   13.529  1.00 41.05  ? 8   BRU A P     1 
HETATM 206  O  OP1   . BRU A 1 8  ? -7.227  6.015   14.979  1.00 44.07  ? 8   BRU A OP1   1 
HETATM 207  O  OP2   . BRU A 1 8  ? -7.743  7.415   12.955  1.00 29.10  ? 8   BRU A OP2   1 
ATOM   208  P  P     . DG  A 1 9  ? -1.693  3.084   16.508  1.00 39.94  ? 9   DG  A P     1 
ATOM   209  O  OP1   . DG  A 1 9  ? -2.430  3.586   17.686  1.00 38.38  ? 9   DG  A OP1   1 
ATOM   210  O  OP2   . DG  A 1 9  ? -0.213  3.096   16.438  1.00 47.00  ? 9   DG  A OP2   1 
ATOM   211  O  "O5'" . DG  A 1 9  ? -2.215  1.606   16.236  1.00 41.78  ? 9   DG  A "O5'" 1 
ATOM   212  C  "C5'" . DG  A 1 9  ? -3.560  1.405   15.870  1.00 36.82  ? 9   DG  A "C5'" 1 
ATOM   213  C  "C4'" . DG  A 1 9  ? -3.693  0.252   14.897  1.00 28.39  ? 9   DG  A "C4'" 1 
ATOM   214  O  "O4'" . DG  A 1 9  ? -3.598  0.751   13.532  1.00 27.77  ? 9   DG  A "O4'" 1 
ATOM   215  C  "C3'" . DG  A 1 9  ? -2.631  -0.838  15.015  1.00 19.09  ? 9   DG  A "C3'" 1 
ATOM   216  O  "O3'" . DG  A 1 9  ? -3.203  -2.075  14.629  1.00 33.31  ? 9   DG  A "O3'" 1 
ATOM   217  C  "C2'" . DG  A 1 9  ? -1.588  -0.373  13.989  1.00 18.33  ? 9   DG  A "C2'" 1 
ATOM   218  C  "C1'" . DG  A 1 9  ? -2.505  0.127   12.885  1.00 19.22  ? 9   DG  A "C1'" 1 
ATOM   219  N  N9    . DG  A 1 9  ? -1.907  1.095   11.973  1.00 11.03  ? 9   DG  A N9    1 
ATOM   220  C  C8    . DG  A 1 9  ? -2.359  2.369   11.715  1.00 20.50  ? 9   DG  A C8    1 
ATOM   221  N  N7    . DG  A 1 9  ? -1.648  3.000   10.831  1.00 18.07  ? 9   DG  A N7    1 
ATOM   222  C  C5    . DG  A 1 9  ? -0.667  2.080   10.473  1.00 15.40  ? 9   DG  A C5    1 
ATOM   223  C  C6    . DG  A 1 9  ? 0.378   2.190   9.534   1.00 18.05  ? 9   DG  A C6    1 
ATOM   224  O  O6    . DG  A 1 9  ? 0.667   3.163   8.814   1.00 16.40  ? 9   DG  A O6    1 
ATOM   225  N  N1    . DG  A 1 9  ? 1.140   1.032   9.476   1.00 17.91  ? 9   DG  A N1    1 
ATOM   226  C  C2    . DG  A 1 9  ? 0.902   -0.098  10.211  1.00 10.37  ? 9   DG  A C2    1 
ATOM   227  N  N2    . DG  A 1 9  ? 1.751   -1.121  10.026  1.00 16.83  ? 9   DG  A N2    1 
ATOM   228  N  N3    . DG  A 1 9  ? -0.083  -0.210  11.100  1.00 11.35  ? 9   DG  A N3    1 
ATOM   229  C  C4    . DG  A 1 9  ? -0.825  0.906   11.168  1.00 15.97  ? 9   DG  A C4    1 
ATOM   230  P  P     . DT  A 1 10 ? -3.437  -3.261  15.692  1.00 31.96  ? 10  DT  A P     1 
ATOM   231  O  OP1   . DT  A 1 10 ? -4.409  -2.782  16.703  1.00 41.57  ? 10  DT  A OP1   1 
ATOM   232  O  OP2   . DT  A 1 10 ? -2.123  -3.778  16.125  1.00 37.65  ? 10  DT  A OP2   1 
ATOM   233  O  "O5'" . DT  A 1 10 ? -4.132  -4.393  14.823  1.00 29.85  ? 10  DT  A "O5'" 1 
ATOM   234  C  "C5'" . DT  A 1 10 ? -3.633  -4.671  13.525  1.00 39.28  ? 10  DT  A "C5'" 1 
ATOM   235  C  "C4'" . DT  A 1 10 ? -4.677  -5.365  12.680  1.00 34.04  ? 10  DT  A "C4'" 1 
ATOM   236  O  "O4'" . DT  A 1 10 ? -5.075  -6.613  13.304  1.00 43.62  ? 10  DT  A "O4'" 1 
ATOM   237  C  "C3'" . DT  A 1 10 ? -5.966  -4.584  12.455  1.00 47.24  ? 10  DT  A "C3'" 1 
ATOM   238  O  "O3'" . DT  A 1 10 ? -6.478  -4.932  11.199  1.00 55.29  ? 10  DT  A "O3'" 1 
ATOM   239  C  "C2'" . DT  A 1 10 ? -6.865  -5.116  13.565  1.00 47.62  ? 10  DT  A "C2'" 1 
ATOM   240  C  "C1'" . DT  A 1 10 ? -6.462  -6.584  13.575  1.00 50.90  ? 10  DT  A "C1'" 1 
ATOM   241  N  N1    . DT  A 1 10 ? -6.694  -7.277  14.872  1.00 54.80  ? 10  DT  A N1    1 
ATOM   242  C  C2    . DT  A 1 10 ? -7.391  -8.461  14.883  1.00 61.45  ? 10  DT  A C2    1 
ATOM   243  O  O2    . DT  A 1 10 ? -7.859  -8.969  13.882  1.00 70.71  ? 10  DT  A O2    1 
ATOM   244  N  N3    . DT  A 1 10 ? -7.538  -9.026  16.117  1.00 53.22  ? 10  DT  A N3    1 
ATOM   245  C  C4    . DT  A 1 10 ? -7.057  -8.545  17.318  1.00 69.06  ? 10  DT  A C4    1 
ATOM   246  O  O4    . DT  A 1 10 ? -7.241  -9.133  18.380  1.00 68.02  ? 10  DT  A O4    1 
ATOM   247  C  C5    . DT  A 1 10 ? -6.322  -7.305  17.237  1.00 66.25  ? 10  DT  A C5    1 
ATOM   248  C  C7    . DT  A 1 10 ? -5.747  -6.686  18.475  1.00 60.18  ? 10  DT  A C7    1 
ATOM   249  C  C6    . DT  A 1 10 ? -6.174  -6.740  16.029  1.00 60.23  ? 10  DT  A C6    1 
ATOM   250  P  P     . DG  A 1 11 ? -6.786  -3.814  10.093  1.00 31.73  ? 11  DG  A P     1 
ATOM   251  O  OP1   . DG  A 1 11 ? -6.219  -2.504  10.503  1.00 31.31  ? 11  DG  A OP1   1 
ATOM   252  O  OP2   . DG  A 1 11 ? -8.226  -3.924  9.792   1.00 40.99  ? 11  DG  A OP2   1 
ATOM   253  O  "O5'" . DG  A 1 11 ? -5.974  -4.338  8.825   1.00 26.07  ? 11  DG  A "O5'" 1 
ATOM   254  C  "C5'" . DG  A 1 11 ? -6.214  -5.628  8.299   1.00 23.11  ? 11  DG  A "C5'" 1 
ATOM   255  C  "C4'" . DG  A 1 11 ? -4.940  -6.190  7.679   1.00 21.12  ? 11  DG  A "C4'" 1 
ATOM   256  O  "O4'" . DG  A 1 11 ? -4.586  -5.409  6.496   1.00 13.15  ? 11  DG  A "O4'" 1 
ATOM   257  C  "C3'" . DG  A 1 11 ? -3.710  -6.172  8.584   1.00 23.62  ? 11  DG  A "C3'" 1 
ATOM   258  O  "O3'" . DG  A 1 11 ? -2.980  -7.331  8.394   1.00 24.07  ? 11  DG  A "O3'" 1 
ATOM   259  C  "C2'" . DG  A 1 11 ? -2.914  -4.958  8.103   1.00 20.57  ? 11  DG  A "C2'" 1 
ATOM   260  C  "C1'" . DG  A 1 11 ? -3.246  -4.943  6.613   1.00 12.59  ? 11  DG  A "C1'" 1 
ATOM   261  N  N9    . DG  A 1 11 ? -3.196  -3.619  6.025   1.00 13.33  ? 11  DG  A N9    1 
ATOM   262  C  C8    . DG  A 1 11 ? -4.093  -2.592  6.231   1.00 12.45  ? 11  DG  A C8    1 
ATOM   263  N  N7    . DG  A 1 11 ? -3.799  -1.513  5.556   1.00 16.00  ? 11  DG  A N7    1 
ATOM   264  C  C5    . DG  A 1 11 ? -2.650  -1.845  4.861   1.00 9.99   ? 11  DG  A C5    1 
ATOM   265  C  C6    . DG  A 1 11 ? -1.876  -1.071  3.962   1.00 15.82  ? 11  DG  A C6    1 
ATOM   266  O  O6    . DG  A 1 11 ? -2.074  0.090   3.596   1.00 14.11  ? 11  DG  A O6    1 
ATOM   267  N  N1    . DG  A 1 11 ? -0.781  -1.778  3.479   1.00 11.69  ? 11  DG  A N1    1 
ATOM   268  C  C2    . DG  A 1 11 ? -0.483  -3.071  3.819   1.00 15.07  ? 11  DG  A C2    1 
ATOM   269  N  N2    . DG  A 1 11 ? 0.609   -3.589  3.264   1.00 12.95  ? 11  DG  A N2    1 
ATOM   270  N  N3    . DG  A 1 11 ? -1.197  -3.801  4.662   1.00 14.88  ? 11  DG  A N3    1 
ATOM   271  C  C4    . DG  A 1 11 ? -2.260  -3.133  5.137   1.00 12.66  ? 11  DG  A C4    1 
ATOM   272  P  P     . DG  A 1 12 ? -1.790  -7.714  9.402   1.00 30.82  ? 12  DG  A P     1 
ATOM   273  O  OP1   . DG  A 1 12 ? -1.681  -9.189  9.366   1.00 33.35  ? 12  DG  A OP1   1 
ATOM   274  O  OP2   . DG  A 1 12 ? -1.918  -6.994  10.673  1.00 18.70  ? 12  DG  A OP2   1 
ATOM   275  O  "O5'" . DG  A 1 12 ? -0.486  -7.076  8.758   1.00 20.49  ? 12  DG  A "O5'" 1 
ATOM   276  C  "C5'" . DG  A 1 12 ? 0.273   -7.839  7.877   1.00 19.71  ? 12  DG  A "C5'" 1 
ATOM   277  C  "C4'" . DG  A 1 12 ? 1.552   -7.120  7.560   1.00 19.27  ? 12  DG  A "C4'" 1 
ATOM   278  O  "O4'" . DG  A 1 12 ? 1.237   -5.863  6.904   1.00 20.70  ? 12  DG  A "O4'" 1 
ATOM   279  C  "C3'" . DG  A 1 12 ? 2.411   -6.772  8.782   1.00 18.21  ? 12  DG  A "C3'" 1 
ATOM   280  O  "O3'" . DG  A 1 12 ? 3.741   -7.229  8.559   1.00 29.94  ? 12  DG  A "O3'" 1 
ATOM   281  C  "C2'" . DG  A 1 12 ? 2.317   -5.234  8.864   1.00 17.70  ? 12  DG  A "C2'" 1 
ATOM   282  C  "C1'" . DG  A 1 12 ? 2.093   -4.870  7.398   1.00 19.54  ? 12  DG  A "C1'" 1 
ATOM   283  N  N9    . DG  A 1 12 ? 1.476   -3.554  7.167   1.00 14.45  ? 12  DG  A N9    1 
ATOM   284  C  C8    . DG  A 1 12 ? 0.312   -3.063  7.712   1.00 12.23  ? 12  DG  A C8    1 
ATOM   285  N  N7    . DG  A 1 12 ? 0.011   -1.848  7.293   1.00 9.28   ? 12  DG  A N7    1 
ATOM   286  C  C5    . DG  A 1 12 ? 1.041   -1.535  6.404   1.00 14.15  ? 12  DG  A C5    1 
ATOM   287  C  C6    . DG  A 1 12 ? 1.269   -0.357  5.641   1.00 12.62  ? 12  DG  A C6    1 
ATOM   288  O  O6    . DG  A 1 12 ? 0.566   0.681   5.590   1.00 11.01  ? 12  DG  A O6    1 
ATOM   289  N  N1    . DG  A 1 12 ? 2.440   -0.460  4.877   1.00 12.57  ? 12  DG  A N1    1 
ATOM   290  C  C2    . DG  A 1 12 ? 3.276   -1.572  4.866   1.00 18.87  ? 12  DG  A C2    1 
ATOM   291  N  N2    . DG  A 1 12 ? 4.355   -1.520  4.069   1.00 16.31  ? 12  DG  A N2    1 
ATOM   292  N  N3    . DG  A 1 12 ? 3.067   -2.661  5.583   1.00 12.11  ? 12  DG  A N3    1 
ATOM   293  C  C4    . DG  A 1 12 ? 1.942   -2.579  6.319   1.00 15.05  ? 12  DG  A C4    1 
ATOM   294  P  P     . DG  A 1 13 ? 4.862   -7.083  9.704   1.00 29.42  ? 13  DG  A P     1 
ATOM   295  O  OP1   . DG  A 1 13 ? 5.468   -8.416  9.915   1.00 37.52  ? 13  DG  A OP1   1 
ATOM   296  O  OP2   . DG  A 1 13 ? 4.321   -6.337  10.872  1.00 30.76  ? 13  DG  A OP2   1 
ATOM   297  O  "O5'" . DG  A 1 13 ? 5.922   -6.113  9.007   1.00 38.84  ? 13  DG  A "O5'" 1 
ATOM   298  C  "C5'" . DG  A 1 13 ? 6.347   -6.362  7.682   1.00 33.32  ? 13  DG  A "C5'" 1 
ATOM   299  C  "C4'" . DG  A 1 13 ? 7.457   -5.403  7.290   1.00 26.13  ? 13  DG  A "C4'" 1 
ATOM   300  O  "O4'" . DG  A 1 13 ? 6.878   -4.162  6.815   1.00 23.84  ? 13  DG  A "O4'" 1 
ATOM   301  C  "C3'" . DG  A 1 13 ? 8.412   -5.015  8.423   1.00 24.74  ? 13  DG  A "C3'" 1 
ATOM   302  O  "O3'" . DG  A 1 13 ? 9.700   -4.834  7.893   1.00 32.64  ? 13  DG  A "O3'" 1 
ATOM   303  C  "C2'" . DG  A 1 13 ? 7.831   -3.699  8.926   1.00 23.98  ? 13  DG  A "C2'" 1 
ATOM   304  C  "C1'" . DG  A 1 13 ? 7.301   -3.086  7.631   1.00 23.22  ? 13  DG  A "C1'" 1 
ATOM   305  N  N9    . DG  A 1 13 ? 6.163   -2.197  7.826   1.00 19.12  ? 13  DG  A N9    1 
ATOM   306  C  C8    . DG  A 1 13 ? 5.041   -2.427  8.591   1.00 19.44  ? 13  DG  A C8    1 
ATOM   307  N  N7    . DG  A 1 13 ? 4.181   -1.447  8.549   1.00 19.30  ? 13  DG  A N7    1 
ATOM   308  C  C5    . DG  A 1 13 ? 4.770   -0.517  7.702   1.00 14.99  ? 13  DG  A C5    1 
ATOM   309  C  C6    . DG  A 1 13 ? 4.306   0.749   7.264   1.00 19.84  ? 13  DG  A C6    1 
ATOM   310  O  O6    . DG  A 1 13 ? 3.254   1.318   7.558   1.00 14.69  ? 13  DG  A O6    1 
ATOM   311  N  N1    . DG  A 1 13 ? 5.224   1.370   6.410   1.00 17.54  ? 13  DG  A N1    1 
ATOM   312  C  C2    . DG  A 1 13 ? 6.426   0.818   6.003   1.00 19.35  ? 13  DG  A C2    1 
ATOM   313  N  N2    . DG  A 1 13 ? 7.192   1.561   5.161   1.00 14.37  ? 13  DG  A N2    1 
ATOM   314  N  N3    . DG  A 1 13 ? 6.856   -0.365  6.397   1.00 13.13  ? 13  DG  A N3    1 
ATOM   315  C  C4    . DG  A 1 13 ? 5.985   -0.969  7.247   1.00 14.08  ? 13  DG  A C4    1 
ATOM   316  P  P     . DA  A 1 14 ? 10.996  -5.228  8.748   1.00 29.05  ? 14  DA  A P     1 
ATOM   317  O  OP1   . DA  A 1 14 ? 10.934  -4.520  10.050  1.00 30.19  ? 14  DA  A OP1   1 
ATOM   318  O  OP2   . DA  A 1 14 ? 12.151  -5.019  7.857   1.00 29.24  ? 14  DA  A OP2   1 
ATOM   319  O  "O5'" . DA  A 1 14 ? 10.830  -6.790  9.012   1.00 27.86  ? 14  DA  A "O5'" 1 
ATOM   320  C  "C5'" . DA  A 1 14 ? 10.996  -7.714  7.938   1.00 28.26  ? 14  DA  A "C5'" 1 
ATOM   321  C  "C4'" . DA  A 1 14 ? 12.259  -8.543  8.126   1.00 34.15  ? 14  DA  A "C4'" 1 
ATOM   322  O  "O4'" . DA  A 1 14 ? 12.321  -9.045  9.472   1.00 26.83  ? 14  DA  A "O4'" 1 
ATOM   323  C  "C3'" . DA  A 1 14 ? 12.369  -9.760  7.229   1.00 17.26  ? 14  DA  A "C3'" 1 
ATOM   324  O  "O3'" . DA  A 1 14 ? 13.730  -9.997  6.908   1.00 31.58  ? 14  DA  A "O3'" 1 
ATOM   325  C  "C2'" . DA  A 1 14 ? 11.774  -10.887 8.064   1.00 35.30  ? 14  DA  A "C2'" 1 
ATOM   326  C  "C1'" . DA  A 1 14 ? 11.998  -10.428 9.503   1.00 23.50  ? 14  DA  A "C1'" 1 
ATOM   327  N  N9    . DA  A 1 14 ? 10.809  -10.592 10.325  1.00 25.11  ? 14  DA  A N9    1 
ATOM   328  C  C8    . DA  A 1 14 ? 9.948   -9.609  10.722  1.00 32.48  ? 14  DA  A C8    1 
ATOM   329  N  N7    . DA  A 1 14 ? 8.944   -10.044 11.445  1.00 31.56  ? 14  DA  A N7    1 
ATOM   330  C  C5    . DA  A 1 14 ? 9.150   -11.413 11.505  1.00 28.28  ? 14  DA  A C5    1 
ATOM   331  C  C6    . DA  A 1 14 ? 8.425   -12.453 12.128  1.00 25.41  ? 14  DA  A C6    1 
ATOM   332  N  N6    . DA  A 1 14 ? 7.304   -12.243 12.824  1.00 31.94  ? 14  DA  A N6    1 
ATOM   333  N  N1    . DA  A 1 14 ? 8.904   -13.712 12.010  1.00 29.58  ? 14  DA  A N1    1 
ATOM   334  C  C2    . DA  A 1 14 ? 10.033  -13.906 11.299  1.00 20.81  ? 14  DA  A C2    1 
ATOM   335  N  N3    . DA  A 1 14 ? 10.801  -13.003 10.670  1.00 29.47  ? 14  DA  A N3    1 
ATOM   336  C  C4    . DA  A 1 14 ? 10.302  -11.766 10.824  1.00 25.01  ? 14  DA  A C4    1 
ATOM   337  P  P     . DA  A 1 15 ? 14.199  -9.986  5.372   1.00 42.94  ? 15  DA  A P     1 
ATOM   338  O  OP1   . DA  A 1 15 ? 15.673  -9.947  5.373   1.00 52.48  ? 15  DA  A OP1   1 
ATOM   339  O  OP2   . DA  A 1 15 ? 13.433  -8.923  4.684   1.00 41.20  ? 15  DA  A OP2   1 
ATOM   340  O  "O5'" . DA  A 1 15 ? 13.726  -11.405 4.814   1.00 46.37  ? 15  DA  A "O5'" 1 
ATOM   341  C  "C5'" . DA  A 1 15 ? 14.141  -12.593 5.469   1.00 43.24  ? 15  DA  A "C5'" 1 
ATOM   342  C  "C4'" . DA  A 1 15 ? 13.314  -13.784 5.012   1.00 52.73  ? 15  DA  A "C4'" 1 
ATOM   343  O  "O4'" . DA  A 1 15 ? 12.143  -13.931 5.853   1.00 42.04  ? 15  DA  A "O4'" 1 
ATOM   344  C  "C3'" . DA  A 1 15 ? 12.788  -13.711 3.580   1.00 43.96  ? 15  DA  A "C3'" 1 
ATOM   345  O  "O3'" . DA  A 1 15 ? 12.791  -15.006 3.010   1.00 63.49  ? 15  DA  A "O3'" 1 
ATOM   346  C  "C2'" . DA  A 1 15 ? 11.371  -13.201 3.770   1.00 41.63  ? 15  DA  A "C2'" 1 
ATOM   347  C  "C1'" . DA  A 1 15 ? 10.980  -13.923 5.042   1.00 38.22  ? 15  DA  A "C1'" 1 
ATOM   348  N  N9    . DA  A 1 15 ? 9.913   -13.261 5.776   1.00 29.00  ? 15  DA  A N9    1 
ATOM   349  C  C8    . DA  A 1 15 ? 9.434   -11.996 5.579   1.00 27.86  ? 15  DA  A C8    1 
ATOM   350  N  N7    . DA  A 1 15 ? 8.472   -11.669 6.410   1.00 26.62  ? 15  DA  A N7    1 
ATOM   351  C  C5    . DA  A 1 15 ? 8.314   -12.793 7.195   1.00 22.03  ? 15  DA  A C5    1 
ATOM   352  C  C6    . DA  A 1 15 ? 7.452   -13.089 8.274   1.00 31.16  ? 15  DA  A C6    1 
ATOM   353  N  N6    . DA  A 1 15 ? 6.545   -12.233 8.750   1.00 34.82  ? 15  DA  A N6    1 
ATOM   354  N  N1    . DA  A 1 15 ? 7.561   -14.304 8.845   1.00 35.13  ? 15  DA  A N1    1 
ATOM   355  C  C2    . DA  A 1 15 ? 8.470   -15.158 8.373   1.00 33.41  ? 15  DA  A C2    1 
ATOM   356  N  N3    . DA  A 1 15 ? 9.331   -14.995 7.376   1.00 26.22  ? 15  DA  A N3    1 
ATOM   357  C  C4    . DA  A 1 15 ? 9.200   -13.777 6.825   1.00 27.37  ? 15  DA  A C4    1 
HETATM 358  N  N1    . BRU A 1 16 ? 9.725   -16.516 -1.035  1.00 93.93  ? 16  BRU A N1    1 
HETATM 359  C  C2    . BRU A 1 16 ? 9.926   -17.805 -1.768  1.00 102.92 ? 16  BRU A C2    1 
HETATM 360  N  N3    . BRU A 1 16 ? 10.033  -19.085 -0.992  1.00 114.38 ? 16  BRU A N3    1 
HETATM 361  C  C4    . BRU A 1 16 ? 9.941   -19.067 0.465   1.00 122.71 ? 16  BRU A C4    1 
HETATM 362  C  C5    . BRU A 1 16 ? 9.743   -17.769 1.177   1.00 117.61 ? 16  BRU A C5    1 
HETATM 363  C  C6    . BRU A 1 16 ? 9.637   -16.514 0.406   1.00 98.40  ? 16  BRU A C6    1 
HETATM 364  O  O2    . BRU A 1 16 ? 10.000  -17.822 -2.950  1.00 97.75  ? 16  BRU A O2    1 
HETATM 365  O  O4    . BRU A 1 16 ? 10.026  -20.085 1.071   1.00 122.88 ? 16  BRU A O4    1 
HETATM 366  BR BR    . BRU A 1 16 ? 9.614   -17.661 3.117   1.00 164.10 ? 16  BRU A BR    1 
HETATM 367  C  "C1'" . BRU A 1 16 ? 9.628   -15.261 -1.750  1.00 65.17  ? 16  BRU A "C1'" 1 
HETATM 368  C  "C2'" . BRU A 1 16 ? 9.443   -14.036 -0.710  1.00 60.56  ? 16  BRU A "C2'" 1 
HETATM 369  C  "C3'" . BRU A 1 16 ? 10.569  -13.417 -0.608  1.00 52.65  ? 16  BRU A "C3'" 1 
HETATM 370  C  "C4'" . BRU A 1 16 ? 11.580  -14.107 -1.539  1.00 58.44  ? 16  BRU A "C4'" 1 
HETATM 371  O  "O3'" . BRU A 1 16 ? 10.388  -12.025 -1.118  1.00 45.72  ? 16  BRU A "O3'" 1 
HETATM 372  O  "O4'" . BRU A 1 16 ? 10.734  -15.056 -2.390  1.00 70.32  ? 16  BRU A "O4'" 1 
HETATM 373  C  "C5'" . BRU A 1 16 ? 12.592  -14.801 -0.833  1.00 67.78  ? 16  BRU A "C5'" 1 
HETATM 374  O  "O5'" . BRU A 1 16 ? 12.247  -14.991 0.506   1.00 65.49  ? 16  BRU A "O5'" 1 
HETATM 375  P  P     . BRU A 1 16 ? 13.467  -15.262 1.578   1.00 75.91  ? 16  BRU A P     1 
HETATM 376  O  OP1   . BRU A 1 16 ? 13.922  -16.700 1.526   1.00 71.63  ? 16  BRU A OP1   1 
HETATM 377  O  OP2   . BRU A 1 16 ? 14.603  -14.287 1.362   1.00 56.37  ? 16  BRU A OP2   1 
ATOM   378  P  P     . DA  A 1 17 ? 10.524  -10.781 -0.120  1.00 49.57  ? 17  DA  A P     1 
ATOM   379  O  OP1   . DA  A 1 17 ? 10.826  -9.581  -0.927  1.00 53.60  ? 17  DA  A OP1   1 
ATOM   380  O  OP2   . DA  A 1 17 ? 11.429  -11.164 0.990   1.00 51.57  ? 17  DA  A OP2   1 
ATOM   381  O  "O5'" . DA  A 1 17 ? 9.047   -10.659 0.474   1.00 39.81  ? 17  DA  A "O5'" 1 
ATOM   382  C  "C5'" . DA  A 1 17 ? 7.937   -10.430 -0.401  1.00 30.93  ? 17  DA  A "C5'" 1 
ATOM   383  C  "C4'" . DA  A 1 17 ? 6.735   -9.956  0.389   1.00 33.67  ? 17  DA  A "C4'" 1 
ATOM   384  O  "O4'" . DA  A 1 17 ? 6.108   -11.091 1.048   1.00 25.65  ? 17  DA  A "O4'" 1 
ATOM   385  C  "C3'" . DA  A 1 17 ? 7.066   -8.965  1.493   1.00 32.23  ? 17  DA  A "C3'" 1 
ATOM   386  O  "O3'" . DA  A 1 17 ? 6.051   -8.015  1.603   1.00 36.39  ? 17  DA  A "O3'" 1 
ATOM   387  C  "C2'" . DA  A 1 17 ? 7.150   -9.828  2.751   1.00 30.66  ? 17  DA  A "C2'" 1 
ATOM   388  C  "C1'" . DA  A 1 17 ? 6.159   -10.950 2.453   1.00 32.46  ? 17  DA  A "C1'" 1 
ATOM   389  N  N9    . DA  A 1 17 ? 6.587   -12.223 3.022   1.00 22.99  ? 17  DA  A N9    1 
ATOM   390  C  C8    . DA  A 1 17 ? 7.664   -12.974 2.629   1.00 29.07  ? 17  DA  A C8    1 
ATOM   391  N  N7    . DA  A 1 17 ? 7.828   -14.067 3.333   1.00 25.88  ? 17  DA  A N7    1 
ATOM   392  C  C5    . DA  A 1 17 ? 6.788   -14.038 4.241   1.00 22.95  ? 17  DA  A C5    1 
ATOM   393  C  C6    . DA  A 1 17 ? 6.406   -14.924 5.264   1.00 28.55  ? 17  DA  A C6    1 
ATOM   394  N  N6    . DA  A 1 17 ? 7.063   -16.055 5.533   1.00 32.85  ? 17  DA  A N6    1 
ATOM   395  N  N1    . DA  A 1 17 ? 5.317   -14.605 5.995   1.00 33.15  ? 17  DA  A N1    1 
ATOM   396  C  C2    . DA  A 1 17 ? 4.661   -13.470 5.712   1.00 31.53  ? 17  DA  A C2    1 
ATOM   397  N  N3    . DA  A 1 17 ? 4.925   -12.559 4.772   1.00 26.94  ? 17  DA  A N3    1 
ATOM   398  C  C4    . DA  A 1 17 ? 6.013   -12.906 4.068   1.00 28.92  ? 17  DA  A C4    1 
ATOM   399  P  P     . DG  A 1 18 ? 6.456   -6.506  1.966   1.00 39.36  ? 18  DG  A P     1 
ATOM   400  O  OP1   . DG  A 1 18 ? 7.931   -6.397  1.795   1.00 35.17  ? 18  DG  A OP1   1 
ATOM   401  O  OP2   . DG  A 1 18 ? 5.834   -6.164  3.264   1.00 30.31  ? 18  DG  A OP2   1 
ATOM   402  O  "O5'" . DG  A 1 18 ? 5.822   -5.670  0.795   1.00 26.95  ? 18  DG  A "O5'" 1 
ATOM   403  C  "C5'" . DG  A 1 18 ? 6.272   -5.850  -0.539  1.00 14.92  ? 18  DG  A "C5'" 1 
ATOM   404  C  "C4'" . DG  A 1 18 ? 6.427   -4.494  -1.183  1.00 16.37  ? 18  DG  A "C4'" 1 
ATOM   405  O  "O4'" . DG  A 1 18 ? 5.164   -3.767  -1.069  1.00 13.69  ? 18  DG  A "O4'" 1 
ATOM   406  C  "C3'" . DG  A 1 18 ? 7.466   -3.596  -0.526  1.00 19.10  ? 18  DG  A "C3'" 1 
ATOM   407  O  "O3'" . DG  A 1 18 ? 8.163   -2.913  -1.514  1.00 28.40  ? 18  DG  A "O3'" 1 
ATOM   408  C  "C2'" . DG  A 1 18 ? 6.623   -2.642  0.338   1.00 15.21  ? 18  DG  A "C2'" 1 
ATOM   409  C  "C1'" . DG  A 1 18 ? 5.388   -2.487  -0.517  1.00 15.89  ? 18  DG  A "C1'" 1 
ATOM   410  N  N9    . DG  A 1 18 ? 4.174   -2.097  0.217   1.00 12.32  ? 18  DG  A N9    1 
ATOM   411  C  C8    . DG  A 1 18 ? 3.436   -2.875  1.079   1.00 11.90  ? 18  DG  A C8    1 
ATOM   412  N  N7    . DG  A 1 18 ? 2.368   -2.265  1.548   1.00 14.96  ? 18  DG  A N7    1 
ATOM   413  C  C5    . DG  A 1 18 ? 2.412   -1.011  0.952   1.00 9.03   ? 18  DG  A C5    1 
ATOM   414  C  C6    . DG  A 1 18 ? 1.525   0.082   1.071   1.00 12.94  ? 18  DG  A C6    1 
ATOM   415  O  O6    . DG  A 1 18 ? 0.508   0.153   1.770   1.00 12.63  ? 18  DG  A O6    1 
ATOM   416  N  N1    . DG  A 1 18 ? 1.928   1.170   0.279   1.00 12.31  ? 18  DG  A N1    1 
ATOM   417  C  C2    . DG  A 1 18 ? 3.046   1.177   -0.527  1.00 12.49  ? 18  DG  A C2    1 
ATOM   418  N  N2    . DG  A 1 18 ? 3.300   2.312   -1.202  1.00 14.71  ? 18  DG  A N2    1 
ATOM   419  N  N3    . DG  A 1 18 ? 3.877   0.149   -0.651  1.00 12.02  ? 18  DG  A N3    1 
ATOM   420  C  C4    . DG  A 1 18 ? 3.504   -0.903  0.116   1.00 10.44  ? 18  DG  A C4    1 
ATOM   421  P  P     . DG  A 1 19 ? 9.525   -2.154  -1.157  1.00 33.56  ? 19  DG  A P     1 
ATOM   422  O  OP1   . DG  A 1 19 ? 10.368  -2.232  -2.364  1.00 31.67  ? 19  DG  A OP1   1 
ATOM   423  O  OP2   . DG  A 1 19 ? 9.996   -2.643  0.155   1.00 31.31  ? 19  DG  A OP2   1 
ATOM   424  O  "O5'" . DG  A 1 19 ? 9.054   -0.656  -0.939  1.00 28.51  ? 19  DG  A "O5'" 1 
ATOM   425  C  "C5'" . DG  A 1 19 ? 8.424   0.009   -1.991  1.00 22.08  ? 19  DG  A "C5'" 1 
ATOM   426  C  "C4'" . DG  A 1 19 ? 8.320   1.482   -1.695  1.00 21.97  ? 19  DG  A "C4'" 1 
ATOM   427  O  "O4'" . DG  A 1 19 ? 7.088   1.744   -0.994  1.00 18.15  ? 19  DG  A "O4'" 1 
ATOM   428  C  "C3'" . DG  A 1 19 ? 9.434   2.062   -0.825  1.00 19.75  ? 19  DG  A "C3'" 1 
ATOM   429  O  "O3'" . DG  A 1 19 ? 9.764   3.341   -1.333  1.00 23.03  ? 19  DG  A "O3'" 1 
ATOM   430  C  "C2'" . DG  A 1 19 ? 8.782   2.134   0.559   1.00 14.29  ? 19  DG  A "C2'" 1 
ATOM   431  C  "C1'" . DG  A 1 19 ? 7.355   2.494   0.171   1.00 17.21  ? 19  DG  A "C1'" 1 
ATOM   432  N  N9    . DG  A 1 19 ? 6.313   2.135   1.130   1.00 14.15  ? 19  DG  A N9    1 
ATOM   433  C  C8    . DG  A 1 19 ? 6.109   0.916   1.727   1.00 16.94  ? 19  DG  A C8    1 
ATOM   434  N  N7    . DG  A 1 19 ? 5.058   0.888   2.505   1.00 17.91  ? 19  DG  A N7    1 
ATOM   435  C  C5    . DG  A 1 19 ? 4.504   2.163   2.368   1.00 9.98   ? 19  DG  A C5    1 
ATOM   436  C  C6    . DG  A 1 19 ? 3.351   2.717   2.961   1.00 17.77  ? 19  DG  A C6    1 
ATOM   437  O  O6    . DG  A 1 19 ? 2.545   2.161   3.735   1.00 14.28  ? 19  DG  A O6    1 
ATOM   438  N  N1    . DG  A 1 19 ? 3.156   4.044   2.563   1.00 15.90  ? 19  DG  A N1    1 
ATOM   439  C  C2    . DG  A 1 19 ? 3.998   4.741   1.703   1.00 13.36  ? 19  DG  A C2    1 
ATOM   440  N  N2    . DG  A 1 19 ? 3.690   6.024   1.436   1.00 10.35  ? 19  DG  A N2    1 
ATOM   441  N  N3    . DG  A 1 19 ? 5.070   4.211   1.143   1.00 18.47  ? 19  DG  A N3    1 
ATOM   442  C  C4    . DG  A 1 19 ? 5.262   2.929   1.518   1.00 15.12  ? 19  DG  A C4    1 
ATOM   443  P  P     . DG  A 1 20 ? 10.903  4.241   -0.651  1.00 25.00  ? 20  DG  A P     1 
ATOM   444  O  OP1   . DG  A 1 20 ? 11.519  4.977   -1.779  1.00 29.73  ? 20  DG  A OP1   1 
ATOM   445  O  OP2   . DG  A 1 20 ? 11.714  3.442   0.299   1.00 31.13  ? 20  DG  A OP2   1 
ATOM   446  O  "O5'" . DG  A 1 20 ? 10.068  5.290   0.191   1.00 27.26  ? 20  DG  A "O5'" 1 
ATOM   447  C  "C5'" . DG  A 1 20 ? 9.294   6.239   -0.491  1.00 21.53  ? 20  DG  A "C5'" 1 
ATOM   448  C  "C4'" . DG  A 1 20 ? 8.984   7.402   0.415   1.00 20.25  ? 20  DG  A "C4'" 1 
ATOM   449  O  "O4'" . DG  A 1 20 ? 7.827   7.083   1.227   1.00 20.61  ? 20  DG  A "O4'" 1 
ATOM   450  C  "C3'" . DG  A 1 20 ? 10.082  7.765   1.404   1.00 15.37  ? 20  DG  A "C3'" 1 
ATOM   451  O  "O3'" . DG  A 1 20 ? 10.080  9.137   1.571   1.00 22.76  ? 20  DG  A "O3'" 1 
ATOM   452  C  "C2'" . DG  A 1 20 ? 9.634   7.054   2.687   1.00 19.86  ? 20  DG  A "C2'" 1 
ATOM   453  C  "C1'" . DG  A 1 20 ? 8.138   7.240   2.593   1.00 17.64  ? 20  DG  A "C1'" 1 
ATOM   454  N  N9    . DG  A 1 20 ? 7.378   6.248   3.324   1.00 15.47  ? 20  DG  A N9    1 
ATOM   455  C  C8    . DG  A 1 20 ? 7.695   4.921   3.470   1.00 13.69  ? 20  DG  A C8    1 
ATOM   456  N  N7    . DG  A 1 20 ? 6.813   4.252   4.154   1.00 14.92  ? 20  DG  A N7    1 
ATOM   457  C  C5    . DG  A 1 20 ? 5.839   5.193   4.469   1.00 11.43  ? 20  DG  A C5    1 
ATOM   458  C  C6    . DG  A 1 20 ? 4.646   5.054   5.220   1.00 16.03  ? 20  DG  A C6    1 
ATOM   459  O  O6    . DG  A 1 20 ? 4.177   4.025   5.730   1.00 13.33  ? 20  DG  A O6    1 
ATOM   460  N  N1    . DG  A 1 20 ? 3.959   6.265   5.327   1.00 15.82  ? 20  DG  A N1    1 
ATOM   461  C  C2    . DG  A 1 20 ? 4.369   7.454   4.770   1.00 18.31  ? 20  DG  A C2    1 
ATOM   462  N  N2    . DG  A 1 20 ? 3.568   8.523   4.978   1.00 17.22  ? 20  DG  A N2    1 
ATOM   463  N  N3    . DG  A 1 20 ? 5.496   7.599   4.076   1.00 16.76  ? 20  DG  A N3    1 
ATOM   464  C  C4    . DG  A 1 20 ? 6.178   6.430   3.967   1.00 18.28  ? 20  DG  A C4    1 
ATOM   465  P  P     . DA  A 1 21 ? 11.394  9.965   1.203   1.00 30.29  ? 21  DA  A P     1 
ATOM   466  O  OP1   . DA  A 1 21 ? 11.230  11.311  1.794   1.00 40.85  ? 21  DA  A OP1   1 
ATOM   467  O  OP2   . DA  A 1 21 ? 11.642  9.809   -0.252  1.00 39.92  ? 21  DA  A OP2   1 
ATOM   468  O  "O5'" . DA  A 1 21 ? 12.535  9.168   1.964   1.00 35.57  ? 21  DA  A "O5'" 1 
ATOM   469  C  "C5'" . DA  A 1 21 ? 13.271  9.808   2.965   1.00 47.06  ? 21  DA  A "C5'" 1 
ATOM   470  C  "C4'" . DA  A 1 21 ? 14.092  8.812   3.737   1.00 35.17  ? 21  DA  A "C4'" 1 
ATOM   471  O  "O4'" . DA  A 1 21 ? 15.379  9.405   4.008   1.00 39.40  ? 21  DA  A "O4'" 1 
ATOM   472  C  "C3'" . DA  A 1 21 ? 13.518  8.430   5.096   1.00 34.73  ? 21  DA  A "C3'" 1 
ATOM   473  O  "O3'" . DA  A 1 21 ? 13.929  7.110   5.462   1.00 38.85  ? 21  DA  A "O3'" 1 
ATOM   474  C  "C2'" . DA  A 1 21 ? 14.112  9.497   6.036   1.00 34.87  ? 21  DA  A "C2'" 1 
ATOM   475  C  "C1'" . DA  A 1 21 ? 15.386  9.967   5.305   1.00 32.66  ? 21  DA  A "C1'" 1 
ATOM   476  N  N9    . DA  A 1 21 ? 15.528  11.435  5.185   1.00 24.83  ? 21  DA  A N9    1 
ATOM   477  C  C8    . DA  A 1 21 ? 16.642  12.108  4.763   1.00 17.58  ? 21  DA  A C8    1 
ATOM   478  N  N7    . DA  A 1 21 ? 16.510  13.412  4.763   1.00 34.14  ? 21  DA  A N7    1 
ATOM   479  C  C5    . DA  A 1 21 ? 15.213  13.623  5.210   1.00 19.69  ? 21  DA  A C5    1 
ATOM   480  C  C6    . DA  A 1 21 ? 14.465  14.803  5.439   1.00 27.43  ? 21  DA  A C6    1 
ATOM   481  N  N6    . DA  A 1 21 ? 14.939  16.037  5.225   1.00 28.41  ? 21  DA  A N6    1 
ATOM   482  N  N1    . DA  A 1 21 ? 13.206  14.666  5.895   1.00 36.30  ? 21  DA  A N1    1 
ATOM   483  C  C2    . DA  A 1 21 ? 12.732  13.436  6.101   1.00 29.64  ? 21  DA  A C2    1 
ATOM   484  N  N3    . DA  A 1 21 ? 13.337  12.262  5.933   1.00 29.69  ? 21  DA  A N3    1 
ATOM   485  C  C4    . DA  A 1 21 ? 14.592  12.421  5.485   1.00 26.75  ? 21  DA  A C4    1 
ATOM   486  P  P     . DA  A 1 22 ? 12.867  5.893   5.474   1.00 33.18  ? 22  DA  A P     1 
ATOM   487  O  OP1   . DA  A 1 22 ? 13.556  4.717   6.053   1.00 54.77  ? 22  DA  A OP1   1 
ATOM   488  O  OP2   . DA  A 1 22 ? 12.261  5.778   4.132   1.00 31.42  ? 22  DA  A OP2   1 
ATOM   489  O  "O5'" . DA  A 1 22 ? 11.769  6.350   6.530   1.00 34.18  ? 22  DA  A "O5'" 1 
ATOM   490  C  "C5'" . DA  A 1 22 ? 10.414  6.324   6.171   1.00 34.21  ? 22  DA  A "C5'" 1 
ATOM   491  C  "C4'" . DA  A 1 22 ? 9.790   7.689   6.347   1.00 31.91  ? 22  DA  A "C4'" 1 
ATOM   492  O  "O4'" . DA  A 1 22 ? 8.406   7.632   5.908   1.00 28.35  ? 22  DA  A "O4'" 1 
ATOM   493  C  "C3'" . DA  A 1 22 ? 9.742   8.182   7.781   1.00 27.66  ? 22  DA  A "C3'" 1 
ATOM   494  O  "O3'" . DA  A 1 22 ? 10.903  8.929   8.059   1.00 34.84  ? 22  DA  A "O3'" 1 
ATOM   495  C  "C2'" . DA  A 1 22 ? 8.497   9.069   7.779   1.00 25.87  ? 22  DA  A "C2'" 1 
ATOM   496  C  "C1'" . DA  A 1 22 ? 7.569   8.309   6.818   1.00 25.42  ? 22  DA  A "C1'" 1 
ATOM   497  N  N9    . DA  A 1 22 ? 6.721   7.313   7.477   1.00 25.44  ? 22  DA  A N9    1 
ATOM   498  C  C8    . DA  A 1 22 ? 6.967   5.977   7.574   1.00 19.79  ? 22  DA  A C8    1 
ATOM   499  N  N7    . DA  A 1 22 ? 6.043   5.314   8.228   1.00 24.72  ? 22  DA  A N7    1 
ATOM   500  C  C5    . DA  A 1 22 ? 5.127   6.289   8.585   1.00 17.80  ? 22  DA  A C5    1 
ATOM   501  C  C6    . DA  A 1 22 ? 3.913   6.224   9.303   1.00 25.20  ? 22  DA  A C6    1 
ATOM   502  N  N6    . DA  A 1 22 ? 3.415   5.081   9.808   1.00 21.81  ? 22  DA  A N6    1 
ATOM   503  N  N1    . DA  A 1 22 ? 3.244   7.371   9.499   1.00 23.55  ? 22  DA  A N1    1 
ATOM   504  C  C2    . DA  A 1 22 ? 3.747   8.508   8.990   1.00 23.64  ? 22  DA  A C2    1 
ATOM   505  N  N3    . DA  A 1 22 ? 4.871   8.693   8.293   1.00 21.06  ? 22  DA  A N3    1 
ATOM   506  C  C4    . DA  A 1 22 ? 5.518   7.525   8.122   1.00 20.84  ? 22  DA  A C4    1 
ATOM   507  O  "O5'" A DA  B 1 1  ? 2.629   -9.390  0.047   0.58 40.28  ? 1   DA  B "O5'" 1 
ATOM   508  O  "O5'" B DA  B 1 1  ? 0.299   -9.829  0.627   0.42 37.19  ? 1   DA  B "O5'" 1 
ATOM   509  C  "C5'" A DA  B 1 1  ? 2.519   -10.797 -0.176  0.58 36.16  ? 1   DA  B "C5'" 1 
ATOM   510  C  "C5'" B DA  B 1 1  ? 0.666   -11.199 0.500   0.42 31.94  ? 1   DA  B "C5'" 1 
ATOM   511  C  "C4'" A DA  B 1 1  ? 1.212   -11.344 0.382   0.58 34.71  ? 1   DA  B "C4'" 1 
ATOM   512  C  "C4'" B DA  B 1 1  ? 0.325   -11.955 1.770   0.42 29.89  ? 1   DA  B "C4'" 1 
ATOM   513  O  "O4'" A DA  B 1 1  ? 1.335   -12.777 0.532   0.58 36.47  ? 1   DA  B "O4'" 1 
ATOM   514  O  "O4'" B DA  B 1 1  ? 0.930   -13.274 1.737   0.42 29.88  ? 1   DA  B "O4'" 1 
ATOM   515  C  "C3'" A DA  B 1 1  ? 0.878   -10.884 1.785   0.58 34.81  ? 1   DA  B "C3'" 1 
ATOM   516  C  "C3'" B DA  B 1 1  ? 0.824   -11.301 3.057   0.42 28.24  ? 1   DA  B "C3'" 1 
ATOM   517  O  "O3'" A DA  B 1 1  ? -0.460  -11.297 2.122   0.58 23.88  ? 1   DA  B "O3'" 1 
ATOM   518  O  "O3'" B DA  B 1 1  ? -0.169  -11.397 4.046   0.42 23.68  ? 1   DA  B "O3'" 1 
ATOM   519  C  "C2'" A DA  B 1 1  ? 1.890   -11.707 2.564   0.58 30.07  ? 1   DA  B "C2'" 1 
ATOM   520  C  "C2'" B DA  B 1 1  ? 2.045   -12.136 3.420   0.42 30.42  ? 1   DA  B "C2'" 1 
ATOM   521  C  "C1'" A DA  B 1 1  ? 1.708   -13.063 1.872   0.58 30.43  ? 1   DA  B "C1'" 1 
ATOM   522  C  "C1'" B DA  B 1 1  ? 1.588   -13.503 2.958   0.42 26.96  ? 1   DA  B "C1'" 1 
ATOM   523  N  N9    A DA  B 1 1  ? 2.903   -13.895 1.828   0.58 27.89  ? 1   DA  B N9    1 
ATOM   524  N  N9    B DA  B 1 1  ? 2.673   -14.449 2.731   0.42 28.61  ? 1   DA  B N9    1 
ATOM   525  C  C8    A DA  B 1 1  ? 3.922   -13.813 0.923   0.58 27.00  ? 1   DA  B C8    1 
ATOM   526  C  C8    B DA  B 1 1  ? 3.639   -14.389 1.767   0.42 27.76  ? 1   DA  B C8    1 
ATOM   527  N  N7    A DA  B 1 1  ? 4.858   -14.712 1.098   0.58 31.00  ? 1   DA  B N7    1 
ATOM   528  N  N7    B DA  B 1 1  ? 4.482   -15.397 1.801   0.42 30.58  ? 1   DA  B N7    1 
ATOM   529  C  C5    A DA  B 1 1  ? 4.414   -15.446 2.182   0.58 30.72  ? 1   DA  B C5    1 
ATOM   530  C  C5    B DA  B 1 1  ? 4.031   -16.168 2.860   0.42 29.33  ? 1   DA  B C5    1 
ATOM   531  C  C6    A DA  B 1 1  ? 4.956   -16.545 2.859   0.58 28.22  ? 1   DA  B C6    1 
ATOM   532  C  C6    B DA  B 1 1  ? 4.490   -17.376 3.418   0.42 32.21  ? 1   DA  B C6    1 
ATOM   533  N  N6    A DA  B 1 1  ? 6.116   -17.111 2.521   0.58 35.57  ? 1   DA  B N6    1 
ATOM   534  N  N6    B DA  B 1 1  ? 5.556   -18.042 2.958   0.42 34.52  ? 1   DA  B N6    1 
ATOM   535  N  N1    A DA  B 1 1  ? 4.260   -17.041 3.906   0.58 33.22  ? 1   DA  B N1    1 
ATOM   536  N  N1    B DA  B 1 1  ? 3.807   -17.879 4.472   0.42 34.28  ? 1   DA  B N1    1 
ATOM   537  C  C2    A DA  B 1 1  ? 3.096   -16.468 4.241   0.58 30.52  ? 1   DA  B C2    1 
ATOM   538  C  C2    B DA  B 1 1  ? 2.739   -17.211 4.928   0.42 29.44  ? 1   DA  B C2    1 
ATOM   539  N  N3    A DA  B 1 1  ? 2.483   -15.429 3.677   0.58 28.40  ? 1   DA  B N3    1 
ATOM   540  N  N3    B DA  B 1 1  ? 2.215   -16.069 4.486   0.42 27.56  ? 1   DA  B N3    1 
ATOM   541  C  C4    A DA  B 1 1  ? 3.203   -14.960 2.641   0.58 28.55  ? 1   DA  B C4    1 
ATOM   542  C  C4    B DA  B 1 1  ? 2.914   -15.598 3.440   0.42 28.82  ? 1   DA  B C4    1 
ATOM   543  P  P     A DG  B 1 2  ? -1.755  -10.474 1.624   0.58 30.05  ? 2   DG  B P     1 
ATOM   544  P  P     B DG  B 1 2  ? -0.238  -10.297 5.209   0.42 25.33  ? 2   DG  B P     1 
ATOM   545  O  OP1   A DG  B 1 2  ? -2.917  -11.363 1.830   0.58 29.73  ? 2   DG  B OP1   1 
ATOM   546  O  OP1   B DG  B 1 2  ? 1.161   -9.883  5.470   0.42 29.43  ? 2   DG  B OP1   1 
ATOM   547  O  OP2   A DG  B 1 2  ? -1.522  -9.903  0.280   0.58 23.57  ? 2   DG  B OP2   1 
ATOM   548  O  OP2   B DG  B 1 2  ? -1.097  -10.830 6.291   0.42 27.62  ? 2   DG  B OP2   1 
ATOM   549  O  "O5'" A DG  B 1 2  ? -1.836  -9.239  2.633   0.58 23.02  ? 2   DG  B "O5'" 1 
ATOM   550  O  "O5'" B DG  B 1 2  ? -0.988  -9.065  4.523   0.42 20.77  ? 2   DG  B "O5'" 1 
ATOM   551  C  "C5'" A DG  B 1 2  ? -2.118  -9.447  4.001   0.58 20.84  ? 2   DG  B "C5'" 1 
ATOM   552  C  "C5'" B DG  B 1 2  ? -2.130  -9.296  3.739   0.42 20.89  ? 2   DG  B "C5'" 1 
ATOM   553  C  "C4'" A DG  B 1 2  ? -3.279  -8.580  4.433   0.58 18.17  ? 2   DG  B "C4'" 1 
ATOM   554  C  "C4'" B DG  B 1 2  ? -3.305  -8.554  4.318   0.42 18.16  ? 2   DG  B "C4'" 1 
ATOM   555  O  "O4'" A DG  B 1 2  ? -2.978  -7.187  4.144   0.58 17.57  ? 2   DG  B "O4'" 1 
ATOM   556  O  "O4'" B DG  B 1 2  ? -3.087  -7.127  4.177   0.42 17.57  ? 2   DG  B "O4'" 1 
ATOM   557  C  "C3'" A DG  B 1 2  ? -4.595  -8.876  3.731   0.58 19.12  ? 2   DG  B "C3'" 1 
ATOM   558  C  "C3'" B DG  B 1 2  ? -4.633  -8.839  3.650   0.42 19.10  ? 2   DG  B "C3'" 1 
ATOM   559  O  "O3'" A DG  B 1 2  ? -5.653  -8.787  4.654   0.58 22.19  ? 2   DG  B "O3'" 1 
ATOM   560  O  "O3'" B DG  B 1 2  ? -5.651  -8.784  4.616   0.42 22.20  ? 2   DG  B "O3'" 1 
ATOM   561  C  "C2'" A DG  B 1 2  ? -4.690  -7.770  2.673   0.58 18.63  ? 2   DG  B "C2'" 1 
ATOM   562  C  "C2'" B DG  B 1 2  ? -4.758  -7.694  2.644   0.42 18.63  ? 2   DG  B "C2'" 1 
ATOM   563  C  "C1'" A DG  B 1 2  ? -4.043  -6.615  3.416   0.58 12.45  ? 2   DG  B "C1'" 1 
ATOM   564  C  "C1'" B DG  B 1 2  ? -4.151  -6.557  3.447   0.42 12.28  ? 2   DG  B "C1'" 1 
ATOM   565  N  N9    A DG  B 1 2  ? -3.495  -5.567  2.554   0.58 11.40  ? 2   DG  B N9    1 
ATOM   566  N  N9    B DG  B 1 2  ? -3.613  -5.461  2.643   0.42 11.63  ? 2   DG  B N9    1 
ATOM   567  C  C8    A DG  B 1 2  ? -2.381  -5.644  1.746   0.58 14.97  ? 2   DG  B C8    1 
ATOM   568  C  C8    B DG  B 1 2  ? -2.481  -5.469  1.861   0.42 15.06  ? 2   DG  B C8    1 
ATOM   569  N  N7    A DG  B 1 2  ? -2.127  -4.532  1.104   0.58 18.30  ? 2   DG  B N7    1 
ATOM   570  N  N7    B DG  B 1 2  ? -2.249  -4.321  1.274   0.42 18.07  ? 2   DG  B N7    1 
ATOM   571  C  C5    A DG  B 1 2  ? -3.144  -3.671  1.505   0.58 12.07  ? 2   DG  B C5    1 
ATOM   572  C  C5    B DG  B 1 2  ? -3.297  -3.511  1.698   0.42 12.30  ? 2   DG  B C5    1 
ATOM   573  C  C6    A DG  B 1 2  ? -3.395  -2.327  1.150   0.58 14.04  ? 2   DG  B C6    1 
ATOM   574  C  C6    B DG  B 1 2  ? -3.588  -2.161  1.400   0.42 13.45  ? 2   DG  B C6    1 
ATOM   575  O  O6    A DG  B 1 2  ? -2.748  -1.602  0.373   0.58 15.89  ? 2   DG  B O6    1 
ATOM   576  O  O6    B DG  B 1 2  ? -2.954  -1.382  0.678   0.42 15.41  ? 2   DG  B O6    1 
ATOM   577  N  N1    A DG  B 1 2  ? -4.527  -1.831  1.796   0.58 11.81  ? 2   DG  B N1    1 
ATOM   578  N  N1    B DG  B 1 2  ? -4.742  -1.731  2.046   0.42 12.78  ? 2   DG  B N1    1 
ATOM   579  C  C2    A DG  B 1 2  ? -5.303  -2.545  2.684   0.58 13.03  ? 2   DG  B C2    1 
ATOM   580  C  C2    B DG  B 1 2  ? -5.514  -2.508  2.877   0.42 13.40  ? 2   DG  B C2    1 
ATOM   581  N  N2    A DG  B 1 2  ? -6.370  -1.909  3.212   0.58 12.16  ? 2   DG  B N2    1 
ATOM   582  N  N2    B DG  B 1 2  ? -6.601  -1.926  3.410   0.42 11.17  ? 2   DG  B N2    1 
ATOM   583  N  N3    A DG  B 1 2  ? -5.069  -3.800  3.018   0.58 12.95  ? 2   DG  B N3    1 
ATOM   584  N  N3    B DG  B 1 2  ? -5.249  -3.769  3.161   0.42 13.63  ? 2   DG  B N3    1 
ATOM   585  C  C4    A DG  B 1 2  ? -3.981  -4.293  2.405   0.58 13.46  ? 2   DG  B C4    1 
ATOM   586  C  C4    B DG  B 1 2  ? -4.133  -4.200  2.545   0.42 13.29  ? 2   DG  B C4    1 
ATOM   587  P  P     . DG  B 1 3  ? -7.056  -9.495  4.324   1.00 30.17  ? 3   DG  B P     1 
ATOM   588  O  OP1   . DG  B 1 3  ? -7.575  -9.999  5.624   1.00 36.99  ? 3   DG  B OP1   1 
ATOM   589  O  OP2   . DG  B 1 3  ? -6.876  -10.380 3.146   1.00 32.67  ? 3   DG  B OP2   1 
ATOM   590  O  "O5'" . DG  B 1 3  ? -7.999  -8.302  3.797   1.00 29.43  ? 3   DG  B "O5'" 1 
ATOM   591  C  "C5'" . DG  B 1 3  ? -8.688  -7.505  4.728   1.00 28.81  ? 3   DG  B "C5'" 1 
ATOM   592  C  "C4'" . DG  B 1 3  ? -9.571  -6.496  4.034   1.00 31.73  ? 3   DG  B "C4'" 1 
ATOM   593  O  "O4'" . DG  B 1 3  ? -8.759  -5.512  3.343   1.00 21.52  ? 3   DG  B "O4'" 1 
ATOM   594  C  "C3'" . DG  B 1 3  ? -10.558 -7.050  2.999   1.00 22.90  ? 3   DG  B "C3'" 1 
ATOM   595  O  "O3'" . DG  B 1 3  ? -11.848 -6.464  3.265   1.00 29.15  ? 3   DG  B "O3'" 1 
ATOM   596  C  "C2'" . DG  B 1 3  ? -9.961  -6.574  1.659   1.00 25.89  ? 3   DG  B "C2'" 1 
ATOM   597  C  "C1'" . DG  B 1 3  ? -9.311  -5.260  2.074   1.00 18.47  ? 3   DG  B "C1'" 1 
ATOM   598  N  N9    . DG  B 1 3  ? -8.234  -4.789  1.195   1.00 15.61  ? 3   DG  B N9    1 
ATOM   599  C  C8    . DG  B 1 3  ? -7.139  -5.502  0.758   1.00 11.40  ? 3   DG  B C8    1 
ATOM   600  N  N7    . DG  B 1 3  ? -6.336  -4.797  -0.008  1.00 16.87  ? 3   DG  B N7    1 
ATOM   601  C  C5    . DG  B 1 3  ? -6.938  -3.536  -0.066  1.00 16.60  ? 3   DG  B C5    1 
ATOM   602  C  C6    . DG  B 1 3  ? -6.541  -2.350  -0.746  1.00 14.11  ? 3   DG  B C6    1 
ATOM   603  O  O6    . DG  B 1 3  ? -5.526  -2.156  -1.446  1.00 16.69  ? 3   DG  B O6    1 
ATOM   604  N  N1    . DG  B 1 3  ? -7.445  -1.314  -0.544  1.00 12.25  ? 3   DG  B N1    1 
ATOM   605  C  C2    . DG  B 1 3  ? -8.576  -1.406  0.214   1.00 16.87  ? 3   DG  B C2    1 
ATOM   606  N  N2    . DG  B 1 3  ? -9.329  -0.308  0.289   1.00 11.78  ? 3   DG  B N2    1 
ATOM   607  N  N3    . DG  B 1 3  ? -8.958  -2.508  0.851   1.00 13.02  ? 3   DG  B N3    1 
ATOM   608  C  C4    . DG  B 1 3  ? -8.097  -3.522  0.673   1.00 12.27  ? 3   DG  B C4    1 
ATOM   609  P  P     . DG  B 1 4  ? -13.127 -6.739  2.336   1.00 34.04  ? 4   DG  B P     1 
ATOM   610  O  OP1   . DG  B 1 4  ? -14.284 -6.811  3.256   1.00 43.08  ? 4   DG  B OP1   1 
ATOM   611  O  OP2   . DG  B 1 4  ? -12.859 -7.811  1.353   1.00 28.00  ? 4   DG  B OP2   1 
ATOM   612  O  "O5'" . DG  B 1 4  ? -13.266 -5.387  1.498   1.00 28.32  ? 4   DG  B "O5'" 1 
ATOM   613  C  "C5'" . DG  B 1 4  ? -13.492 -4.179  2.176   1.00 24.80  ? 4   DG  B "C5'" 1 
ATOM   614  C  "C4'" . DG  B 1 4  ? -13.982 -3.120  1.220   1.00 22.57  ? 4   DG  B "C4'" 1 
ATOM   615  O  "O4'" . DG  B 1 4  ? -12.866 -2.617  0.428   1.00 19.09  ? 4   DG  B "O4'" 1 
ATOM   616  C  "C3'" . DG  B 1 4  ? -15.014 -3.593  0.212   1.00 19.00  ? 4   DG  B "C3'" 1 
ATOM   617  O  "O3'" . DG  B 1 4  ? -15.878 -2.514  -0.078  1.00 25.30  ? 4   DG  B "O3'" 1 
ATOM   618  C  "C2'" . DG  B 1 4  ? -14.139 -3.943  -1.014  1.00 17.76  ? 4   DG  B "C2'" 1 
ATOM   619  C  "C1'" . DG  B 1 4  ? -13.135 -2.805  -0.951  1.00 21.94  ? 4   DG  B "C1'" 1 
ATOM   620  N  N9    . DG  B 1 4  ? -11.852 -3.057  -1.601  1.00 19.97  ? 4   DG  B N9    1 
ATOM   621  C  C8    . DG  B 1 4  ? -11.091 -4.210  -1.567  1.00 19.51  ? 4   DG  B C8    1 
ATOM   622  N  N7    . DG  B 1 4  ? -9.952  -4.099  -2.208  1.00 16.39  ? 4   DG  B N7    1 
ATOM   623  C  C5    . DG  B 1 4  ? -9.967  -2.788  -2.689  1.00 14.36  ? 4   DG  B C5    1 
ATOM   624  C  C6    . DG  B 1 4  ? -9.007  -2.090  -3.438  1.00 16.73  ? 4   DG  B C6    1 
ATOM   625  O  O6    . DG  B 1 4  ? -7.915  -2.513  -3.860  1.00 17.94  ? 4   DG  B O6    1 
ATOM   626  N  N1    . DG  B 1 4  ? -9.414  -0.775  -3.704  1.00 20.33  ? 4   DG  B N1    1 
ATOM   627  C  C2    . DG  B 1 4  ? -10.611 -0.215  -3.278  1.00 16.71  ? 4   DG  B C2    1 
ATOM   628  N  N2    . DG  B 1 4  ? -10.860 1.058   -3.645  1.00 18.40  ? 4   DG  B N2    1 
ATOM   629  N  N3    . DG  B 1 4  ? -11.507 -0.866  -2.567  1.00 18.85  ? 4   DG  B N3    1 
ATOM   630  C  C4    . DG  B 1 4  ? -11.122 -2.139  -2.309  1.00 15.13  ? 4   DG  B C4    1 
ATOM   631  P  P     . DC  B 1 5  ? -17.096 -2.150  0.911   1.00 31.38  ? 5   DC  B P     1 
ATOM   632  O  OP1   . DC  B 1 5  ? -17.540 -3.390  1.575   1.00 30.25  ? 5   DC  B OP1   1 
ATOM   633  O  OP2   . DC  B 1 5  ? -18.001 -1.268  0.158   1.00 28.57  ? 5   DC  B OP2   1 
ATOM   634  O  "O5'" . DC  B 1 5  ? -16.450 -1.254  2.050   1.00 26.11  ? 5   DC  B "O5'" 1 
ATOM   635  C  "C5'" . DC  B 1 5  ? -16.084 0.085   1.772   1.00 30.41  ? 5   DC  B "C5'" 1 
ATOM   636  C  "C4'" . DC  B 1 5  ? -16.105 0.887   3.053   1.00 34.31  ? 5   DC  B "C4'" 1 
ATOM   637  O  "O4'" . DC  B 1 5  ? -17.465 0.973   3.511   1.00 42.26  ? 5   DC  B "O4'" 1 
ATOM   638  C  "C3'" . DC  B 1 5  ? -15.319 0.249   4.184   1.00 36.76  ? 5   DC  B "C3'" 1 
ATOM   639  O  "O3'" . DC  B 1 5  ? -14.076 0.899   4.307   1.00 35.67  ? 5   DC  B "O3'" 1 
ATOM   640  C  "C2'" . DC  B 1 5  ? -16.187 0.459   5.438   1.00 40.67  ? 5   DC  B "C2'" 1 
ATOM   641  C  "C1'" . DC  B 1 5  ? -17.498 1.052   4.908   1.00 50.89  ? 5   DC  B "C1'" 1 
ATOM   642  N  N1    . DC  B 1 5  ? -18.735 0.347   5.399   1.00 61.23  ? 5   DC  B N1    1 
ATOM   643  C  C2    . DC  B 1 5  ? -18.941 -1.019  5.113   1.00 62.82  ? 5   DC  B C2    1 
ATOM   644  O  O2    . DC  B 1 5  ? -18.093 -1.645  4.466   1.00 68.49  ? 5   DC  B O2    1 
ATOM   645  N  N3    . DC  B 1 5  ? -20.067 -1.621  5.569   1.00 70.61  ? 5   DC  B N3    1 
ATOM   646  C  C4    . DC  B 1 5  ? -20.965 -0.923  6.270   1.00 80.85  ? 5   DC  B C4    1 
ATOM   647  N  N4    . DC  B 1 5  ? -22.059 -1.565  6.696   1.00 82.27  ? 5   DC  B N4    1 
ATOM   648  C  C5    . DC  B 1 5  ? -20.781 0.464   6.563   1.00 69.72  ? 5   DC  B C5    1 
ATOM   649  C  C6    . DC  B 1 5  ? -19.667 1.052   6.110   1.00 63.91  ? 5   DC  B C6    1 
ATOM   650  P  P     . DG  B 1 6  ? -12.812 0.129   4.930   1.00 30.97  ? 6   DG  B P     1 
ATOM   651  O  OP1   . DG  B 1 6  ? -12.380 -0.948  4.004   1.00 21.92  ? 6   DG  B OP1   1 
ATOM   652  O  OP2   . DG  B 1 6  ? -13.162 -0.197  6.332   1.00 32.64  ? 6   DG  B OP2   1 
ATOM   653  O  "O5'" . DG  B 1 6  ? -11.671 1.246   4.898   1.00 25.02  ? 6   DG  B "O5'" 1 
ATOM   654  C  "C5'" . DG  B 1 6  ? -11.817 2.410   5.688   1.00 13.59  ? 6   DG  B "C5'" 1 
ATOM   655  C  "C4'" . DG  B 1 6  ? -11.227 3.620   4.990   1.00 20.78  ? 6   DG  B "C4'" 1 
ATOM   656  O  "O4'" . DG  B 1 6  ? -9.840  3.357   4.646   1.00 15.06  ? 6   DG  B "O4'" 1 
ATOM   657  C  "C3'" . DG  B 1 6  ? -11.915 4.024   3.687   1.00 17.10  ? 6   DG  B "C3'" 1 
ATOM   658  O  "O3'" . DG  B 1 6  ? -11.854 5.440   3.573   1.00 20.48  ? 6   DG  B "O3'" 1 
ATOM   659  C  "C2'" . DG  B 1 6  ? -11.025 3.341   2.630   1.00 17.82  ? 6   DG  B "C2'" 1 
ATOM   660  C  "C1'" . DG  B 1 6  ? -9.654  3.569   3.250   1.00 17.89  ? 6   DG  B "C1'" 1 
ATOM   661  N  N9    . DG  B 1 6  ? -8.583  2.670   2.801   1.00 13.15  ? 6   DG  B N9    1 
ATOM   662  C  C8    . DG  B 1 6  ? -8.361  1.375   3.221   1.00 19.38  ? 6   DG  B C8    1 
ATOM   663  N  N7    . DG  B 1 6  ? -7.311  0.826   2.682   1.00 15.90  ? 6   DG  B N7    1 
ATOM   664  C  C5    . DG  B 1 6  ? -6.773  1.827   1.885   1.00 18.00  ? 6   DG  B C5    1 
ATOM   665  C  C6    . DG  B 1 6  ? -5.619  1.823   1.064   1.00 15.90  ? 6   DG  B C6    1 
ATOM   666  O  O6    . DG  B 1 6  ? -4.807  0.900   0.886   1.00 12.81  ? 6   DG  B O6    1 
ATOM   667  N  N1    . DG  B 1 6  ? -5.436  3.051   0.426   1.00 13.31  ? 6   DG  B N1    1 
ATOM   668  C  C2    . DG  B 1 6  ? -6.285  4.136   0.554   1.00 13.58  ? 6   DG  B C2    1 
ATOM   669  N  N2    . DG  B 1 6  ? -5.966  5.230   -0.138  1.00 12.15  ? 6   DG  B N2    1 
ATOM   670  N  N3    . DG  B 1 6  ? -7.360  4.147   1.313   1.00 12.62  ? 6   DG  B N3    1 
ATOM   671  C  C4    . DG  B 1 6  ? -7.548  2.970   1.948   1.00 11.80  ? 6   DG  B C4    1 
ATOM   672  P  P     . DG  B 1 7  ? -12.902 6.267   2.675   1.00 24.74  ? 7   DG  B P     1 
ATOM   673  O  OP1   . DG  B 1 7  ? -12.830 7.676   3.090   1.00 25.59  ? 7   DG  B OP1   1 
ATOM   674  O  OP2   . DG  B 1 7  ? -14.173 5.520   2.691   1.00 22.07  ? 7   DG  B OP2   1 
ATOM   675  O  "O5'" . DG  B 1 7  ? -12.305 6.109   1.209   1.00 20.39  ? 7   DG  B "O5'" 1 
ATOM   676  C  "C5'" . DG  B 1 7  ? -12.258 7.173   0.312   1.00 29.90  ? 7   DG  B "C5'" 1 
ATOM   677  C  "C4'" . DG  B 1 7  ? -11.775 6.675   -1.042  1.00 24.17  ? 7   DG  B "C4'" 1 
ATOM   678  O  "O4'" . DG  B 1 7  ? -10.554 5.930   -0.871  1.00 19.33  ? 7   DG  B "O4'" 1 
ATOM   679  C  "C3'" . DG  B 1 7  ? -12.683 5.661   -1.739  1.00 21.85  ? 7   DG  B "C3'" 1 
ATOM   680  O  "O3'" . DG  B 1 7  ? -13.692 6.303   -2.483  1.00 38.85  ? 7   DG  B "O3'" 1 
ATOM   681  C  "C2'" . DG  B 1 7  ? -11.712 4.922   -2.666  1.00 18.73  ? 7   DG  B "C2'" 1 
ATOM   682  C  "C1'" . DG  B 1 7  ? -10.330 5.256   -2.079  1.00 20.40  ? 7   DG  B "C1'" 1 
ATOM   683  N  N9    . DG  B 1 7  ? -9.521  4.066   -1.856  1.00 15.35  ? 7   DG  B N9    1 
ATOM   684  C  C8    . DG  B 1 7  ? -9.842  2.956   -1.103  1.00 15.03  ? 7   DG  B C8    1 
ATOM   685  N  N7    . DG  B 1 7  ? -8.923  2.026   -1.146  1.00 18.10  ? 7   DG  B N7    1 
ATOM   686  C  C5    . DG  B 1 7  ? -7.936  2.554   -1.986  1.00 12.90  ? 7   DG  B C5    1 
ATOM   687  C  C6    . DG  B 1 7  ? -6.707  2.004   -2.423  1.00 17.34  ? 7   DG  B C6    1 
ATOM   688  O  O6    . DG  B 1 7  ? -6.218  0.904   -2.136  1.00 12.10  ? 7   DG  B O6    1 
ATOM   689  N  N1    . DG  B 1 7  ? -6.019  2.879   -3.276  1.00 15.57  ? 7   DG  B N1    1 
ATOM   690  C  C2    . DG  B 1 7  ? -6.482  4.116   -3.662  1.00 15.19  ? 7   DG  B C2    1 
ATOM   691  N  N2    . DG  B 1 7  ? -5.697  4.824   -4.479  1.00 13.48  ? 7   DG  B N2    1 
ATOM   692  N  N3    . DG  B 1 7  ? -7.632  4.629   -3.260  1.00 9.99   ? 7   DG  B N3    1 
ATOM   693  C  C4    . DG  B 1 7  ? -8.301  3.799   -2.434  1.00 14.71  ? 7   DG  B C4    1 
HETATM 694  N  N1    . BRU B 1 8  ? -13.038 0.530   -6.001  1.00 19.81  ? 8   BRU B N1    1 
HETATM 695  C  C2    . BRU B 1 8  ? -11.900 -0.383  -6.237  1.00 18.69  ? 8   BRU B C2    1 
HETATM 696  N  N3    . BRU B 1 8  ? -11.964 -1.780  -5.751  1.00 22.04  ? 8   BRU B N3    1 
HETATM 697  C  C4    . BRU B 1 8  ? -13.140 -2.264  -5.060  1.00 25.58  ? 8   BRU B C4    1 
HETATM 698  C  C5    . BRU B 1 8  ? -14.258 -1.337  -4.834  1.00 27.54  ? 8   BRU B C5    1 
HETATM 699  C  C6    . BRU B 1 8  ? -14.190 0.061   -5.295  1.00 22.46  ? 8   BRU B C6    1 
HETATM 700  O  O2    . BRU B 1 8  ? -10.927 -0.011  -6.797  1.00 27.00  ? 8   BRU B O2    1 
HETATM 701  O  O4    . BRU B 1 8  ? -13.203 -3.386  -4.672  1.00 26.47  ? 8   BRU B O4    1 
HETATM 702  BR BR    . BRU B 1 8  ? -15.830 -1.981  -3.910  1.00 77.25  ? 8   BRU B BR    1 
HETATM 703  C  "C1'" . BRU B 1 8  ? -12.977 1.913   -6.423  1.00 25.78  ? 8   BRU B "C1'" 1 
HETATM 704  C  "C2'" . BRU B 1 8  ? -14.193 2.385   -7.369  1.00 32.20  ? 8   BRU B "C2'" 1 
HETATM 705  C  "C3'" . BRU B 1 8  ? -14.228 3.665   -7.177  1.00 32.61  ? 8   BRU B "C3'" 1 
HETATM 706  C  "C4'" . BRU B 1 8  ? -13.914 3.868   -5.689  1.00 31.54  ? 8   BRU B "C4'" 1 
HETATM 707  O  "O3'" . BRU B 1 8  ? -13.038 4.300   -7.790  1.00 29.38  ? 8   BRU B "O3'" 1 
HETATM 708  O  "O4'" . BRU B 1 8  ? -13.112 2.615   -5.340  1.00 23.84  ? 8   BRU B "O4'" 1 
HETATM 709  C  "C5'" . BRU B 1 8  ? -15.080 4.026   -4.904  1.00 46.97  ? 8   BRU B "C5'" 1 
HETATM 710  O  "O5'" . BRU B 1 8  ? -14.710 4.187   -3.565  1.00 39.34  ? 8   BRU B "O5'" 1 
HETATM 711  P  P     . BRU B 1 8  ? -15.096 5.559   -2.731  1.00 37.20  ? 8   BRU B P     1 
HETATM 712  O  OP1   . BRU B 1 8  ? -15.995 6.489   -3.502  1.00 40.11  ? 8   BRU B OP1   1 
HETATM 713  O  OP2   . BRU B 1 8  ? -15.685 5.116   -1.421  1.00 24.96  ? 8   BRU B OP2   1 
ATOM   714  P  P     . DG  B 1 9  ? -13.136 4.949   -9.252  1.00 46.82  ? 9   DG  B P     1 
ATOM   715  O  OP1   . DG  B 1 9  ? -14.487 5.549   -9.378  1.00 45.08  ? 9   DG  B OP1   1 
ATOM   716  O  OP2   . DG  B 1 9  ? -12.630 3.949   -10.220 1.00 51.11  ? 9   DG  B OP2   1 
ATOM   717  O  "O5'" . DG  B 1 9  ? -12.089 6.146   -9.202  1.00 34.69  ? 9   DG  B "O5'" 1 
ATOM   718  C  "C5'" . DG  B 1 9  ? -12.134 7.078   -8.139  1.00 36.43  ? 9   DG  B "C5'" 1 
ATOM   719  C  "C4'" . DG  B 1 9  ? -10.735 7.528   -7.774  1.00 30.34  ? 9   DG  B "C4'" 1 
ATOM   720  O  "O4'" . DG  B 1 9  ? -10.204 6.660   -6.739  1.00 29.12  ? 9   DG  B "O4'" 1 
ATOM   721  C  "C3'" . DG  B 1 9  ? -9.719  7.475   -8.908  1.00 24.04  ? 9   DG  B "C3'" 1 
ATOM   722  O  "O3'" . DG  B 1 9  ? -8.758  8.483   -8.711  1.00 44.33  ? 9   DG  B "O3'" 1 
ATOM   723  C  "C2'" . DG  B 1 9  ? -9.098  6.090   -8.725  1.00 22.88  ? 9   DG  B "C2'" 1 
ATOM   724  C  "C1'" . DG  B 1 9  ? -9.028  6.039   -7.210  1.00 20.07  ? 9   DG  B "C1'" 1 
ATOM   725  N  N9    . DG  B 1 9  ? -8.951  4.696   -6.639  1.00 16.21  ? 9   DG  B N9    1 
ATOM   726  C  C8    . DG  B 1 9  ? -9.837  4.123   -5.756  1.00 18.00  ? 9   DG  B C8    1 
ATOM   727  N  N7    . DG  B 1 9  ? -9.489  2.932   -5.375  1.00 17.88  ? 9   DG  B N7    1 
ATOM   728  C  C5    . DG  B 1 9  ? -8.285  2.714   -6.026  1.00 17.82  ? 9   DG  B C5    1 
ATOM   729  C  C6    . DG  B 1 9  ? -7.427  1.605   -5.992  1.00 16.79  ? 9   DG  B C6    1 
ATOM   730  O  O6    . DG  B 1 9  ? -7.561  0.552   -5.357  1.00 17.70  ? 9   DG  B O6    1 
ATOM   731  N  N1    . DG  B 1 9  ? -6.315  1.795   -6.802  1.00 20.64  ? 9   DG  B N1    1 
ATOM   732  C  C2    . DG  B 1 9  ? -6.067  2.919   -7.540  1.00 20.18  ? 9   DG  B C2    1 
ATOM   733  N  N2    . DG  B 1 9  ? -4.939  2.922   -8.259  1.00 21.03  ? 9   DG  B N2    1 
ATOM   734  N  N3    . DG  B 1 9  ? -6.871  3.965   -7.585  1.00 12.20  ? 9   DG  B N3    1 
ATOM   735  C  C4    . DG  B 1 9  ? -7.954  3.795   -6.818  1.00 14.71  ? 9   DG  B C4    1 
ATOM   736  P  P     . DT  B 1 10 ? -8.644  9.710   -9.735  1.00 38.51  ? 10  DT  B P     1 
ATOM   737  O  OP1   . DT  B 1 10 ? -9.891  10.501  -9.671  1.00 46.40  ? 10  DT  B OP1   1 
ATOM   738  O  OP2   . DT  B 1 10 ? -8.131  9.142   -10.996 1.00 32.07  ? 10  DT  B OP2   1 
ATOM   739  O  "O5'" . DT  B 1 10 ? -7.484  10.593  -9.120  1.00 43.63  ? 10  DT  B "O5'" 1 
ATOM   740  C  "C5'" . DT  B 1 10 ? -6.325  9.965   -8.630  1.00 46.50  ? 10  DT  B "C5'" 1 
ATOM   741  C  "C4'" . DT  B 1 10 ? -5.620  10.867  -7.650  1.00 43.62  ? 10  DT  B "C4'" 1 
ATOM   742  O  "O4'" . DT  B 1 10 ? -5.299  12.126  -8.299  1.00 51.35  ? 10  DT  B "O4'" 1 
ATOM   743  C  "C3'" . DT  B 1 10 ? -6.436  11.236  -6.417  1.00 45.89  ? 10  DT  B "C3'" 1 
ATOM   744  O  "O3'" . DT  B 1 10 ? -5.574  11.400  -5.341  1.00 44.20  ? 10  DT  B "O3'" 1 
ATOM   745  C  "C2'" . DT  B 1 10 ? -7.053  12.571  -6.809  1.00 52.24  ? 10  DT  B "C2'" 1 
ATOM   746  C  "C1'" . DT  B 1 10 ? -5.920  13.194  -7.613  1.00 52.33  ? 10  DT  B "C1'" 1 
ATOM   747  N  N1    . DT  B 1 10 ? -6.381  14.188  -8.617  1.00 61.15  ? 10  DT  B N1    1 
ATOM   748  C  C2    . DT  B 1 10 ? -5.769  15.418  -8.673  1.00 72.26  ? 10  DT  B C2    1 
ATOM   749  O  O2    . DT  B 1 10 ? -4.849  15.739  -7.944  1.00 74.94  ? 10  DT  B O2    1 
ATOM   750  N  N3    . DT  B 1 10 ? -6.266  16.262  -9.630  1.00 65.69  ? 10  DT  B N3    1 
ATOM   751  C  C4    . DT  B 1 10 ? -7.300  16.007  -10.511 1.00 77.99  ? 10  DT  B C4    1 
ATOM   752  O  O4    . DT  B 1 10 ? -7.677  16.833  -11.337 1.00 72.19  ? 10  DT  B O4    1 
ATOM   753  C  C5    . DT  B 1 10 ? -7.904  14.699  -10.394 1.00 74.01  ? 10  DT  B C5    1 
ATOM   754  C  C7    . DT  B 1 10 ? -9.034  14.307  -11.298 1.00 53.53  ? 10  DT  B C7    1 
ATOM   755  C  C6    . DT  B 1 10 ? -7.421  13.864  -9.461  1.00 62.51  ? 10  DT  B C6    1 
ATOM   756  P  P     . DG  B 1 11 ? -5.801  10.586  -3.985  1.00 33.34  ? 11  DG  B P     1 
ATOM   757  O  OP1   . DG  B 1 11 ? -6.757  9.468   -4.186  1.00 26.41  ? 11  DG  B OP1   1 
ATOM   758  O  OP2   . DG  B 1 11 ? -6.073  11.636  -2.981  1.00 39.51  ? 11  DG  B OP2   1 
ATOM   759  O  "O5'" . DG  B 1 11 ? -4.389  9.905   -3.730  1.00 34.52  ? 11  DG  B "O5'" 1 
ATOM   760  C  "C5'" . DG  B 1 11 ? -3.224  10.698  -3.630  1.00 24.66  ? 11  DG  B "C5'" 1 
ATOM   761  C  "C4'" . DG  B 1 11 ? -2.037  9.939   -4.195  1.00 14.58  ? 11  DG  B "C4'" 1 
ATOM   762  O  "O4'" . DG  B 1 11 ? -1.739  8.800   -3.335  1.00 13.83  ? 11  DG  B "O4'" 1 
ATOM   763  C  "C3'" . DG  B 1 11 ? -2.259  9.374   -5.598  1.00 22.01  ? 11  DG  B "C3'" 1 
ATOM   764  O  "O3'" . DG  B 1 11 ? -1.109  9.536   -6.367  1.00 18.45  ? 11  DG  B "O3'" 1 
ATOM   765  C  "C2'" . DG  B 1 11 ? -2.557  7.890   -5.350  1.00 17.01  ? 11  DG  B "C2'" 1 
ATOM   766  C  "C1'" . DG  B 1 11 ? -1.742  7.603   -4.085  1.00 15.41  ? 11  DG  B "C1'" 1 
ATOM   767  N  N9    . DG  B 1 11 ? -2.321  6.558   -3.234  1.00 13.91  ? 11  DG  B N9    1 
ATOM   768  C  C8    . DG  B 1 11 ? -3.459  6.646   -2.461  1.00 14.63  ? 11  DG  B C8    1 
ATOM   769  N  N7    . DG  B 1 11 ? -3.711  5.546   -1.787  1.00 22.64  ? 11  DG  B N7    1 
ATOM   770  C  C5    . DG  B 1 11 ? -2.677  4.685   -2.154  1.00 12.70  ? 11  DG  B C5    1 
ATOM   771  C  C6    . DG  B 1 11 ? -2.411  3.343   -1.765  1.00 13.59  ? 11  DG  B C6    1 
ATOM   772  O  O6    . DG  B 1 11 ? -3.052  2.626   -0.978  1.00 15.80  ? 11  DG  B O6    1 
ATOM   773  N  N1    . DG  B 1 11 ? -1.261  2.853   -2.366  1.00 14.35  ? 11  DG  B N1    1 
ATOM   774  C  C2    . DG  B 1 11 ? -0.473  3.567   -3.245  1.00 17.49  ? 11  DG  B C2    1 
ATOM   775  N  N2    . DG  B 1 11 ? 0.594   2.932   -3.753  1.00 10.59  ? 11  DG  B N2    1 
ATOM   776  N  N3    . DG  B 1 11 ? -0.718  4.810   -3.610  1.00 10.61  ? 11  DG  B N3    1 
ATOM   777  C  C4    . DG  B 1 11 ? -1.820  5.305   -3.030  1.00 10.20  ? 11  DG  B C4    1 
ATOM   778  P  P     . DG  B 1 12 ? -1.160  9.256   -7.945  1.00 27.68  ? 12  DG  B P     1 
ATOM   779  O  OP1   . DG  B 1 12 ? -0.044  10.044  -8.525  1.00 35.68  ? 12  DG  B OP1   1 
ATOM   780  O  OP2   . DG  B 1 12 ? -2.560  9.374   -8.408  1.00 29.30  ? 12  DG  B OP2   1 
ATOM   781  O  "O5'" . DG  B 1 12 ? -0.767  7.727   -8.109  1.00 19.66  ? 12  DG  B "O5'" 1 
ATOM   782  C  "C5'" . DG  B 1 12 ? 0.589   7.406   -8.232  1.00 21.62  ? 12  DG  B "C5'" 1 
ATOM   783  C  "C4'" . DG  B 1 12 ? 0.756   5.954   -8.541  1.00 19.56  ? 12  DG  B "C4'" 1 
ATOM   784  O  "O4'" . DG  B 1 12 ? 0.205   5.153   -7.457  1.00 15.98  ? 12  DG  B "O4'" 1 
ATOM   785  C  "C3'" . DG  B 1 12 ? 0.061   5.492   -9.816  1.00 17.12  ? 12  DG  B "C3'" 1 
ATOM   786  O  "O3'" . DG  B 1 12 ? 1.001   4.778   -10.596 1.00 34.72  ? 12  DG  B "O3'" 1 
ATOM   787  C  "C2'" . DG  B 1 12 ? -1.091  4.598   -9.299  1.00 19.54  ? 12  DG  B "C2'" 1 
ATOM   788  C  "C1'" . DG  B 1 12 ? -0.492  4.060   -8.010  1.00 16.89  ? 12  DG  B "C1'" 1 
ATOM   789  N  N9    . DG  B 1 12 ? -1.470  3.597   -7.015  1.00 15.95  ? 12  DG  B N9    1 
ATOM   790  C  C8    . DG  B 1 12 ? -2.523  4.309   -6.503  1.00 17.58  ? 12  DG  B C8    1 
ATOM   791  N  N7    . DG  B 1 12 ? -3.210  3.650   -5.600  1.00 15.40  ? 12  DG  B N7    1 
ATOM   792  C  C5    . DG  B 1 12 ? -2.560  2.425   -5.515  1.00 13.38  ? 12  DG  B C5    1 
ATOM   793  C  C6    . DG  B 1 12 ? -2.848  1.298   -4.705  1.00 13.90  ? 12  DG  B C6    1 
ATOM   794  O  O6    . DG  B 1 12 ? -3.764  1.171   -3.869  1.00 14.17  ? 12  DG  B O6    1 
ATOM   795  N  N1    . DG  B 1 12 ? -1.951  0.259   -4.932  1.00 14.07  ? 12  DG  B N1    1 
ATOM   796  C  C2    . DG  B 1 12 ? -0.894  0.313   -5.827  1.00 17.46  ? 12  DG  B C2    1 
ATOM   797  N  N2    . DG  B 1 12 ? -0.111  -0.775  -5.903  1.00 15.48  ? 12  DG  B N2    1 
ATOM   798  N  N3    . DG  B 1 12 ? -0.599  1.373   -6.562  1.00 12.70  ? 12  DG  B N3    1 
ATOM   799  C  C4    . DG  B 1 12 ? -1.484  2.383   -6.373  1.00 13.96  ? 12  DG  B C4    1 
ATOM   800  P  P     . DG  B 1 13 ? 0.632   4.273   -12.071 1.00 28.12  ? 13  DG  B P     1 
ATOM   801  O  OP1   . DG  B 1 13 ? 1.683   4.750   -12.995 1.00 38.13  ? 13  DG  B OP1   1 
ATOM   802  O  OP2   . DG  B 1 13 ? -0.788  4.574   -12.381 1.00 28.09  ? 13  DG  B OP2   1 
ATOM   803  O  "O5'" . DG  B 1 13 ? 0.695   2.685   -11.921 1.00 33.84  ? 13  DG  B "O5'" 1 
ATOM   804  C  "C5'" . DG  B 1 13 ? 1.792   2.064   -11.296 1.00 28.52  ? 13  DG  B "C5'" 1 
ATOM   805  C  "C4'" . DG  B 1 13 ? 1.675   0.557   -11.411 1.00 27.36  ? 13  DG  B "C4'" 1 
ATOM   806  O  "O4'" . DG  B 1 13 ? 0.891   0.038   -10.304 1.00 29.69  ? 13  DG  B "O4'" 1 
ATOM   807  C  "C3'" . DG  B 1 13 ? 0.988   0.053   -12.684 1.00 26.98  ? 13  DG  B "C3'" 1 
ATOM   808  O  "O3'" . DG  B 1 13 ? 1.561   -1.166  -13.072 1.00 28.88  ? 13  DG  B "O3'" 1 
ATOM   809  C  "C2'" . DG  B 1 13 ? -0.459  -0.145  -12.231 1.00 31.54  ? 13  DG  B "C2'" 1 
ATOM   810  C  "C1'" . DG  B 1 13 ? -0.262  -0.623  -10.794 1.00 28.24  ? 13  DG  B "C1'" 1 
ATOM   811  N  N9    . DG  B 1 13 ? -1.367  -0.308  -9.900  1.00 21.15  ? 13  DG  B N9    1 
ATOM   812  C  C8    . DG  B 1 13 ? -2.010  0.900   -9.765  1.00 18.73  ? 13  DG  B C8    1 
ATOM   813  N  N7    . DG  B 1 13 ? -2.945  0.886   -8.857  1.00 22.03  ? 13  DG  B N7    1 
ATOM   814  C  C5    . DG  B 1 13 ? -2.917  -0.413  -8.358  1.00 15.82  ? 13  DG  B C5    1 
ATOM   815  C  C6    . DG  B 1 13 ? -3.694  -1.017  -7.347  1.00 18.11  ? 13  DG  B C6    1 
ATOM   816  O  O6    . DG  B 1 13 ? -4.588  -0.508  -6.676  1.00 12.96  ? 13  DG  B O6    1 
ATOM   817  N  N1    . DG  B 1 13 ? -3.344  -2.356  -7.150  1.00 19.12  ? 13  DG  B N1    1 
ATOM   818  C  C2    . DG  B 1 13 ? -2.337  -3.008  -7.826  1.00 16.33  ? 13  DG  B C2    1 
ATOM   819  N  N2    . DG  B 1 13 ? -2.128  -4.305  -7.513  1.00 19.71  ? 13  DG  B N2    1 
ATOM   820  N  N3    . DG  B 1 13 ? -1.603  -2.442  -8.764  1.00 12.97  ? 13  DG  B N3    1 
ATOM   821  C  C4    . DG  B 1 13 ? -1.944  -1.152  -8.976  1.00 16.63  ? 13  DG  B C4    1 
ATOM   822  P  P     . DA  B 1 14 ? 1.684   -1.555  -14.627 1.00 29.07  ? 14  DA  B P     1 
ATOM   823  O  OP1   . DA  B 1 14 ? 0.346   -1.403  -15.245 1.00 28.89  ? 14  DA  B OP1   1 
ATOM   824  O  OP2   . DA  B 1 14 ? 2.380   -2.860  -14.693 1.00 30.88  ? 14  DA  B OP2   1 
ATOM   825  O  "O5'" . DA  B 1 14 ? 2.618   -0.412  -15.234 1.00 30.44  ? 14  DA  B "O5'" 1 
ATOM   826  C  "C5'" . DA  B 1 14 ? 4.005   -0.369  -14.916 1.00 27.10  ? 14  DA  B "C5'" 1 
ATOM   827  C  "C4'" . DA  B 1 14 ? 4.834   -0.693  -16.155 1.00 31.61  ? 14  DA  B "C4'" 1 
ATOM   828  O  "O4'" . DA  B 1 14 ? 4.332   0.040   -17.292 1.00 27.94  ? 14  DA  B "O4'" 1 
ATOM   829  C  "C3'" . DA  B 1 14 ? 6.305   -0.344  -16.064 1.00 25.99  ? 14  DA  B "C3'" 1 
ATOM   830  O  "O3'" . DA  B 1 14 ? 7.055   -1.276  -16.806 1.00 35.10  ? 14  DA  B "O3'" 1 
ATOM   831  C  "C2'" . DA  B 1 14 ? 6.392   1.059   -16.667 1.00 33.83  ? 14  DA  B "C2'" 1 
ATOM   832  C  "C1'" . DA  B 1 14 ? 5.194   1.122   -17.618 1.00 17.78  ? 14  DA  B "C1'" 1 
ATOM   833  N  N9    . DA  B 1 14 ? 4.436   2.343   -17.457 1.00 19.01  ? 14  DA  B N9    1 
ATOM   834  C  C8    . DA  B 1 14 ? 3.252   2.474   -16.799 1.00 27.50  ? 14  DA  B C8    1 
ATOM   835  N  N7    . DA  B 1 14 ? 2.795   3.697   -16.775 1.00 27.38  ? 14  DA  B N7    1 
ATOM   836  C  C5    . DA  B 1 14 ? 3.745   4.421   -17.464 1.00 22.81  ? 14  DA  B C5    1 
ATOM   837  C  C6    . DA  B 1 14 ? 3.836   5.792   -17.778 1.00 27.83  ? 14  DA  B C6    1 
ATOM   838  N  N6    . DA  B 1 14 ? 2.908   6.681   -17.413 1.00 22.02  ? 14  DA  B N6    1 
ATOM   839  N  N1    . DA  B 1 14 ? 4.918   6.205   -18.476 1.00 29.81  ? 14  DA  B N1    1 
ATOM   840  C  C2    . DA  B 1 14 ? 5.840   5.292   -18.831 1.00 22.24  ? 14  DA  B C2    1 
ATOM   841  N  N3    . DA  B 1 14 ? 5.860   3.981   -18.580 1.00 31.21  ? 14  DA  B N3    1 
ATOM   842  C  C4    . DA  B 1 14 ? 4.774   3.610   -17.885 1.00 19.56  ? 14  DA  B C4    1 
ATOM   843  P  P     . DA  B 1 15 ? 8.200   -2.123  -16.077 1.00 38.40  ? 15  DA  B P     1 
ATOM   844  O  OP1   . DA  B 1 15 ? 8.616   -3.190  -17.018 1.00 44.90  ? 15  DA  B OP1   1 
ATOM   845  O  OP2   . DA  B 1 15 ? 7.724   -2.448  -14.711 1.00 43.46  ? 15  DA  B OP2   1 
ATOM   846  O  "O5'" . DA  B 1 15 ? 9.392   -1.082  -15.949 1.00 41.56  ? 15  DA  B "O5'" 1 
ATOM   847  C  "C5'" . DA  B 1 15 ? 9.868   -0.405  -17.103 1.00 42.08  ? 15  DA  B "C5'" 1 
ATOM   848  C  "C4'" . DA  B 1 15 ? 10.738  0.769   -16.699 1.00 41.87  ? 15  DA  B "C4'" 1 
ATOM   849  O  "O4'" . DA  B 1 15 ? 9.910   1.946   -16.519 1.00 36.79  ? 15  DA  B "O4'" 1 
ATOM   850  C  "C3'" . DA  B 1 15 ? 11.490  0.577   -15.378 1.00 41.43  ? 15  DA  B "C3'" 1 
ATOM   851  O  "O3'" . DA  B 1 15 ? 12.778  1.159   -15.449 1.00 65.46  ? 15  DA  B "O3'" 1 
ATOM   852  C  "C2'" . DA  B 1 15 ? 10.615  1.321   -14.373 1.00 40.29  ? 15  DA  B "C2'" 1 
ATOM   853  C  "C1'" . DA  B 1 15 ? 10.123  2.477   -15.220 1.00 33.10  ? 15  DA  B "C1'" 1 
ATOM   854  N  N9    . DA  B 1 15 ? 8.876   3.052   -14.757 1.00 27.25  ? 15  DA  B N9    1 
ATOM   855  C  C8    . DA  B 1 15 ? 8.007   2.536   -13.839 1.00 29.17  ? 15  DA  B C8    1 
ATOM   856  N  N7    . DA  B 1 15 ? 6.951   3.293   -13.636 1.00 27.66  ? 15  DA  B N7    1 
ATOM   857  C  C5    . DA  B 1 15 ? 7.151   4.370   -14.485 1.00 28.80  ? 15  DA  B C5    1 
ATOM   858  C  C6    . DA  B 1 15 ? 6.395   5.532   -14.749 1.00 32.39  ? 15  DA  B C6    1 
ATOM   859  N  N6    . DA  B 1 15 ? 5.235   5.801   -14.152 1.00 28.90  ? 15  DA  B N6    1 
ATOM   860  N  N1    . DA  B 1 15 ? 6.883   6.408   -15.654 1.00 34.82  ? 15  DA  B N1    1 
ATOM   861  C  C2    . DA  B 1 15 ? 8.048   6.135   -16.251 1.00 33.08  ? 15  DA  B C2    1 
ATOM   862  N  N3    . DA  B 1 15 ? 8.844   5.079   -16.083 1.00 28.41  ? 15  DA  B N3    1 
ATOM   863  C  C4    . DA  B 1 15 ? 8.329   4.230   -15.182 1.00 28.15  ? 15  DA  B C4    1 
HETATM 864  N  N1    . BRU B 1 16 ? 16.314  1.938   -10.917 1.00 100.17 ? 16  BRU B N1    1 
HETATM 865  C  C2    . BRU B 1 16 ? 17.727  1.538   -11.247 1.00 107.61 ? 16  BRU B C2    1 
HETATM 866  N  N3    . BRU B 1 16 ? 18.604  2.475   -12.021 1.00 111.31 ? 16  BRU B N3    1 
HETATM 867  C  C4    . BRU B 1 16 ? 18.096  3.770   -12.454 1.00 122.46 ? 16  BRU B C4    1 
HETATM 868  C  C5    . BRU B 1 16 ? 16.699  4.160   -12.124 1.00 123.16 ? 16  BRU B C5    1 
HETATM 869  C  C6    . BRU B 1 16 ? 15.826  3.232   -11.356 1.00 107.70 ? 16  BRU B C6    1 
HETATM 870  O  O2    . BRU B 1 16 ? 18.178  0.491   -10.910 1.00 100.68 ? 16  BRU B O2    1 
HETATM 871  O  O4    . BRU B 1 16 ? 18.794  4.509   -13.068 1.00 119.47 ? 16  BRU B O4    1 
HETATM 872  BR BR    . BRU B 1 16 ? 16.031  5.893   -12.705 1.00 163.83 ? 16  BRU B BR    1 
HETATM 873  C  "C1'" . BRU B 1 16 ? 15.432  1.050   -10.163 1.00 81.64  ? 16  BRU B "C1'" 1 
HETATM 874  C  "C2'" . BRU B 1 16 ? 13.867  1.295   -10.525 1.00 64.71  ? 16  BRU B "C2'" 1 
HETATM 875  C  "C3'" . BRU B 1 16 ? 13.405  0.214   -11.066 1.00 56.08  ? 16  BRU B "C3'" 1 
HETATM 876  C  "C4'" . BRU B 1 16 ? 14.629  -0.643  -11.431 1.00 63.99  ? 16  BRU B "C4'" 1 
HETATM 877  O  "O3'" . BRU B 1 16 ? 12.659  -0.592  -10.047 1.00 58.88  ? 16  BRU B "O3'" 1 
HETATM 878  O  "O4'" . BRU B 1 16 ? 15.693  -0.192  -10.432 1.00 82.74  ? 16  BRU B "O4'" 1 
HETATM 879  C  "C5'" . BRU B 1 16 ? 15.045  -0.478  -12.777 1.00 68.45  ? 16  BRU B "C5'" 1 
HETATM 880  O  "O5'" . BRU B 1 16 ? 14.226  0.428   -13.458 1.00 63.35  ? 16  BRU B "O5'" 1 
HETATM 881  P  P     . BRU B 1 16 ? 14.070  0.276   -15.089 1.00 66.71  ? 16  BRU B P     1 
HETATM 882  O  OP1   . BRU B 1 16 ? 15.253  0.886   -15.799 1.00 57.01  ? 16  BRU B OP1   1 
HETATM 883  O  OP2   . BRU B 1 16 ? 13.829  -1.162  -15.501 1.00 53.91  ? 16  BRU B OP2   1 
ATOM   884  P  P     . DA  B 1 17 ? 11.119  -0.955  -10.298 1.00 50.19  ? 17  DA  B P     1 
ATOM   885  O  OP1   . DA  B 1 17 ? 10.772  -2.183  -9.552  1.00 39.49  ? 17  DA  B OP1   1 
ATOM   886  O  OP2   . DA  B 1 17 ? 10.951  -0.934  -11.768 1.00 53.57  ? 17  DA  B OP2   1 
ATOM   887  O  "O5'" . DA  B 1 17 ? 10.301  0.272   -9.676  1.00 45.14  ? 17  DA  B "O5'" 1 
ATOM   888  C  "C5'" . DA  B 1 17 ? 10.389  0.594   -8.281  1.00 39.37  ? 17  DA  B "C5'" 1 
ATOM   889  C  "C4'" . DA  B 1 17 ? 9.195   1.444   -7.871  1.00 39.13  ? 17  DA  B "C4'" 1 
ATOM   890  O  "O4'" . DA  B 1 17 ? 9.403   2.814   -8.302  1.00 32.84  ? 17  DA  B "O4'" 1 
ATOM   891  C  "C3'" . DA  B 1 17 ? 7.871   1.006   -8.496  1.00 35.04  ? 17  DA  B "C3'" 1 
ATOM   892  O  "O3'" . DA  B 1 17 ? 6.779   1.209   -7.608  1.00 34.83  ? 17  DA  B "O3'" 1 
ATOM   893  C  "C2'" . DA  B 1 17 ? 7.752   1.894   -9.726  1.00 24.94  ? 17  DA  B "C2'" 1 
ATOM   894  C  "C1'" . DA  B 1 17 ? 8.426   3.178   -9.264  1.00 34.22  ? 17  DA  B "C1'" 1 
ATOM   895  N  N9    . DA  B 1 17 ? 9.082   3.867   -10.360 1.00 26.41  ? 17  DA  B N9    1 
ATOM   896  C  C8    . DA  B 1 17 ? 10.218  3.472   -11.018 1.00 36.96  ? 17  DA  B C8    1 
ATOM   897  N  N7    . DA  B 1 17 ? 10.571  4.277   -11.994 1.00 25.49  ? 17  DA  B N7    1 
ATOM   898  C  C5    . DA  B 1 17 ? 9.588   5.245   -11.994 1.00 27.00  ? 17  DA  B C5    1 
ATOM   899  C  C6    . DA  B 1 17 ? 9.393   6.384   -12.790 1.00 29.81  ? 17  DA  B C6    1 
ATOM   900  N  N6    . DA  B 1 17 ? 10.217  6.726   -13.777 1.00 30.28  ? 17  DA  B N6    1 
ATOM   901  N  N1    . DA  B 1 17 ? 8.317   7.154   -12.530 1.00 32.43  ? 17  DA  B N1    1 
ATOM   902  C  C2    . DA  B 1 17 ? 7.499   6.803   -11.535 1.00 30.54  ? 17  DA  B C2    1 
ATOM   903  N  N3    . DA  B 1 17 ? 7.585   5.762   -10.702 1.00 24.25  ? 17  DA  B N3    1 
ATOM   904  C  C4    . DA  B 1 17 ? 8.658   5.010   -10.999 1.00 25.75  ? 17  DA  B C4    1 
ATOM   905  P  P     . DG  B 1 18 ? 5.554   0.155   -7.603  1.00 42.50  ? 18  DG  B P     1 
ATOM   906  O  OP1   . DG  B 1 18 ? 5.963   -1.032  -8.396  1.00 34.14  ? 18  DG  B OP1   1 
ATOM   907  O  OP2   . DG  B 1 18 ? 4.263   0.803   -7.934  1.00 28.81  ? 18  DG  B OP2   1 
ATOM   908  O  "O5'" . DG  B 1 18 ? 5.476   -0.294  -6.091  1.00 22.27  ? 18  DG  B "O5'" 1 
ATOM   909  C  "C5'" . DG  B 1 18 ? 6.552   -0.975  -5.488  1.00 23.58  ? 18  DG  B "C5'" 1 
ATOM   910  C  "C4'" . DG  B 1 18 ? 6.014   -2.133  -4.675  1.00 19.32  ? 18  DG  B "C4'" 1 
ATOM   911  O  "O4'" . DG  B 1 18 ? 5.040   -1.640  -3.706  1.00 14.92  ? 18  DG  B "O4'" 1 
ATOM   912  C  "C3'" . DG  B 1 18 ? 5.283   -3.195  -5.485  1.00 24.19  ? 18  DG  B "C3'" 1 
ATOM   913  O  "O3'" . DG  B 1 18 ? 5.633   -4.431  -4.983  1.00 32.60  ? 18  DG  B "O3'" 1 
ATOM   914  C  "C2'" . DG  B 1 18 ? 3.794   -2.887  -5.229  1.00 20.11  ? 18  DG  B "C2'" 1 
ATOM   915  C  "C1'" . DG  B 1 18 ? 3.846   -2.394  -3.795  1.00 10.94  ? 18  DG  B "C1'" 1 
ATOM   916  N  N9    . DG  B 1 18 ? 2.720   -1.526  -3.400  1.00 13.67  ? 18  DG  B N9    1 
ATOM   917  C  C8    . DG  B 1 18 ? 2.487   -0.231  -3.813  1.00 11.75  ? 18  DG  B C8    1 
ATOM   918  N  N7    . DG  B 1 18 ? 1.414   0.298   -3.291  1.00 16.07  ? 18  DG  B N7    1 
ATOM   919  C  C5    . DG  B 1 18 ? 0.914   -0.694  -2.456  1.00 11.12  ? 18  DG  B C5    1 
ATOM   920  C  C6    . DG  B 1 18 ? -0.240  -0.706  -1.628  1.00 12.66  ? 18  DG  B C6    1 
ATOM   921  O  O6    . DG  B 1 18 ? -1.052  0.202   -1.451  1.00 14.97  ? 18  DG  B O6    1 
ATOM   922  N  N1    . DG  B 1 18 ? -0.380  -1.920  -0.942  1.00 14.06  ? 18  DG  B N1    1 
ATOM   923  C  C2    . DG  B 1 18 ? 0.482   -2.993  -1.069  1.00 10.87  ? 18  DG  B C2    1 
ATOM   924  N  N2    . DG  B 1 18 ? 0.197   -4.092  -0.359  1.00 12.14  ? 18  DG  B N2    1 
ATOM   925  N  N3    . DG  B 1 18 ? 1.554   -2.997  -1.855  1.00 16.62  ? 18  DG  B N3    1 
ATOM   926  C  C4    . DG  B 1 18 ? 1.709   -1.827  -2.520  1.00 13.18  ? 18  DG  B C4    1 
ATOM   927  P  P     . DG  B 1 19 ? 5.323   -5.757  -5.818  1.00 31.70  ? 19  DG  B P     1 
ATOM   928  O  OP1   . DG  B 1 19 ? 6.394   -6.722  -5.449  1.00 26.93  ? 19  DG  B OP1   1 
ATOM   929  O  OP2   . DG  B 1 19 ? 5.033   -5.374  -7.210  1.00 29.24  ? 19  DG  B OP2   1 
ATOM   930  O  "O5'" . DG  B 1 19 ? 3.966   -6.297  -5.187  1.00 23.94  ? 19  DG  B "O5'" 1 
ATOM   931  C  "C5'" . DG  B 1 19 ? 3.952   -6.629  -3.829  1.00 23.68  ? 19  DG  B "C5'" 1 
ATOM   932  C  "C4'" . DG  B 1 19 ? 2.695   -7.380  -3.466  1.00 19.21  ? 19  DG  B "C4'" 1 
ATOM   933  O  "O4'" . DG  B 1 19 ? 1.668   -6.437  -3.071  1.00 20.90  ? 19  DG  B "O4'" 1 
ATOM   934  C  "C3'" . DG  B 1 19 ? 2.088   -8.238  -4.572  1.00 14.50  ? 19  DG  B "C3'" 1 
ATOM   935  O  "O3'" . DG  B 1 19 ? 1.652   -9.458  -3.968  1.00 30.53  ? 19  DG  B "O3'" 1 
ATOM   936  C  "C2'" . DG  B 1 19 ? 0.910   -7.374  -5.071  1.00 16.92  ? 19  DG  B "C2'" 1 
ATOM   937  C  "C1'" . DG  B 1 19 ? 0.475   -6.706  -3.759  1.00 14.39  ? 19  DG  B "C1'" 1 
ATOM   938  N  N9    . DG  B 1 19 ? -0.204  -5.419  -3.881  1.00 15.75  ? 19  DG  B N9    1 
ATOM   939  C  C8    . DG  B 1 19 ? 0.227   -4.314  -4.589  1.00 12.77  ? 19  DG  B C8    1 
ATOM   940  N  N7    . DG  B 1 19 ? -0.563  -3.289  -4.476  1.00 17.62  ? 19  DG  B N7    1 
ATOM   941  C  C5    . DG  B 1 19 ? -1.558  -3.716  -3.605  1.00 13.16  ? 19  DG  B C5    1 
ATOM   942  C  C6    . DG  B 1 19 ? -2.679  -3.029  -3.118  1.00 14.19  ? 19  DG  B C6    1 
ATOM   943  O  O6    . DG  B 1 19 ? -3.002  -1.857  -3.348  1.00 13.05  ? 19  DG  B O6    1 
ATOM   944  N  N1    . DG  B 1 19 ? -3.451  -3.823  -2.263  1.00 12.59  ? 19  DG  B N1    1 
ATOM   945  C  C2    . DG  B 1 19 ? -3.159  -5.136  -1.950  1.00 14.73  ? 19  DG  B C2    1 
ATOM   946  N  N2    . DG  B 1 19 ? -4.010  -5.765  -1.141  1.00 10.77  ? 19  DG  B N2    1 
ATOM   947  N  N3    . DG  B 1 19 ? -2.106  -5.792  -2.416  1.00 16.11  ? 19  DG  B N3    1 
ATOM   948  C  C4    . DG  B 1 19 ? -1.349  -5.021  -3.225  1.00 16.82  ? 19  DG  B C4    1 
ATOM   949  P  P     . DG  B 1 20 ? 0.957   -10.614 -4.832  1.00 29.43  ? 20  DG  B P     1 
ATOM   950  O  OP1   . DG  B 1 20 ? 1.294   -11.884 -4.161  1.00 29.88  ? 20  DG  B OP1   1 
ATOM   951  O  OP2   . DG  B 1 20 ? 1.245   -10.377 -6.269  1.00 27.80  ? 20  DG  B OP2   1 
ATOM   952  O  "O5'" . DG  B 1 20 ? -0.578  -10.377 -4.551  1.00 23.53  ? 20  DG  B "O5'" 1 
ATOM   953  C  "C5'" . DG  B 1 20 ? -1.082  -10.617 -3.246  1.00 17.31  ? 20  DG  B "C5'" 1 
ATOM   954  C  "C4'" . DG  B 1 20 ? -2.577  -10.792 -3.293  1.00 20.41  ? 20  DG  B "C4'" 1 
ATOM   955  O  "O4'" . DG  B 1 20 ? -3.229  -9.502  -3.229  1.00 21.01  ? 20  DG  B "O4'" 1 
ATOM   956  C  "C3'" . DG  B 1 20 ? -3.105  -11.456 -4.553  1.00 22.83  ? 20  DG  B "C3'" 1 
ATOM   957  O  "O3'" . DG  B 1 20 ? -4.187  -12.232 -4.203  1.00 21.26  ? 20  DG  B "O3'" 1 
ATOM   958  C  "C2'" . DG  B 1 20 ? -3.536  -10.259 -5.409  1.00 19.91  ? 20  DG  B "C2'" 1 
ATOM   959  C  "C1'" . DG  B 1 20 ? -4.086  -9.346  -4.337  1.00 19.64  ? 20  DG  B "C1'" 1 
ATOM   960  N  N9    . DG  B 1 20 ? -4.080  -7.940  -4.699  1.00 13.56  ? 20  DG  B N9    1 
ATOM   961  C  C8    . DG  B 1 20 ? -3.130  -7.278  -5.433  1.00 13.01  ? 20  DG  B C8    1 
ATOM   962  N  N7    . DG  B 1 20 ? -3.382  -6.011  -5.563  1.00 11.62  ? 20  DG  B N7    1 
ATOM   963  C  C5    . DG  B 1 20 ? -4.573  -5.823  -4.872  1.00 11.76  ? 20  DG  B C5    1 
ATOM   964  C  C6    . DG  B 1 20 ? -5.346  -4.649  -4.674  1.00 22.02  ? 20  DG  B C6    1 
ATOM   965  O  O6    . DG  B 1 20 ? -5.119  -3.494  -5.082  1.00 14.65  ? 20  DG  B O6    1 
ATOM   966  N  N1    . DG  B 1 20 ? -6.488  -4.906  -3.913  1.00 12.73  ? 20  DG  B N1    1 
ATOM   967  C  C2    . DG  B 1 20 ? -6.832  -6.127  -3.406  1.00 15.03  ? 20  DG  B C2    1 
ATOM   968  N  N2    . DG  B 1 20 ? -7.980  -6.175  -2.699  1.00 14.50  ? 20  DG  B N2    1 
ATOM   969  N  N3    . DG  B 1 20 ? -6.116  -7.234  -3.594  1.00 13.98  ? 20  DG  B N3    1 
ATOM   970  C  C4    . DG  B 1 20 ? -5.006  -7.004  -4.329  1.00 15.41  ? 20  DG  B C4    1 
ATOM   971  P  P     . DA  B 1 21 ? -4.136  -13.811 -4.458  1.00 31.86  ? 21  DA  B P     1 
ATOM   972  O  OP1   . DA  B 1 21 ? -5.525  -14.288 -4.323  1.00 29.37  ? 21  DA  B OP1   1 
ATOM   973  O  OP2   . DA  B 1 21 ? -3.057  -14.386 -3.621  1.00 33.39  ? 21  DA  B OP2   1 
ATOM   974  O  "O5'" . DA  B 1 21 ? -3.626  -13.898 -5.963  1.00 31.60  ? 21  DA  B "O5'" 1 
ATOM   975  C  "C5'" . DA  B 1 21 ? -4.434  -14.476 -6.941  1.00 45.21  ? 21  DA  B "C5'" 1 
ATOM   976  C  "C4'" . DA  B 1 21 ? -3.902  -14.163 -8.318  1.00 32.95  ? 21  DA  B "C4'" 1 
ATOM   977  O  "O4'" . DA  B 1 21 ? -4.006  -15.337 -9.140  1.00 33.66  ? 21  DA  B "O4'" 1 
ATOM   978  C  "C3'" . DA  B 1 21 ? -4.661  -13.073 -9.072  1.00 21.87  ? 21  DA  B "C3'" 1 
ATOM   979  O  "O3'" . DA  B 1 21 ? -3.816  -12.461 -10.013 1.00 28.69  ? 21  DA  B "O3'" 1 
ATOM   980  C  "C2'" . DA  B 1 21 ? -5.779  -13.856 -9.769  1.00 32.55  ? 21  DA  B "C2'" 1 
ATOM   981  C  "C1'" . DA  B 1 21 ? -5.186  -15.270 -9.914  1.00 34.00  ? 21  DA  B "C1'" 1 
ATOM   982  N  N9    . DA  B 1 21 ? -6.080  -16.361 -9.508  1.00 22.23  ? 21  DA  B N9    1 
ATOM   983  C  C8    . DA  B 1 21 ? -5.888  -17.691 -9.750  1.00 28.58  ? 21  DA  B C8    1 
ATOM   984  N  N7    . DA  B 1 21 ? -6.837  -18.456 -9.290  1.00 26.12  ? 21  DA  B N7    1 
ATOM   985  C  C5    . DA  B 1 21 ? -7.711  -17.576 -8.669  1.00 25.28  ? 21  DA  B C5    1 
ATOM   986  C  C6    . DA  B 1 21 ? -8.931  -17.769 -7.983  1.00 21.03  ? 21  DA  B C6    1 
ATOM   987  N  N6    . DA  B 1 21 ? -9.488  -18.972 -7.790  1.00 33.58  ? 21  DA  B N6    1 
ATOM   988  N  N1    . DA  B 1 21 ? -9.560  -16.677 -7.486  1.00 35.83  ? 21  DA  B N1    1 
ATOM   989  C  C2    . DA  B 1 21 ? -9.005  -15.479 -7.675  1.00 28.04  ? 21  DA  B C2    1 
ATOM   990  N  N3    . DA  B 1 21 ? -7.879  -15.174 -8.306  1.00 24.85  ? 21  DA  B N3    1 
ATOM   991  C  C4    . DA  B 1 21 ? -7.269  -16.279 -8.791  1.00 19.21  ? 21  DA  B C4    1 
ATOM   992  P  P     . DA  B 1 22 ? -3.295  -10.963 -9.767  1.00 34.61  ? 22  DA  B P     1 
ATOM   993  O  OP1   . DA  B 1 22 ? -2.553  -10.566 -10.984 1.00 56.90  ? 22  DA  B OP1   1 
ATOM   994  O  OP2   . DA  B 1 22 ? -2.598  -10.908 -8.463  1.00 36.94  ? 22  DA  B OP2   1 
ATOM   995  O  "O5'" . DA  B 1 22 ? -4.633  -10.108 -9.697  1.00 34.66  ? 22  DA  B "O5'" 1 
ATOM   996  C  "C5'" . DA  B 1 22 ? -4.848  -9.240  -8.603  1.00 37.60  ? 22  DA  B "C5'" 1 
ATOM   997  C  "C4'" . DA  B 1 22 ? -6.147  -9.572  -7.905  1.00 33.23  ? 22  DA  B "C4'" 1 
ATOM   998  O  "O4'" . DA  B 1 22 ? -6.300  -8.707  -6.751  1.00 33.77  ? 22  DA  B "O4'" 1 
ATOM   999  C  "C3'" . DA  B 1 22 ? -7.390  -9.357  -8.747  1.00 29.63  ? 22  DA  B "C3'" 1 
ATOM   1000 O  "O3'" . DA  B 1 22 ? -7.714  -10.557 -9.413  1.00 42.34  ? 22  DA  B "O3'" 1 
ATOM   1001 C  "C2'" . DA  B 1 22 ? -8.444  -8.999  -7.696  1.00 36.30  ? 22  DA  B "C2'" 1 
ATOM   1002 C  "C1'" . DA  B 1 22 ? -7.620  -8.203  -6.680  1.00 24.21  ? 22  DA  B "C1'" 1 
ATOM   1003 N  N9    . DA  B 1 22 ? -7.574  -6.753  -6.949  1.00 21.45  ? 22  DA  B N9    1 
ATOM   1004 C  C8    . DA  B 1 22 ? -6.591  -6.071  -7.600  1.00 19.59  ? 22  DA  B C8    1 
ATOM   1005 N  N7    . DA  B 1 22 ? -6.808  -4.775  -7.693  1.00 17.97  ? 22  DA  B N7    1 
ATOM   1006 C  C5    . DA  B 1 22 ? -8.024  -4.601  -7.049  1.00 15.87  ? 22  DA  B C5    1 
ATOM   1007 C  C6    . DA  B 1 22 ? -8.812  -3.454  -6.791  1.00 28.16  ? 22  DA  B C6    1 
ATOM   1008 N  N6    . DA  B 1 22 ? -8.483  -2.219  -7.192  1.00 21.42  ? 22  DA  B N6    1 
ATOM   1009 N  N1    . DA  B 1 22 ? -9.965  -3.630  -6.129  1.00 24.55  ? 22  DA  B N1    1 
ATOM   1010 C  C2    . DA  B 1 22 ? -10.301 -4.866  -5.734  1.00 24.28  ? 22  DA  B C2    1 
ATOM   1011 N  N3    . DA  B 1 22 ? -9.643  -6.010  -5.902  1.00 22.45  ? 22  DA  B N3    1 
ATOM   1012 C  C4    . DA  B 1 22 ? -8.502  -5.806  -6.574  1.00 17.46  ? 22  DA  B C4    1 
HETATM 1013 K  K     . K   C 2 .  ? -1.951  1.049   1.024   1.00 11.82  ? 101 K   A K     1 
HETATM 1014 K  K     . K   D 2 .  ? -0.169  2.181   3.596   1.00 13.41  ? 102 K   A K     1 
HETATM 1015 K  K     . K   E 2 .  ? 1.693   3.159   6.218   1.00 13.56  ? 103 K   A K     1 
HETATM 1016 K  K     . K   F 2 .  ? -3.806  -0.067  -1.515  1.00 12.00  ? 101 K   B K     1 
HETATM 1017 K  K     . K   G 2 .  ? -5.590  -1.058  -4.226  1.00 12.46  ? 102 K   B K     1 
HETATM 1018 O  O     . HOH H 3 .  ? 13.129  8.459   -1.322  1.00 42.04  ? 201 HOH A O     1 
HETATM 1019 O  O     . HOH H 3 .  ? 8.162   10.027  -2.221  1.00 33.15  ? 202 HOH A O     1 
HETATM 1020 O  O     . HOH H 3 .  ? -8.043  8.591   9.545   1.00 33.26  ? 203 HOH A O     1 
HETATM 1021 O  O     . HOH H 3 .  ? 3.221   4.920   -6.891  1.00 32.98  ? 204 HOH A O     1 
HETATM 1022 O  O     . HOH H 3 .  ? 12.562  10.064  -13.358 1.00 35.81  ? 205 HOH A O     1 
HETATM 1023 O  O     . HOH H 3 .  ? 17.197  7.643   4.123   1.00 42.22  ? 206 HOH A O     1 
HETATM 1024 O  O     . HOH H 3 .  ? 5.392   11.021  7.421   1.00 25.33  ? 207 HOH A O     1 
HETATM 1025 O  O     . HOH H 3 .  ? 2.322   -5.945  12.415  1.00 32.63  ? 208 HOH A O     1 
HETATM 1026 O  O     . HOH H 3 .  ? 12.356  -14.844 9.763   1.00 37.75  ? 209 HOH A O     1 
HETATM 1027 O  O     . HOH H 3 .  ? 7.655   -9.241  6.819   1.00 40.98  ? 210 HOH A O     1 
HETATM 1028 O  O     . HOH H 3 .  ? 6.502   -9.401  12.113  1.00 37.94  ? 211 HOH A O     1 
HETATM 1029 O  O     . HOH H 3 .  ? -4.745  15.725  6.722   1.00 34.35  ? 212 HOH A O     1 
HETATM 1030 O  O     . HOH H 3 .  ? 10.920  3.641   2.819   1.00 23.76  ? 213 HOH A O     1 
HETATM 1031 O  O     . HOH H 3 .  ? -4.478  9.134   6.877   1.00 18.14  ? 214 HOH A O     1 
HETATM 1032 O  O     . HOH H 3 .  ? 6.476   -3.723  4.131   1.00 20.82  ? 215 HOH A O     1 
HETATM 1033 O  O     . HOH H 3 .  ? 9.367   -0.999  2.215   1.00 28.56  ? 216 HOH A O     1 
HETATM 1034 O  O     . HOH H 3 .  ? -2.753  9.372   -0.092  1.00 26.82  ? 217 HOH A O     1 
HETATM 1035 O  O     . HOH H 3 .  ? 5.507   7.880   0.045   1.00 30.18  ? 218 HOH A O     1 
HETATM 1036 O  O     . HOH H 3 .  ? 2.042   5.452   -5.013  1.00 18.61  ? 219 HOH A O     1 
HETATM 1037 O  O     . HOH H 3 .  ? 1.987   12.793  6.302   1.00 33.93  ? 220 HOH A O     1 
HETATM 1038 O  O     . HOH H 3 .  ? 5.594   5.063   -1.414  1.00 19.59  ? 221 HOH A O     1 
HETATM 1039 O  O     . HOH H 3 .  ? 3.974   10.882  1.082   1.00 29.74  ? 222 HOH A O     1 
HETATM 1040 O  O     . HOH H 3 .  ? 5.400   1.370   -3.226  1.00 30.91  ? 223 HOH A O     1 
HETATM 1041 O  O     . HOH H 3 .  ? -3.860  9.336   2.995   1.00 22.47  ? 224 HOH A O     1 
HETATM 1042 O  O     . HOH H 3 .  ? -3.587  8.358   10.621  1.00 23.02  ? 225 HOH A O     1 
HETATM 1043 O  O     . HOH H 3 .  ? -5.944  -0.242  8.689   1.00 25.51  ? 226 HOH A O     1 
HETATM 1044 O  O     . HOH H 3 .  ? -8.177  1.915   6.776   1.00 22.26  ? 227 HOH A O     1 
HETATM 1045 O  O     . HOH H 3 .  ? 16.399  5.258   5.890   1.00 37.90  ? 228 HOH A O     1 
HETATM 1046 O  O     . HOH H 3 .  ? 4.134   11.267  4.112   1.00 26.54  ? 229 HOH A O     1 
HETATM 1047 O  O     . HOH H 3 .  ? -3.284  -2.274  10.605  1.00 24.58  ? 230 HOH A O     1 
HETATM 1048 O  O     . HOH H 3 .  ? 2.958   -5.376  3.962   1.00 23.56  ? 231 HOH A O     1 
HETATM 1049 O  O     . HOH H 3 .  ? 13.564  17.297  2.796   1.00 35.10  ? 232 HOH A O     1 
HETATM 1050 O  O     . HOH H 3 .  ? 3.658   7.205   -10.657 1.00 30.76  ? 233 HOH A O     1 
HETATM 1051 O  O     . HOH H 3 .  ? 10.684  8.555   -3.147  1.00 37.86  ? 234 HOH A O     1 
HETATM 1052 O  O     . HOH H 3 .  ? -1.368  -3.880  10.931  1.00 30.67  ? 235 HOH A O     1 
HETATM 1053 O  O     . HOH H 3 .  ? -11.100 10.274  7.883   1.00 43.51  ? 236 HOH A O     1 
HETATM 1054 O  O     . HOH H 3 .  ? 0.841   -3.563  11.886  1.00 22.32  ? 237 HOH A O     1 
HETATM 1055 O  O     . HOH H 3 .  ? 4.120   -13.400 10.675  1.00 38.36  ? 238 HOH A O     1 
HETATM 1056 O  O     . HOH H 3 .  ? -4.709  10.142  12.380  1.00 36.54  ? 239 HOH A O     1 
HETATM 1057 O  O     . HOH H 3 .  ? -3.670  -9.549  12.187  1.00 40.57  ? 240 HOH A O     1 
HETATM 1058 O  O     . HOH H 3 .  ? 11.102  -3.215  4.932   1.00 35.13  ? 241 HOH A O     1 
HETATM 1059 O  O     . HOH H 3 .  ? -5.299  -9.582  10.226  1.00 42.91  ? 242 HOH A O     1 
HETATM 1060 O  O     . HOH H 3 .  ? -5.703  7.854   8.928   1.00 19.50  ? 243 HOH A O     1 
HETATM 1061 O  O     . HOH I 3 .  ? 1.716   -7.800  4.564   1.00 38.90  ? 201 HOH B O     1 
HETATM 1062 O  O     . HOH I 3 .  ? -14.749 3.856   1.142   1.00 37.10  ? 202 HOH B O     1 
HETATM 1063 O  O     . HOH I 3 .  ? -7.526  19.229  -11.706 1.00 32.30  ? 203 HOH B O     1 
HETATM 1064 O  O     . HOH I 3 .  ? 2.285   -0.692  -7.906  1.00 22.37  ? 204 HOH B O     1 
HETATM 1065 O  O     . HOH I 3 .  ? -0.749  -7.643  -0.652  1.00 23.58  ? 205 HOH B O     1 
HETATM 1066 O  O     . HOH I 3 .  ? 2.387   -10.509 7.704   1.00 39.01  ? 206 HOH B O     1 
HETATM 1067 O  O     . HOH I 3 .  ? -11.989 -7.406  -1.095  1.00 38.82  ? 207 HOH B O     1 
HETATM 1068 O  O     . HOH I 3 .  ? -13.689 0.549   -2.027  1.00 23.74  ? 208 HOH B O     1 
HETATM 1069 O  O     . HOH I 3 .  ? -9.956  -1.997  3.650   1.00 29.93  ? 209 HOH B O     1 
HETATM 1070 O  O     . HOH I 3 .  ? -10.051 1.716   -8.655  1.00 26.00  ? 210 HOH B O     1 
HETATM 1071 O  O     . HOH I 3 .  ? -4.316  -8.544  -0.952  1.00 25.91  ? 211 HOH B O     1 
HETATM 1072 O  O     . HOH I 3 .  ? -7.224  -4.252  5.198   1.00 25.14  ? 212 HOH B O     1 
HETATM 1073 O  O     . HOH I 3 .  ? -0.117  -6.496  4.333   1.00 18.30  ? 213 HOH B O     1 
HETATM 1074 O  O     . HOH I 3 .  ? 4.929   5.269   -10.358 1.00 46.09  ? 214 HOH B O     1 
HETATM 1075 O  O     . HOH I 3 .  ? -12.181 -0.116  1.402   1.00 17.19  ? 215 HOH B O     1 
HETATM 1076 O  O     . HOH I 3 .  ? 2.852   -5.826  -0.649  1.00 27.62  ? 216 HOH B O     1 
HETATM 1077 O  O     . HOH I 3 .  ? -6.175  7.230   -5.763  1.00 23.16  ? 217 HOH B O     1 
HETATM 1078 O  O     . HOH I 3 .  ? -10.594 -8.288  -4.610  1.00 31.20  ? 218 HOH B O     1 
HETATM 1079 O  O     . HOH I 3 .  ? -7.162  -9.796  -3.186  1.00 31.87  ? 219 HOH B O     1 
HETATM 1080 O  O     . HOH I 3 .  ? -4.391  7.318   -7.825  1.00 30.70  ? 220 HOH B O     1 
HETATM 1081 O  O     . HOH I 3 .  ? 1.012   5.547   -15.622 1.00 38.54  ? 221 HOH B O     1 
HETATM 1082 O  O     . HOH I 3 .  ? -9.374  -8.561  -2.065  1.00 31.19  ? 222 HOH B O     1 
HETATM 1083 O  O     . HOH I 3 .  ? -7.129  7.537   -2.134  1.00 29.90  ? 223 HOH B O     1 
HETATM 1084 O  O     . HOH I 3 .  ? 8.177   -0.536  -12.339 1.00 30.52  ? 224 HOH B O     1 
HETATM 1085 O  O     . HOH I 3 .  ? -0.782  -8.834  -7.697  1.00 32.44  ? 225 HOH B O     1 
HETATM 1086 O  O     . HOH I 3 .  ? 8.489   2.992   -19.218 1.00 36.29  ? 226 HOH B O     1 
HETATM 1087 O  O     . HOH I 3 .  ? 2.435   9.464   -16.805 1.00 39.06  ? 227 HOH B O     1 
HETATM 1088 O  O     . HOH I 3 .  ? -10.780 8.184   -4.290  1.00 37.81  ? 228 HOH B O     1 
HETATM 1089 O  O     . HOH I 3 .  ? -9.481  -16.758 -4.527  1.00 39.07  ? 229 HOH B O     1 
HETATM 1090 O  O     . HOH I 3 .  ? 2.164   2.497   -6.355  1.00 25.77  ? 230 HOH B O     1 
HETATM 1091 O  O     . HOH I 3 .  ? -0.831  -14.105 -1.634  1.00 35.76  ? 231 HOH B O     1 
HETATM 1092 O  O     . HOH I 3 .  ? -8.614  6.885   1.238   1.00 24.22  ? 232 HOH B O     1 
HETATM 1093 O  O     . HOH I 3 .  ? -12.793 8.736   5.930   1.00 29.83  ? 233 HOH B O     1 
HETATM 1094 O  O     . HOH I 3 .  ? 4.138   8.652   -14.496 1.00 36.60  ? 234 HOH B O     1 
HETATM 1095 O  O     . HOH I 3 .  ? -8.169  -13.036 5.766   1.00 44.51  ? 235 HOH B O     1 
HETATM 1096 O  O     . HOH I 3 .  ? -4.576  5.352   -10.152 1.00 32.17  ? 236 HOH B O     1 
HETATM 1097 O  O     . HOH I 3 .  ? 1.997   -5.013  -7.734  1.00 28.69  ? 237 HOH B O     1 
HETATM 1098 O  O     . HOH I 3 .  ? -15.151 -5.737  -3.945  1.00 34.73  ? 238 HOH B O     1 
HETATM 1099 O  O     . HOH I 3 .  ? -6.875  -8.885  0.323   1.00 32.07  ? 239 HOH B O     1 
HETATM 1100 O  O     . HOH I 3 .  ? -0.167  -6.477  -8.810  1.00 30.50  ? 240 HOH B O     1 
HETATM 1101 O  O     . HOH I 3 .  ? 8.542   9.898   -14.361 1.00 40.25  ? 241 HOH B O     1 
HETATM 1102 O  O     . HOH I 3 .  ? 4.969   -0.123  -11.426 1.00 38.91  ? 242 HOH B O     1 
HETATM 1103 O  O     . HOH I 3 .  ? -5.987  -14.670 -1.037  1.00 41.92  ? 243 HOH B O     1 
HETATM 1104 O  O     . HOH I 3 .  ? 0.791   -10.639 -11.058 1.00 46.14  ? 244 HOH B O     1 
HETATM 1105 O  O     . HOH I 3 .  ? -7.783  -11.902 -5.135  1.00 42.20  ? 245 HOH B O     1 
HETATM 1106 O  O     . HOH I 3 .  ? -16.567 0.677   -2.293  1.00 32.35  ? 246 HOH B O     1 
HETATM 1107 O  O     . HOH I 3 .  ? -9.859  -19.153 -4.300  1.00 39.31  ? 247 HOH B O     1 
HETATM 1108 O  O     . HOH I 3 .  ? 10.427  2.026   -20.196 1.00 37.88  ? 248 HOH B O     1 
HETATM 1109 O  O     . HOH I 3 .  ? -12.914 2.227   0.097   1.00 23.17  ? 249 HOH B O     1 
# 
loop_
_pdbx_poly_seq_scheme.asym_id 
_pdbx_poly_seq_scheme.entity_id 
_pdbx_poly_seq_scheme.seq_id 
_pdbx_poly_seq_scheme.mon_id 
_pdbx_poly_seq_scheme.ndb_seq_num 
_pdbx_poly_seq_scheme.pdb_seq_num 
_pdbx_poly_seq_scheme.auth_seq_num 
_pdbx_poly_seq_scheme.pdb_mon_id 
_pdbx_poly_seq_scheme.auth_mon_id 
_pdbx_poly_seq_scheme.pdb_strand_id 
_pdbx_poly_seq_scheme.pdb_ins_code 
_pdbx_poly_seq_scheme.hetero 
A 1 1  DA  1  1  1  DA  DA  A . n 
A 1 2  DG  2  2  2  DG  DG  A . n 
A 1 3  DG  3  3  3  DG  DG  A . n 
A 1 4  DG  4  4  4  DG  DG  A . n 
A 1 5  DC  5  5  5  DC  DC  A . n 
A 1 6  DG  6  6  6  DG  DG  A . n 
A 1 7  DG  7  7  7  DG  DG  A . n 
A 1 8  BRU 8  8  8  BRU BRU A . n 
A 1 9  DG  9  9  9  DG  DG  A . n 
A 1 10 DT  10 10 10 DT  DT  A . n 
A 1 11 DG  11 11 11 DG  DG  A . n 
A 1 12 DG  12 12 12 DG  DG  A . n 
A 1 13 DG  13 13 13 DG  DG  A . n 
A 1 14 DA  14 14 14 DA  DA  A . n 
A 1 15 DA  15 15 15 DA  DA  A . n 
A 1 16 BRU 16 16 16 BRU BRU A . n 
A 1 17 DA  17 17 17 DA  DA  A . n 
A 1 18 DG  18 18 18 DG  DG  A . n 
A 1 19 DG  19 19 19 DG  DG  A . n 
A 1 20 DG  20 20 20 DG  DG  A . n 
A 1 21 DA  21 21 21 DA  DA  A . n 
A 1 22 DA  22 22 22 DA  DA  A . n 
B 1 1  DA  1  1  1  DA  DA  B . n 
B 1 2  DG  2  2  2  DG  DG  B . n 
B 1 3  DG  3  3  3  DG  DG  B . n 
B 1 4  DG  4  4  4  DG  DG  B . n 
B 1 5  DC  5  5  5  DC  DC  B . n 
B 1 6  DG  6  6  6  DG  DG  B . n 
B 1 7  DG  7  7  7  DG  DG  B . n 
B 1 8  BRU 8  8  8  BRU BRU B . n 
B 1 9  DG  9  9  9  DG  DG  B . n 
B 1 10 DT  10 10 10 DT  DT  B . n 
B 1 11 DG  11 11 11 DG  DG  B . n 
B 1 12 DG  12 12 12 DG  DG  B . n 
B 1 13 DG  13 13 13 DG  DG  B . n 
B 1 14 DA  14 14 14 DA  DA  B . n 
B 1 15 DA  15 15 15 DA  DA  B . n 
B 1 16 BRU 16 16 16 BRU BRU B . n 
B 1 17 DA  17 17 17 DA  DA  B . n 
B 1 18 DG  18 18 18 DG  DG  B . n 
B 1 19 DG  19 19 19 DG  DG  B . n 
B 1 20 DG  20 20 20 DG  DG  B . n 
B 1 21 DA  21 21 21 DA  DA  B . n 
B 1 22 DA  22 22 22 DA  DA  B . n 
# 
loop_
_pdbx_nonpoly_scheme.asym_id 
_pdbx_nonpoly_scheme.entity_id 
_pdbx_nonpoly_scheme.mon_id 
_pdbx_nonpoly_scheme.ndb_seq_num 
_pdbx_nonpoly_scheme.pdb_seq_num 
_pdbx_nonpoly_scheme.auth_seq_num 
_pdbx_nonpoly_scheme.pdb_mon_id 
_pdbx_nonpoly_scheme.auth_mon_id 
_pdbx_nonpoly_scheme.pdb_strand_id 
_pdbx_nonpoly_scheme.pdb_ins_code 
C 2 K   1  101 1  K   K   A . 
D 2 K   1  102 4  K   K   A . 
E 2 K   1  103 5  K   K   A . 
F 2 K   1  101 2  K   K   B . 
G 2 K   1  102 3  K   K   B . 
H 3 HOH 1  201 76 HOH HOH A . 
H 3 HOH 2  202 91 HOH HOH A . 
H 3 HOH 3  203 52 HOH HOH A . 
H 3 HOH 4  204 72 HOH HOH A . 
H 3 HOH 5  205 37 HOH HOH A . 
H 3 HOH 6  206 84 HOH HOH A . 
H 3 HOH 7  207 29 HOH HOH A . 
H 3 HOH 8  208 83 HOH HOH A . 
H 3 HOH 9  209 59 HOH HOH A . 
H 3 HOH 10 210 36 HOH HOH A . 
H 3 HOH 11 211 22 HOH HOH A . 
H 3 HOH 12 212 27 HOH HOH A . 
H 3 HOH 13 213 45 HOH HOH A . 
H 3 HOH 14 214 6  HOH HOH A . 
H 3 HOH 15 215 15 HOH HOH A . 
H 3 HOH 16 216 60 HOH HOH A . 
H 3 HOH 17 217 31 HOH HOH A . 
H 3 HOH 18 218 42 HOH HOH A . 
H 3 HOH 19 219 2  HOH HOH A . 
H 3 HOH 20 220 51 HOH HOH A . 
H 3 HOH 21 221 8  HOH HOH A . 
H 3 HOH 22 222 80 HOH HOH A . 
H 3 HOH 23 223 41 HOH HOH A . 
H 3 HOH 24 224 3  HOH HOH A . 
H 3 HOH 25 225 7  HOH HOH A . 
H 3 HOH 26 226 58 HOH HOH A . 
H 3 HOH 27 227 20 HOH HOH A . 
H 3 HOH 28 228 92 HOH HOH A . 
H 3 HOH 29 229 32 HOH HOH A . 
H 3 HOH 30 230 13 HOH HOH A . 
H 3 HOH 31 231 28 HOH HOH A . 
H 3 HOH 32 232 78 HOH HOH A . 
H 3 HOH 33 233 63 HOH HOH A . 
H 3 HOH 34 234 90 HOH HOH A . 
H 3 HOH 35 235 4  HOH HOH A . 
H 3 HOH 36 236 53 HOH HOH A . 
H 3 HOH 37 237 55 HOH HOH A . 
H 3 HOH 38 238 35 HOH HOH A . 
H 3 HOH 39 239 86 HOH HOH A . 
H 3 HOH 40 240 88 HOH HOH A . 
H 3 HOH 41 241 44 HOH HOH A . 
H 3 HOH 42 242 87 HOH HOH A . 
H 3 HOH 43 243 43 HOH HOH A . 
I 3 HOH 1  201 85 HOH HOH B . 
I 3 HOH 2  202 62 HOH HOH B . 
I 3 HOH 3  203 38 HOH HOH B . 
I 3 HOH 4  204 17 HOH HOH B . 
I 3 HOH 5  205 61 HOH HOH B . 
I 3 HOH 6  206 68 HOH HOH B . 
I 3 HOH 7  207 66 HOH HOH B . 
I 3 HOH 8  208 30 HOH HOH B . 
I 3 HOH 9  209 10 HOH HOH B . 
I 3 HOH 10 210 26 HOH HOH B . 
I 3 HOH 11 211 14 HOH HOH B . 
I 3 HOH 12 212 12 HOH HOH B . 
I 3 HOH 13 213 1  HOH HOH B . 
I 3 HOH 14 214 9  HOH HOH B . 
I 3 HOH 15 215 18 HOH HOH B . 
I 3 HOH 16 216 33 HOH HOH B . 
I 3 HOH 17 217 21 HOH HOH B . 
I 3 HOH 18 218 56 HOH HOH B . 
I 3 HOH 19 219 24 HOH HOH B . 
I 3 HOH 20 220 25 HOH HOH B . 
I 3 HOH 21 221 73 HOH HOH B . 
I 3 HOH 22 222 64 HOH HOH B . 
I 3 HOH 23 223 11 HOH HOH B . 
I 3 HOH 24 224 48 HOH HOH B . 
I 3 HOH 25 225 23 HOH HOH B . 
I 3 HOH 26 226 71 HOH HOH B . 
I 3 HOH 27 227 77 HOH HOH B . 
I 3 HOH 28 228 39 HOH HOH B . 
I 3 HOH 29 229 81 HOH HOH B . 
I 3 HOH 30 230 40 HOH HOH B . 
I 3 HOH 31 231 57 HOH HOH B . 
I 3 HOH 32 232 16 HOH HOH B . 
I 3 HOH 33 233 54 HOH HOH B . 
I 3 HOH 34 234 50 HOH HOH B . 
I 3 HOH 35 235 46 HOH HOH B . 
I 3 HOH 36 236 82 HOH HOH B . 
I 3 HOH 37 237 74 HOH HOH B . 
I 3 HOH 38 238 49 HOH HOH B . 
I 3 HOH 39 239 34 HOH HOH B . 
I 3 HOH 40 240 5  HOH HOH B . 
I 3 HOH 41 241 47 HOH HOH B . 
I 3 HOH 42 242 65 HOH HOH B . 
I 3 HOH 43 243 67 HOH HOH B . 
I 3 HOH 44 244 89 HOH HOH B . 
I 3 HOH 45 245 79 HOH HOH B . 
I 3 HOH 46 246 69 HOH HOH B . 
I 3 HOH 47 247 75 HOH HOH B . 
I 3 HOH 48 248 70 HOH HOH B . 
I 3 HOH 49 249 19 HOH HOH B . 
# 
_pdbx_struct_assembly.id                   1 
_pdbx_struct_assembly.details              author_defined_assembly 
_pdbx_struct_assembly.method_details       ? 
_pdbx_struct_assembly.oligomeric_details   dimeric 
_pdbx_struct_assembly.oligomeric_count     2 
# 
_pdbx_struct_assembly_gen.assembly_id       1 
_pdbx_struct_assembly_gen.oper_expression   1 
_pdbx_struct_assembly_gen.asym_id_list      A,B,C,D,E,F,G,H,I 
# 
_pdbx_struct_oper_list.id                   1 
_pdbx_struct_oper_list.type                 'identity operation' 
_pdbx_struct_oper_list.name                 1_555 
_pdbx_struct_oper_list.symmetry_operation   x,y,z 
_pdbx_struct_oper_list.matrix[1][1]         1.0000000000 
_pdbx_struct_oper_list.matrix[1][2]         0.0000000000 
_pdbx_struct_oper_list.matrix[1][3]         0.0000000000 
_pdbx_struct_oper_list.vector[1]            0.0000000000 
_pdbx_struct_oper_list.matrix[2][1]         0.0000000000 
_pdbx_struct_oper_list.matrix[2][2]         1.0000000000 
_pdbx_struct_oper_list.matrix[2][3]         0.0000000000 
_pdbx_struct_oper_list.vector[2]            0.0000000000 
_pdbx_struct_oper_list.matrix[3][1]         0.0000000000 
_pdbx_struct_oper_list.matrix[3][2]         0.0000000000 
_pdbx_struct_oper_list.matrix[3][3]         1.0000000000 
_pdbx_struct_oper_list.vector[3]            0.0000000000 
# 
loop_
_pdbx_struct_conn_angle.id 
_pdbx_struct_conn_angle.ptnr1_label_atom_id 
_pdbx_struct_conn_angle.ptnr1_label_alt_id 
_pdbx_struct_conn_angle.ptnr1_label_asym_id 
_pdbx_struct_conn_angle.ptnr1_label_comp_id 
_pdbx_struct_conn_angle.ptnr1_label_seq_id 
_pdbx_struct_conn_angle.ptnr1_auth_atom_id 
_pdbx_struct_conn_angle.ptnr1_auth_asym_id 
_pdbx_struct_conn_angle.ptnr1_auth_comp_id 
_pdbx_struct_conn_angle.ptnr1_auth_seq_id 
_pdbx_struct_conn_angle.ptnr1_PDB_ins_code 
_pdbx_struct_conn_angle.ptnr1_symmetry 
_pdbx_struct_conn_angle.ptnr2_label_atom_id 
_pdbx_struct_conn_angle.ptnr2_label_alt_id 
_pdbx_struct_conn_angle.ptnr2_label_asym_id 
_pdbx_struct_conn_angle.ptnr2_label_comp_id 
_pdbx_struct_conn_angle.ptnr2_label_seq_id 
_pdbx_struct_conn_angle.ptnr2_auth_atom_id 
_pdbx_struct_conn_angle.ptnr2_auth_asym_id 
_pdbx_struct_conn_angle.ptnr2_auth_comp_id 
_pdbx_struct_conn_angle.ptnr2_auth_seq_id 
_pdbx_struct_conn_angle.ptnr2_PDB_ins_code 
_pdbx_struct_conn_angle.ptnr2_symmetry 
_pdbx_struct_conn_angle.ptnr3_label_atom_id 
_pdbx_struct_conn_angle.ptnr3_label_alt_id 
_pdbx_struct_conn_angle.ptnr3_label_asym_id 
_pdbx_struct_conn_angle.ptnr3_label_comp_id 
_pdbx_struct_conn_angle.ptnr3_label_seq_id 
_pdbx_struct_conn_angle.ptnr3_auth_atom_id 
_pdbx_struct_conn_angle.ptnr3_auth_asym_id 
_pdbx_struct_conn_angle.ptnr3_auth_comp_id 
_pdbx_struct_conn_angle.ptnr3_auth_seq_id 
_pdbx_struct_conn_angle.ptnr3_PDB_ins_code 
_pdbx_struct_conn_angle.ptnr3_symmetry 
_pdbx_struct_conn_angle.value 
_pdbx_struct_conn_angle.value_esd 
1   O6 A A DG 2  ? A DG 2  ? 1_555 K ? C K . ? A K 101 ? 1_555 O6 B A DG 2  ? A DG 2  ? 1_555 9.3   ? 
2   O6 A A DG 2  ? A DG 2  ? 1_555 K ? C K . ? A K 101 ? 1_555 O6 ? A DG 6  ? A DG 6  ? 1_555 71.5  ? 
3   O6 B A DG 2  ? A DG 2  ? 1_555 K ? C K . ? A K 101 ? 1_555 O6 ? A DG 6  ? A DG 6  ? 1_555 63.9  ? 
4   O6 A A DG 2  ? A DG 2  ? 1_555 K ? C K . ? A K 101 ? 1_555 O6 ? A DG 11 ? A DG 11 ? 1_555 107.0 ? 
5   O6 B A DG 2  ? A DG 2  ? 1_555 K ? C K . ? A K 101 ? 1_555 O6 ? A DG 11 ? A DG 11 ? 1_555 107.7 ? 
6   O6 ? A DG 6  ? A DG 6  ? 1_555 K ? C K . ? A K 101 ? 1_555 O6 ? A DG 11 ? A DG 11 ? 1_555 69.7  ? 
7   O6 A A DG 2  ? A DG 2  ? 1_555 K ? C K . ? A K 101 ? 1_555 O6 ? A DG 18 ? A DG 18 ? 1_555 65.5  ? 
8   O6 B A DG 2  ? A DG 2  ? 1_555 K ? C K . ? A K 101 ? 1_555 O6 ? A DG 18 ? A DG 18 ? 1_555 73.9  ? 
9   O6 ? A DG 6  ? A DG 6  ? 1_555 K ? C K . ? A K 101 ? 1_555 O6 ? A DG 18 ? A DG 18 ? 1_555 107.2 ? 
10  O6 ? A DG 11 ? A DG 11 ? 1_555 K ? C K . ? A K 101 ? 1_555 O6 ? A DG 18 ? A DG 18 ? 1_555 70.7  ? 
11  O6 A A DG 2  ? A DG 2  ? 1_555 K ? C K . ? A K 101 ? 1_555 O6 A B DG 2  ? B DG 2  ? 1_555 147.7 ? 
12  O6 B A DG 2  ? A DG 2  ? 1_555 K ? C K . ? A K 101 ? 1_555 O6 A B DG 2  ? B DG 2  ? 1_555 156.3 ? 
13  O6 ? A DG 6  ? A DG 6  ? 1_555 K ? C K . ? A K 101 ? 1_555 O6 A B DG 2  ? B DG 2  ? 1_555 139.3 ? 
14  O6 ? A DG 11 ? A DG 11 ? 1_555 K ? C K . ? A K 101 ? 1_555 O6 A B DG 2  ? B DG 2  ? 1_555 82.9  ? 
15  O6 ? A DG 18 ? A DG 18 ? 1_555 K ? C K . ? A K 101 ? 1_555 O6 A B DG 2  ? B DG 2  ? 1_555 90.5  ? 
16  O6 A A DG 2  ? A DG 2  ? 1_555 K ? C K . ? A K 101 ? 1_555 O6 B B DG 2  ? B DG 2  ? 1_555 155.1 ? 
17  O6 B A DG 2  ? A DG 2  ? 1_555 K ? C K . ? A K 101 ? 1_555 O6 B B DG 2  ? B DG 2  ? 1_555 164.0 ? 
18  O6 ? A DG 6  ? A DG 6  ? 1_555 K ? C K . ? A K 101 ? 1_555 O6 B B DG 2  ? B DG 2  ? 1_555 131.2 ? 
19  O6 ? A DG 11 ? A DG 11 ? 1_555 K ? C K . ? A K 101 ? 1_555 O6 B B DG 2  ? B DG 2  ? 1_555 77.6  ? 
20  O6 ? A DG 18 ? A DG 18 ? 1_555 K ? C K . ? A K 101 ? 1_555 O6 B B DG 2  ? B DG 2  ? 1_555 94.4  ? 
21  O6 A B DG 2  ? B DG 2  ? 1_555 K ? C K . ? A K 101 ? 1_555 O6 B B DG 2  ? B DG 2  ? 1_555 8.0   ? 
22  O6 A A DG 2  ? A DG 2  ? 1_555 K ? C K . ? A K 101 ? 1_555 O6 ? B DG 6  ? B DG 6  ? 1_555 138.7 ? 
23  O6 B A DG 2  ? A DG 2  ? 1_555 K ? C K . ? A K 101 ? 1_555 O6 ? B DG 6  ? B DG 6  ? 1_555 129.7 ? 
24  O6 ? A DG 6  ? A DG 6  ? 1_555 K ? C K . ? A K 101 ? 1_555 O6 ? B DG 6  ? B DG 6  ? 1_555 79.5  ? 
25  O6 ? A DG 11 ? A DG 11 ? 1_555 K ? C K . ? A K 101 ? 1_555 O6 ? B DG 6  ? B DG 6  ? 1_555 89.0  ? 
26  O6 ? A DG 18 ? A DG 18 ? 1_555 K ? C K . ? A K 101 ? 1_555 O6 ? B DG 6  ? B DG 6  ? 1_555 153.8 ? 
27  O6 A B DG 2  ? B DG 2  ? 1_555 K ? C K . ? A K 101 ? 1_555 O6 ? B DG 6  ? B DG 6  ? 1_555 70.2  ? 
28  O6 B B DG 2  ? B DG 2  ? 1_555 K ? C K . ? A K 101 ? 1_555 O6 ? B DG 6  ? B DG 6  ? 1_555 64.5  ? 
29  O6 A A DG 2  ? A DG 2  ? 1_555 K ? C K . ? A K 101 ? 1_555 O6 ? B DG 11 ? B DG 11 ? 1_555 82.9  ? 
30  O6 B A DG 2  ? A DG 2  ? 1_555 K ? C K . ? A K 101 ? 1_555 O6 ? B DG 11 ? B DG 11 ? 1_555 77.6  ? 
31  O6 ? A DG 6  ? A DG 6  ? 1_555 K ? C K . ? A K 101 ? 1_555 O6 ? B DG 11 ? B DG 11 ? 1_555 86.6  ? 
32  O6 ? A DG 11 ? A DG 11 ? 1_555 K ? C K . ? A K 101 ? 1_555 O6 ? B DG 11 ? B DG 11 ? 1_555 148.8 ? 
33  O6 ? A DG 18 ? A DG 18 ? 1_555 K ? C K . ? A K 101 ? 1_555 O6 ? B DG 11 ? B DG 11 ? 1_555 138.0 ? 
34  O6 A B DG 2  ? B DG 2  ? 1_555 K ? C K . ? A K 101 ? 1_555 O6 ? B DG 11 ? B DG 11 ? 1_555 104.7 ? 
35  O6 B B DG 2  ? B DG 2  ? 1_555 K ? C K . ? A K 101 ? 1_555 O6 ? B DG 11 ? B DG 11 ? 1_555 106.0 ? 
36  O6 ? B DG 6  ? B DG 6  ? 1_555 K ? C K . ? A K 101 ? 1_555 O6 ? B DG 11 ? B DG 11 ? 1_555 66.4  ? 
37  O6 A A DG 2  ? A DG 2  ? 1_555 K ? C K . ? A K 101 ? 1_555 O6 ? B DG 18 ? B DG 18 ? 1_555 87.8  ? 
38  O6 B A DG 2  ? A DG 2  ? 1_555 K ? C K . ? A K 101 ? 1_555 O6 ? B DG 18 ? B DG 18 ? 1_555 93.1  ? 
39  O6 ? A DG 6  ? A DG 6  ? 1_555 K ? C K . ? A K 101 ? 1_555 O6 ? B DG 18 ? B DG 18 ? 1_555 150.7 ? 
40  O6 ? A DG 11 ? A DG 11 ? 1_555 K ? C K . ? A K 101 ? 1_555 O6 ? B DG 18 ? B DG 18 ? 1_555 138.2 ? 
41  O6 ? A DG 18 ? A DG 18 ? 1_555 K ? C K . ? A K 101 ? 1_555 O6 ? B DG 18 ? B DG 18 ? 1_555 81.4  ? 
42  O6 A B DG 2  ? B DG 2  ? 1_555 K ? C K . ? A K 101 ? 1_555 O6 ? B DG 18 ? B DG 18 ? 1_555 66.5  ? 
43  O6 B B DG 2  ? B DG 2  ? 1_555 K ? C K . ? A K 101 ? 1_555 O6 ? B DG 18 ? B DG 18 ? 1_555 74.1  ? 
44  O6 ? B DG 6  ? B DG 6  ? 1_555 K ? C K . ? A K 101 ? 1_555 O6 ? B DG 18 ? B DG 18 ? 1_555 105.4 ? 
45  O6 ? B DG 11 ? B DG 11 ? 1_555 K ? C K . ? A K 101 ? 1_555 O6 ? B DG 18 ? B DG 18 ? 1_555 70.0  ? 
46  O6 A A DG 2  ? A DG 2  ? 1_555 K ? D K . ? A K 102 ? 1_555 O6 B A DG 2  ? A DG 2  ? 1_555 10.1  ? 
47  O6 A A DG 2  ? A DG 2  ? 1_555 K ? D K . ? A K 102 ? 1_555 O6 ? A DG 3  ? A DG 3  ? 1_555 78.5  ? 
48  O6 B A DG 2  ? A DG 2  ? 1_555 K ? D K . ? A K 102 ? 1_555 O6 ? A DG 3  ? A DG 3  ? 1_555 79.0  ? 
49  O6 A A DG 2  ? A DG 2  ? 1_555 K ? D K . ? A K 102 ? 1_555 O6 ? A DG 6  ? A DG 6  ? 1_555 73.6  ? 
50  O6 B A DG 2  ? A DG 2  ? 1_555 K ? D K . ? A K 102 ? 1_555 O6 ? A DG 6  ? A DG 6  ? 1_555 63.5  ? 
51  O6 ? A DG 3  ? A DG 3  ? 1_555 K ? D K . ? A K 102 ? 1_555 O6 ? A DG 6  ? A DG 6  ? 1_555 92.2  ? 
52  O6 A A DG 2  ? A DG 2  ? 1_555 K ? D K . ? A K 102 ? 1_555 O6 ? A DG 7  ? A DG 7  ? 1_555 137.0 ? 
53  O6 B A DG 2  ? A DG 2  ? 1_555 K ? D K . ? A K 102 ? 1_555 O6 ? A DG 7  ? A DG 7  ? 1_555 129.3 ? 
54  O6 ? A DG 3  ? A DG 3  ? 1_555 K ? D K . ? A K 102 ? 1_555 O6 ? A DG 7  ? A DG 7  ? 1_555 72.8  ? 
55  O6 ? A DG 6  ? A DG 6  ? 1_555 K ? D K . ? A K 102 ? 1_555 O6 ? A DG 7  ? A DG 7  ? 1_555 76.3  ? 
56  O6 A A DG 2  ? A DG 2  ? 1_555 K ? D K . ? A K 102 ? 1_555 O6 ? A DG 11 ? A DG 11 ? 1_555 106.9 ? 
57  O6 B A DG 2  ? A DG 2  ? 1_555 K ? D K . ? A K 102 ? 1_555 O6 ? A DG 11 ? A DG 11 ? 1_555 102.5 ? 
58  O6 ? A DG 3  ? A DG 3  ? 1_555 K ? D K . ? A K 102 ? 1_555 O6 ? A DG 11 ? A DG 11 ? 1_555 157.6 ? 
59  O6 ? A DG 6  ? A DG 6  ? 1_555 K ? D K . ? A K 102 ? 1_555 O6 ? A DG 11 ? A DG 11 ? 1_555 69.4  ? 
60  O6 ? A DG 7  ? A DG 7  ? 1_555 K ? D K . ? A K 102 ? 1_555 O6 ? A DG 11 ? A DG 11 ? 1_555 89.9  ? 
61  O6 A A DG 2  ? A DG 2  ? 1_555 K ? D K . ? A K 102 ? 1_555 O6 ? A DG 12 ? A DG 12 ? 1_555 151.2 ? 
62  O6 B A DG 2  ? A DG 2  ? 1_555 K ? D K . ? A K 102 ? 1_555 O6 ? A DG 12 ? A DG 12 ? 1_555 160.2 ? 
63  O6 ? A DG 3  ? A DG 3  ? 1_555 K ? D K . ? A K 102 ? 1_555 O6 ? A DG 12 ? A DG 12 ? 1_555 109.7 ? 
64  O6 ? A DG 6  ? A DG 6  ? 1_555 K ? D K . ? A K 102 ? 1_555 O6 ? A DG 12 ? A DG 12 ? 1_555 131.6 ? 
65  O6 ? A DG 7  ? A DG 7  ? 1_555 K ? D K . ? A K 102 ? 1_555 O6 ? A DG 12 ? A DG 12 ? 1_555 70.4  ? 
66  O6 ? A DG 11 ? A DG 11 ? 1_555 K ? D K . ? A K 102 ? 1_555 O6 ? A DG 12 ? A DG 12 ? 1_555 76.3  ? 
67  O6 A A DG 2  ? A DG 2  ? 1_555 K ? D K . ? A K 102 ? 1_555 O6 ? A DG 18 ? A DG 18 ? 1_555 65.4  ? 
68  O6 B A DG 2  ? A DG 2  ? 1_555 K ? D K . ? A K 102 ? 1_555 O6 ? A DG 18 ? A DG 18 ? 1_555 70.9  ? 
69  O6 ? A DG 3  ? A DG 3  ? 1_555 K ? D K . ? A K 102 ? 1_555 O6 ? A DG 18 ? A DG 18 ? 1_555 131.5 ? 
70  O6 ? A DG 6  ? A DG 6  ? 1_555 K ? D K . ? A K 102 ? 1_555 O6 ? A DG 18 ? A DG 18 ? 1_555 106.4 ? 
71  O6 ? A DG 7  ? A DG 7  ? 1_555 K ? D K . ? A K 102 ? 1_555 O6 ? A DG 18 ? A DG 18 ? 1_555 154.4 ? 
72  O6 ? A DG 11 ? A DG 11 ? 1_555 K ? D K . ? A K 102 ? 1_555 O6 ? A DG 18 ? A DG 18 ? 1_555 68.2  ? 
73  O6 ? A DG 12 ? A DG 12 ? 1_555 K ? D K . ? A K 102 ? 1_555 O6 ? A DG 18 ? A DG 18 ? 1_555 90.8  ? 
74  O6 A A DG 2  ? A DG 2  ? 1_555 K ? D K . ? A K 102 ? 1_555 O6 ? A DG 19 ? A DG 19 ? 1_555 87.5  ? 
75  O6 B A DG 2  ? A DG 2  ? 1_555 K ? D K . ? A K 102 ? 1_555 O6 ? A DG 19 ? A DG 19 ? 1_555 97.1  ? 
76  O6 ? A DG 3  ? A DG 3  ? 1_555 K ? D K . ? A K 102 ? 1_555 O6 ? A DG 19 ? A DG 19 ? 1_555 69.1  ? 
77  O6 ? A DG 6  ? A DG 6  ? 1_555 K ? D K . ? A K 102 ? 1_555 O6 ? A DG 19 ? A DG 19 ? 1_555 156.0 ? 
78  O6 ? A DG 7  ? A DG 7  ? 1_555 K ? D K . ? A K 102 ? 1_555 O6 ? A DG 19 ? A DG 19 ? 1_555 110.5 ? 
79  O6 ? A DG 11 ? A DG 11 ? 1_555 K ? D K . ? A K 102 ? 1_555 O6 ? A DG 19 ? A DG 19 ? 1_555 131.8 ? 
80  O6 ? A DG 12 ? A DG 12 ? 1_555 K ? D K . ? A K 102 ? 1_555 O6 ? A DG 19 ? A DG 19 ? 1_555 71.0  ? 
81  O6 ? A DG 18 ? A DG 18 ? 1_555 K ? D K . ? A K 102 ? 1_555 O6 ? A DG 19 ? A DG 19 ? 1_555 77.7  ? 
82  O6 ? A DG 3  ? A DG 3  ? 1_555 K ? E K . ? A K 103 ? 1_555 O6 ? A DG 4  ? A DG 4  ? 1_555 72.5  ? 
83  O6 ? A DG 3  ? A DG 3  ? 1_555 K ? E K . ? A K 103 ? 1_555 O6 ? A DG 7  ? A DG 7  ? 1_555 67.3  ? 
84  O6 ? A DG 4  ? A DG 4  ? 1_555 K ? E K . ? A K 103 ? 1_555 O6 ? A DG 7  ? A DG 7  ? 1_555 93.0  ? 
85  O6 ? A DG 3  ? A DG 3  ? 1_555 K ? E K . ? A K 103 ? 1_555 O6 ? A DG 9  ? A DG 9  ? 1_555 128.0 ? 
86  O6 ? A DG 4  ? A DG 4  ? 1_555 K ? E K . ? A K 103 ? 1_555 O6 ? A DG 9  ? A DG 9  ? 1_555 74.5  ? 
87  O6 ? A DG 7  ? A DG 7  ? 1_555 K ? E K . ? A K 103 ? 1_555 O6 ? A DG 9  ? A DG 9  ? 1_555 75.5  ? 
88  O6 ? A DG 3  ? A DG 3  ? 1_555 K ? E K . ? A K 103 ? 1_555 O6 ? A DG 12 ? A DG 12 ? 1_555 101.1 ? 
89  O6 ? A DG 4  ? A DG 4  ? 1_555 K ? E K . ? A K 103 ? 1_555 O6 ? A DG 12 ? A DG 12 ? 1_555 156.5 ? 
90  O6 ? A DG 7  ? A DG 7  ? 1_555 K ? E K . ? A K 103 ? 1_555 O6 ? A DG 12 ? A DG 12 ? 1_555 64.0  ? 
91  O6 ? A DG 9  ? A DG 9  ? 1_555 K ? E K . ? A K 103 ? 1_555 O6 ? A DG 12 ? A DG 12 ? 1_555 93.5  ? 
92  O6 ? A DG 3  ? A DG 3  ? 1_555 K ? E K . ? A K 103 ? 1_555 O6 ? A DG 13 ? A DG 13 ? 1_555 156.1 ? 
93  O6 ? A DG 4  ? A DG 4  ? 1_555 K ? E K . ? A K 103 ? 1_555 O6 ? A DG 13 ? A DG 13 ? 1_555 119.6 ? 
94  O6 ? A DG 7  ? A DG 7  ? 1_555 K ? E K . ? A K 103 ? 1_555 O6 ? A DG 13 ? A DG 13 ? 1_555 127.9 ? 
95  O6 ? A DG 9  ? A DG 9  ? 1_555 K ? E K . ? A K 103 ? 1_555 O6 ? A DG 13 ? A DG 13 ? 1_555 75.9  ? 
96  O6 ? A DG 12 ? A DG 12 ? 1_555 K ? E K . ? A K 103 ? 1_555 O6 ? A DG 13 ? A DG 13 ? 1_555 75.3  ? 
97  O6 ? A DG 3  ? A DG 3  ? 1_555 K ? E K . ? A K 103 ? 1_555 O6 ? A DG 19 ? A DG 19 ? 1_555 66.2  ? 
98  O6 ? A DG 4  ? A DG 4  ? 1_555 K ? E K . ? A K 103 ? 1_555 O6 ? A DG 19 ? A DG 19 ? 1_555 126.4 ? 
99  O6 ? A DG 7  ? A DG 7  ? 1_555 K ? E K . ? A K 103 ? 1_555 O6 ? A DG 19 ? A DG 19 ? 1_555 100.8 ? 
100 O6 ? A DG 9  ? A DG 9  ? 1_555 K ? E K . ? A K 103 ? 1_555 O6 ? A DG 19 ? A DG 19 ? 1_555 159.1 ? 
101 O6 ? A DG 12 ? A DG 12 ? 1_555 K ? E K . ? A K 103 ? 1_555 O6 ? A DG 19 ? A DG 19 ? 1_555 67.0  ? 
102 O6 ? A DG 13 ? A DG 13 ? 1_555 K ? E K . ? A K 103 ? 1_555 O6 ? A DG 19 ? A DG 19 ? 1_555 91.2  ? 
103 O6 ? A DG 3  ? A DG 3  ? 1_555 K ? E K . ? A K 103 ? 1_555 O6 ? A DG 20 ? A DG 20 ? 1_555 87.5  ? 
104 O6 ? A DG 4  ? A DG 4  ? 1_555 K ? E K . ? A K 103 ? 1_555 O6 ? A DG 20 ? A DG 20 ? 1_555 74.7  ? 
105 O6 ? A DG 7  ? A DG 7  ? 1_555 K ? E K . ? A K 103 ? 1_555 O6 ? A DG 20 ? A DG 20 ? 1_555 154.4 ? 
106 O6 ? A DG 9  ? A DG 9  ? 1_555 K ? E K . ? A K 103 ? 1_555 O6 ? A DG 20 ? A DG 20 ? 1_555 120.7 ? 
107 O6 ? A DG 12 ? A DG 12 ? 1_555 K ? E K . ? A K 103 ? 1_555 O6 ? A DG 20 ? A DG 20 ? 1_555 128.4 ? 
108 O6 ? A DG 13 ? A DG 13 ? 1_555 K ? E K . ? A K 103 ? 1_555 O6 ? A DG 20 ? A DG 20 ? 1_555 77.3  ? 
109 O6 ? A DG 19 ? A DG 19 ? 1_555 K ? E K . ? A K 103 ? 1_555 O6 ? A DG 20 ? A DG 20 ? 1_555 70.9  ? 
110 O6 A B DG 2  ? B DG 2  ? 1_555 K ? F K . ? B K 101 ? 1_555 O6 B B DG 2  ? B DG 2  ? 1_555 9.2   ? 
111 O6 A B DG 2  ? B DG 2  ? 1_555 K ? F K . ? B K 101 ? 1_555 O6 ? B DG 3  ? B DG 3  ? 1_555 77.8  ? 
112 O6 B B DG 2  ? B DG 2  ? 1_555 K ? F K . ? B K 101 ? 1_555 O6 ? B DG 3  ? B DG 3  ? 1_555 78.7  ? 
113 O6 A B DG 2  ? B DG 2  ? 1_555 K ? F K . ? B K 101 ? 1_555 O6 ? B DG 6  ? B DG 6  ? 1_555 74.4  ? 
114 O6 B B DG 2  ? B DG 2  ? 1_555 K ? F K . ? B K 101 ? 1_555 O6 ? B DG 6  ? B DG 6  ? 1_555 65.2  ? 
115 O6 ? B DG 3  ? B DG 3  ? 1_555 K ? F K . ? B K 101 ? 1_555 O6 ? B DG 6  ? B DG 6  ? 1_555 91.0  ? 
116 O6 A B DG 2  ? B DG 2  ? 1_555 K ? F K . ? B K 101 ? 1_555 O6 ? B DG 7  ? B DG 7  ? 1_555 137.3 ? 
117 O6 B B DG 2  ? B DG 2  ? 1_555 K ? F K . ? B K 101 ? 1_555 O6 ? B DG 7  ? B DG 7  ? 1_555 130.7 ? 
118 O6 ? B DG 3  ? B DG 3  ? 1_555 K ? F K . ? B K 101 ? 1_555 O6 ? B DG 7  ? B DG 7  ? 1_555 73.3  ? 
119 O6 ? B DG 6  ? B DG 6  ? 1_555 K ? F K . ? B K 101 ? 1_555 O6 ? B DG 7  ? B DG 7  ? 1_555 75.5  ? 
120 O6 A B DG 2  ? B DG 2  ? 1_555 K ? F K . ? B K 101 ? 1_555 O6 ? B DG 11 ? B DG 11 ? 1_555 107.9 ? 
121 O6 B B DG 2  ? B DG 2  ? 1_555 K ? F K . ? B K 101 ? 1_555 O6 ? B DG 11 ? B DG 11 ? 1_555 103.0 ? 
122 O6 ? B DG 3  ? B DG 3  ? 1_555 K ? F K . ? B K 101 ? 1_555 O6 ? B DG 11 ? B DG 11 ? 1_555 153.3 ? 
123 O6 ? B DG 6  ? B DG 6  ? 1_555 K ? F K . ? B K 101 ? 1_555 O6 ? B DG 11 ? B DG 11 ? 1_555 66.6  ? 
124 O6 ? B DG 7  ? B DG 7  ? 1_555 K ? F K . ? B K 101 ? 1_555 O6 ? B DG 11 ? B DG 11 ? 1_555 86.5  ? 
125 O6 A B DG 2  ? B DG 2  ? 1_555 K ? F K . ? B K 101 ? 1_555 O6 ? B DG 12 ? B DG 12 ? 1_555 153.2 ? 
126 O6 B B DG 2  ? B DG 2  ? 1_555 K ? F K . ? B K 101 ? 1_555 O6 ? B DG 12 ? B DG 12 ? 1_555 160.4 ? 
127 O6 ? B DG 3  ? B DG 3  ? 1_555 K ? F K . ? B K 101 ? 1_555 O6 ? B DG 12 ? B DG 12 ? 1_555 113.0 ? 
128 O6 ? B DG 6  ? B DG 6  ? 1_555 K ? F K . ? B K 101 ? 1_555 O6 ? B DG 12 ? B DG 12 ? 1_555 127.5 ? 
129 O6 ? B DG 7  ? B DG 7  ? 1_555 K ? F K . ? B K 101 ? 1_555 O6 ? B DG 12 ? B DG 12 ? 1_555 68.9  ? 
130 O6 ? B DG 11 ? B DG 11 ? 1_555 K ? F K . ? B K 101 ? 1_555 O6 ? B DG 12 ? B DG 12 ? 1_555 73.9  ? 
131 O6 A B DG 2  ? B DG 2  ? 1_555 K ? F K . ? B K 101 ? 1_555 O6 ? B DG 18 ? B DG 18 ? 1_555 69.1  ? 
132 O6 B B DG 2  ? B DG 2  ? 1_555 K ? F K . ? B K 101 ? 1_555 O6 ? B DG 18 ? B DG 18 ? 1_555 73.4  ? 
133 O6 ? B DG 3  ? B DG 3  ? 1_555 K ? F K . ? B K 101 ? 1_555 O6 ? B DG 18 ? B DG 18 ? 1_555 134.9 ? 
134 O6 ? B DG 6  ? B DG 6  ? 1_555 K ? F K . ? B K 101 ? 1_555 O6 ? B DG 18 ? B DG 18 ? 1_555 107.8 ? 
135 O6 ? B DG 7  ? B DG 7  ? 1_555 K ? F K . ? B K 101 ? 1_555 O6 ? B DG 18 ? B DG 18 ? 1_555 150.2 ? 
136 O6 ? B DG 11 ? B DG 11 ? 1_555 K ? F K . ? B K 101 ? 1_555 O6 ? B DG 18 ? B DG 18 ? 1_555 68.9  ? 
137 O6 ? B DG 12 ? B DG 12 ? 1_555 K ? F K . ? B K 101 ? 1_555 O6 ? B DG 18 ? B DG 18 ? 1_555 87.7  ? 
138 O6 A B DG 2  ? B DG 2  ? 1_555 K ? F K . ? B K 101 ? 1_555 O6 ? B DG 19 ? B DG 19 ? 1_555 88.9  ? 
139 O6 B B DG 2  ? B DG 2  ? 1_555 K ? F K . ? B K 101 ? 1_555 O6 ? B DG 19 ? B DG 19 ? 1_555 97.8  ? 
140 O6 ? B DG 3  ? B DG 3  ? 1_555 K ? F K . ? B K 101 ? 1_555 O6 ? B DG 19 ? B DG 19 ? 1_555 72.1  ? 
141 O6 ? B DG 6  ? B DG 6  ? 1_555 K ? F K . ? B K 101 ? 1_555 O6 ? B DG 19 ? B DG 19 ? 1_555 158.6 ? 
142 O6 ? B DG 7  ? B DG 7  ? 1_555 K ? F K . ? B K 101 ? 1_555 O6 ? B DG 19 ? B DG 19 ? 1_555 110.7 ? 
143 O6 ? B DG 11 ? B DG 11 ? 1_555 K ? F K . ? B K 101 ? 1_555 O6 ? B DG 19 ? B DG 19 ? 1_555 132.8 ? 
144 O6 ? B DG 12 ? B DG 12 ? 1_555 K ? F K . ? B K 101 ? 1_555 O6 ? B DG 19 ? B DG 19 ? 1_555 72.6  ? 
145 O6 ? B DG 18 ? B DG 18 ? 1_555 K ? F K . ? B K 101 ? 1_555 O6 ? B DG 19 ? B DG 19 ? 1_555 77.4  ? 
146 O6 ? B DG 3  ? B DG 3  ? 1_555 K ? G K . ? B K 102 ? 1_555 O6 ? B DG 4  ? B DG 4  ? 1_555 72.6  ? 
147 O6 ? B DG 3  ? B DG 3  ? 1_555 K ? G K . ? B K 102 ? 1_555 O6 ? B DG 7  ? B DG 7  ? 1_555 65.7  ? 
148 O6 ? B DG 4  ? B DG 4  ? 1_555 K ? G K . ? B K 102 ? 1_555 O6 ? B DG 7  ? B DG 7  ? 1_555 94.4  ? 
149 O6 ? B DG 3  ? B DG 3  ? 1_555 K ? G K . ? B K 102 ? 1_555 O6 ? B DG 9  ? B DG 9  ? 1_555 127.2 ? 
150 O6 ? B DG 4  ? B DG 4  ? 1_555 K ? G K . ? B K 102 ? 1_555 O6 ? B DG 9  ? B DG 9  ? 1_555 76.3  ? 
151 O6 ? B DG 7  ? B DG 7  ? 1_555 K ? G K . ? B K 102 ? 1_555 O6 ? B DG 9  ? B DG 9  ? 1_555 75.6  ? 
152 O6 ? B DG 3  ? B DG 3  ? 1_555 K ? G K . ? B K 102 ? 1_555 O6 ? B DG 12 ? B DG 12 ? 1_555 98.9  ? 
153 O6 ? B DG 4  ? B DG 4  ? 1_555 K ? G K . ? B K 102 ? 1_555 O6 ? B DG 12 ? B DG 12 ? 1_555 156.3 ? 
154 O6 ? B DG 7  ? B DG 7  ? 1_555 K ? G K . ? B K 102 ? 1_555 O6 ? B DG 12 ? B DG 12 ? 1_555 62.2  ? 
155 O6 ? B DG 9  ? B DG 9  ? 1_555 K ? G K . ? B K 102 ? 1_555 O6 ? B DG 12 ? B DG 12 ? 1_555 92.9  ? 
156 O6 ? B DG 3  ? B DG 3  ? 1_555 K ? G K . ? B K 102 ? 1_555 O6 ? B DG 13 ? B DG 13 ? 1_555 155.4 ? 
157 O6 ? B DG 4  ? B DG 4  ? 1_555 K ? G K . ? B K 102 ? 1_555 O6 ? B DG 13 ? B DG 13 ? 1_555 122.6 ? 
158 O6 ? B DG 7  ? B DG 7  ? 1_555 K ? G K . ? B K 102 ? 1_555 O6 ? B DG 13 ? B DG 13 ? 1_555 126.1 ? 
159 O6 ? B DG 9  ? B DG 9  ? 1_555 K ? G K . ? B K 102 ? 1_555 O6 ? B DG 13 ? B DG 13 ? 1_555 77.1  ? 
160 O6 ? B DG 12 ? B DG 12 ? 1_555 K ? G K . ? B K 102 ? 1_555 O6 ? B DG 13 ? B DG 13 ? 1_555 73.9  ? 
161 O6 ? B DG 3  ? B DG 3  ? 1_555 K ? G K . ? B K 102 ? 1_555 O6 ? B DG 19 ? B DG 19 ? 1_555 65.8  ? 
162 O6 ? B DG 4  ? B DG 4  ? 1_555 K ? G K . ? B K 102 ? 1_555 O6 ? B DG 19 ? B DG 19 ? 1_555 125.1 ? 
163 O6 ? B DG 7  ? B DG 7  ? 1_555 K ? G K . ? B K 102 ? 1_555 O6 ? B DG 19 ? B DG 19 ? 1_555 99.4  ? 
164 O6 ? B DG 9  ? B DG 9  ? 1_555 K ? G K . ? B K 102 ? 1_555 O6 ? B DG 19 ? B DG 19 ? 1_555 158.6 ? 
165 O6 ? B DG 12 ? B DG 12 ? 1_555 K ? G K . ? B K 102 ? 1_555 O6 ? B DG 19 ? B DG 19 ? 1_555 66.8  ? 
166 O6 ? B DG 13 ? B DG 13 ? 1_555 K ? G K . ? B K 102 ? 1_555 O6 ? B DG 19 ? B DG 19 ? 1_555 90.0  ? 
167 O6 ? B DG 3  ? B DG 3  ? 1_555 K ? G K . ? B K 102 ? 1_555 O6 ? B DG 20 ? B DG 20 ? 1_555 87.6  ? 
168 O6 ? B DG 4  ? B DG 4  ? 1_555 K ? G K . ? B K 102 ? 1_555 O6 ? B DG 20 ? B DG 20 ? 1_555 72.9  ? 
169 O6 ? B DG 7  ? B DG 7  ? 1_555 K ? G K . ? B K 102 ? 1_555 O6 ? B DG 20 ? B DG 20 ? 1_555 153.0 ? 
170 O6 ? B DG 9  ? B DG 9  ? 1_555 K ? G K . ? B K 102 ? 1_555 O6 ? B DG 20 ? B DG 20 ? 1_555 122.1 ? 
171 O6 ? B DG 12 ? B DG 12 ? 1_555 K ? G K . ? B K 102 ? 1_555 O6 ? B DG 20 ? B DG 20 ? 1_555 129.8 ? 
172 O6 ? B DG 13 ? B DG 13 ? 1_555 K ? G K . ? B K 102 ? 1_555 O6 ? B DG 20 ? B DG 20 ? 1_555 80.0  ? 
173 O6 ? B DG 19 ? B DG 19 ? 1_555 K ? G K . ? B K 102 ? 1_555 O6 ? B DG 20 ? B DG 20 ? 1_555 71.2  ? 
# 
loop_
_pdbx_audit_revision_history.ordinal 
_pdbx_audit_revision_history.data_content_type 
_pdbx_audit_revision_history.major_revision 
_pdbx_audit_revision_history.minor_revision 
_pdbx_audit_revision_history.revision_date 
1 'Structure model' 1 0 2020-04-15 
2 'Structure model' 1 1 2020-05-06 
3 'Structure model' 1 2 2020-06-10 
4 'Structure model' 1 3 2023-10-18 
# 
_pdbx_audit_revision_details.ordinal             1 
_pdbx_audit_revision_details.revision_ordinal    1 
_pdbx_audit_revision_details.data_content_type   'Structure model' 
_pdbx_audit_revision_details.provider            repository 
_pdbx_audit_revision_details.type                'Initial release' 
_pdbx_audit_revision_details.description         ? 
_pdbx_audit_revision_details.details             ? 
# 
loop_
_pdbx_audit_revision_group.ordinal 
_pdbx_audit_revision_group.revision_ordinal 
_pdbx_audit_revision_group.data_content_type 
_pdbx_audit_revision_group.group 
1 2 'Structure model' 'Database references'    
2 3 'Structure model' 'Database references'    
3 4 'Structure model' 'Data collection'        
4 4 'Structure model' 'Database references'    
5 4 'Structure model' 'Derived calculations'   
6 4 'Structure model' 'Refinement description' 
# 
loop_
_pdbx_audit_revision_category.ordinal 
_pdbx_audit_revision_category.revision_ordinal 
_pdbx_audit_revision_category.data_content_type 
_pdbx_audit_revision_category.category 
1  2 'Structure model' citation                      
2  2 'Structure model' citation_author               
3  3 'Structure model' citation                      
4  3 'Structure model' citation_author               
5  4 'Structure model' chem_comp_atom                
6  4 'Structure model' chem_comp_bond                
7  4 'Structure model' database_2                    
8  4 'Structure model' pdbx_initial_refinement_model 
9  4 'Structure model' pdbx_struct_conn_angle        
10 4 'Structure model' struct_conn                   
11 4 'Structure model' struct_conn_type              
12 4 'Structure model' struct_ncs_dom_lim            
# 
loop_
_pdbx_audit_revision_item.ordinal 
_pdbx_audit_revision_item.revision_ordinal 
_pdbx_audit_revision_item.data_content_type 
_pdbx_audit_revision_item.item 
1  2 'Structure model' '_citation.pdbx_database_id_PubMed'           
2  2 'Structure model' '_citation.title'                             
3  3 'Structure model' '_citation.journal_volume'                    
4  3 'Structure model' '_citation.page_first'                        
5  3 'Structure model' '_citation.page_last'                         
6  3 'Structure model' '_citation_author.name'                       
7  4 'Structure model' '_database_2.pdbx_DOI'                        
8  4 'Structure model' '_database_2.pdbx_database_accession'         
9  4 'Structure model' '_pdbx_struct_conn_angle.ptnr1_auth_asym_id'  
10 4 'Structure model' '_pdbx_struct_conn_angle.ptnr1_auth_seq_id'   
11 4 'Structure model' '_pdbx_struct_conn_angle.ptnr1_label_alt_id'  
12 4 'Structure model' '_pdbx_struct_conn_angle.ptnr1_label_asym_id' 
13 4 'Structure model' '_pdbx_struct_conn_angle.ptnr1_label_seq_id'  
14 4 'Structure model' '_pdbx_struct_conn_angle.ptnr2_auth_seq_id'   
15 4 'Structure model' '_pdbx_struct_conn_angle.ptnr2_label_asym_id' 
16 4 'Structure model' '_pdbx_struct_conn_angle.ptnr3_auth_asym_id'  
17 4 'Structure model' '_pdbx_struct_conn_angle.ptnr3_auth_seq_id'   
18 4 'Structure model' '_pdbx_struct_conn_angle.ptnr3_label_alt_id'  
19 4 'Structure model' '_pdbx_struct_conn_angle.ptnr3_label_asym_id' 
20 4 'Structure model' '_pdbx_struct_conn_angle.ptnr3_label_seq_id'  
21 4 'Structure model' '_pdbx_struct_conn_angle.value'               
22 4 'Structure model' '_struct_conn.conn_type_id'                   
23 4 'Structure model' '_struct_conn.id'                             
24 4 'Structure model' '_struct_conn.pdbx_dist_value'                
25 4 'Structure model' '_struct_conn.pdbx_leaving_atom_flag'         
26 4 'Structure model' '_struct_conn.pdbx_ptnr1_label_alt_id'        
27 4 'Structure model' '_struct_conn.pdbx_ptnr2_label_alt_id'        
28 4 'Structure model' '_struct_conn.ptnr1_auth_asym_id'             
29 4 'Structure model' '_struct_conn.ptnr1_auth_comp_id'             
30 4 'Structure model' '_struct_conn.ptnr1_auth_seq_id'              
31 4 'Structure model' '_struct_conn.ptnr1_label_asym_id'            
32 4 'Structure model' '_struct_conn.ptnr1_label_atom_id'            
33 4 'Structure model' '_struct_conn.ptnr1_label_comp_id'            
34 4 'Structure model' '_struct_conn.ptnr1_label_seq_id'             
35 4 'Structure model' '_struct_conn.ptnr2_auth_asym_id'             
36 4 'Structure model' '_struct_conn.ptnr2_auth_comp_id'             
37 4 'Structure model' '_struct_conn.ptnr2_auth_seq_id'              
38 4 'Structure model' '_struct_conn.ptnr2_label_asym_id'            
39 4 'Structure model' '_struct_conn.ptnr2_label_atom_id'            
40 4 'Structure model' '_struct_conn.ptnr2_label_comp_id'            
41 4 'Structure model' '_struct_conn.ptnr2_label_seq_id'             
42 4 'Structure model' '_struct_conn_type.id'                        
43 4 'Structure model' '_struct_ncs_dom_lim.beg_auth_comp_id'        
44 4 'Structure model' '_struct_ncs_dom_lim.beg_label_asym_id'       
45 4 'Structure model' '_struct_ncs_dom_lim.beg_label_comp_id'       
46 4 'Structure model' '_struct_ncs_dom_lim.beg_label_seq_id'        
47 4 'Structure model' '_struct_ncs_dom_lim.end_auth_comp_id'        
48 4 'Structure model' '_struct_ncs_dom_lim.end_label_asym_id'       
49 4 'Structure model' '_struct_ncs_dom_lim.end_label_comp_id'       
50 4 'Structure model' '_struct_ncs_dom_lim.end_label_seq_id'        
# 
_phasing.method   MR 
# 
loop_
_software.citation_id 
_software.classification 
_software.compiler_name 
_software.compiler_version 
_software.contact_author 
_software.contact_author_email 
_software.date 
_software.description 
_software.dependencies 
_software.hardware 
_software.language 
_software.location 
_software.mods 
_software.name 
_software.os 
_software.os_version 
_software.type 
_software.version 
_software.pdbx_ordinal 
? 'data reduction'  ? ? ? ? ? ? ? ? ? ? ? XDS         ? ? ? .     1 
? 'data scaling'    ? ? ? ? ? ? ? ? ? ? ? Aimless     ? ? ? 0.7.2 2 
? phasing           ? ? ? ? ? ? ? ? ? ? ? MOLREP      ? ? ? .     3 
? refinement        ? ? ? ? ? ? ? ? ? ? ? PHENIX      ? ? ? 1.9   4 
? 'data extraction' ? ? ? ? ? ? ? ? ? ? ? PDB_EXTRACT ? ? ? 3.24  5 
# 
_pdbx_entry_details.entry_id                 6WCK 
_pdbx_entry_details.has_ligand_of_interest   N 
_pdbx_entry_details.compound_details         ? 
_pdbx_entry_details.source_details           ? 
_pdbx_entry_details.nonpolymer_details       ? 
_pdbx_entry_details.sequence_details         ? 
# 
loop_
_pdbx_validate_rmsd_bond.id 
_pdbx_validate_rmsd_bond.PDB_model_num 
_pdbx_validate_rmsd_bond.auth_atom_id_1 
_pdbx_validate_rmsd_bond.auth_asym_id_1 
_pdbx_validate_rmsd_bond.auth_comp_id_1 
_pdbx_validate_rmsd_bond.auth_seq_id_1 
_pdbx_validate_rmsd_bond.PDB_ins_code_1 
_pdbx_validate_rmsd_bond.label_alt_id_1 
_pdbx_validate_rmsd_bond.auth_atom_id_2 
_pdbx_validate_rmsd_bond.auth_asym_id_2 
_pdbx_validate_rmsd_bond.auth_comp_id_2 
_pdbx_validate_rmsd_bond.auth_seq_id_2 
_pdbx_validate_rmsd_bond.PDB_ins_code_2 
_pdbx_validate_rmsd_bond.label_alt_id_2 
_pdbx_validate_rmsd_bond.bond_value 
_pdbx_validate_rmsd_bond.bond_target_value 
_pdbx_validate_rmsd_bond.bond_deviation 
_pdbx_validate_rmsd_bond.bond_standard_deviation 
_pdbx_validate_rmsd_bond.linker_flag 
1 1 "O3'" A DG 11 ? ? "C3'" A DG 11 ? ? 1.383 1.419 -0.036 0.006 N 
2 1 "O3'" A DG 20 ? ? "C3'" A DG 20 ? ? 1.382 1.419 -0.037 0.006 N 
3 1 "O3'" B DG 18 ? ? "C3'" B DG 18 ? ? 1.380 1.419 -0.039 0.006 N 
4 1 "O3'" B DG 20 ? ? "C3'" B DG 20 ? ? 1.377 1.419 -0.042 0.006 N 
# 
loop_
_pdbx_validate_rmsd_angle.id 
_pdbx_validate_rmsd_angle.PDB_model_num 
_pdbx_validate_rmsd_angle.auth_atom_id_1 
_pdbx_validate_rmsd_angle.auth_asym_id_1 
_pdbx_validate_rmsd_angle.auth_comp_id_1 
_pdbx_validate_rmsd_angle.auth_seq_id_1 
_pdbx_validate_rmsd_angle.PDB_ins_code_1 
_pdbx_validate_rmsd_angle.label_alt_id_1 
_pdbx_validate_rmsd_angle.auth_atom_id_2 
_pdbx_validate_rmsd_angle.auth_asym_id_2 
_pdbx_validate_rmsd_angle.auth_comp_id_2 
_pdbx_validate_rmsd_angle.auth_seq_id_2 
_pdbx_validate_rmsd_angle.PDB_ins_code_2 
_pdbx_validate_rmsd_angle.label_alt_id_2 
_pdbx_validate_rmsd_angle.auth_atom_id_3 
_pdbx_validate_rmsd_angle.auth_asym_id_3 
_pdbx_validate_rmsd_angle.auth_comp_id_3 
_pdbx_validate_rmsd_angle.auth_seq_id_3 
_pdbx_validate_rmsd_angle.PDB_ins_code_3 
_pdbx_validate_rmsd_angle.label_alt_id_3 
_pdbx_validate_rmsd_angle.angle_value 
_pdbx_validate_rmsd_angle.angle_target_value 
_pdbx_validate_rmsd_angle.angle_deviation 
_pdbx_validate_rmsd_angle.angle_standard_deviation 
_pdbx_validate_rmsd_angle.linker_flag 
1 1 "O4'" A DG 7 ? ? "C1'" A DG 7 ? ? N9 A DG 7 ? ? 110.75 108.30 2.45 0.30 N 
2 1 "O4'" B DG 7 ? ? "C1'" B DG 7 ? ? N9 B DG 7 ? ? 110.48 108.30 2.18 0.30 N 
# 
loop_
_chem_comp_atom.comp_id 
_chem_comp_atom.atom_id 
_chem_comp_atom.type_symbol 
_chem_comp_atom.pdbx_aromatic_flag 
_chem_comp_atom.pdbx_stereo_config 
_chem_comp_atom.pdbx_ordinal 
BRU N1     N  N N 1   
BRU C2     C  N N 2   
BRU N3     N  N N 3   
BRU C4     C  N N 4   
BRU C5     C  N N 5   
BRU C6     C  N N 6   
BRU O2     O  N N 7   
BRU O4     O  N N 8   
BRU BR     BR N N 9   
BRU "C1'"  C  N R 10  
BRU "C2'"  C  N N 11  
BRU "C3'"  C  N S 12  
BRU "C4'"  C  N R 13  
BRU "O3'"  O  N N 14  
BRU "O4'"  O  N N 15  
BRU "C5'"  C  N N 16  
BRU "O5'"  O  N N 17  
BRU P      P  N N 18  
BRU OP1    O  N N 19  
BRU OP2    O  N N 20  
BRU OP3    O  N N 21  
BRU HN3    H  N N 22  
BRU H6     H  N N 23  
BRU "H1'"  H  N N 24  
BRU "H2'"  H  N N 25  
BRU "H2''" H  N N 26  
BRU "H3'"  H  N N 27  
BRU "H4'"  H  N N 28  
BRU "HO3'" H  N N 29  
BRU "H5'"  H  N N 30  
BRU "H5''" H  N N 31  
BRU HOP2   H  N N 32  
BRU HOP3   H  N N 33  
DA  OP3    O  N N 34  
DA  P      P  N N 35  
DA  OP1    O  N N 36  
DA  OP2    O  N N 37  
DA  "O5'"  O  N N 38  
DA  "C5'"  C  N N 39  
DA  "C4'"  C  N R 40  
DA  "O4'"  O  N N 41  
DA  "C3'"  C  N S 42  
DA  "O3'"  O  N N 43  
DA  "C2'"  C  N N 44  
DA  "C1'"  C  N R 45  
DA  N9     N  Y N 46  
DA  C8     C  Y N 47  
DA  N7     N  Y N 48  
DA  C5     C  Y N 49  
DA  C6     C  Y N 50  
DA  N6     N  N N 51  
DA  N1     N  Y N 52  
DA  C2     C  Y N 53  
DA  N3     N  Y N 54  
DA  C4     C  Y N 55  
DA  HOP3   H  N N 56  
DA  HOP2   H  N N 57  
DA  "H5'"  H  N N 58  
DA  "H5''" H  N N 59  
DA  "H4'"  H  N N 60  
DA  "H3'"  H  N N 61  
DA  "HO3'" H  N N 62  
DA  "H2'"  H  N N 63  
DA  "H2''" H  N N 64  
DA  "H1'"  H  N N 65  
DA  H8     H  N N 66  
DA  H61    H  N N 67  
DA  H62    H  N N 68  
DA  H2     H  N N 69  
DC  OP3    O  N N 70  
DC  P      P  N N 71  
DC  OP1    O  N N 72  
DC  OP2    O  N N 73  
DC  "O5'"  O  N N 74  
DC  "C5'"  C  N N 75  
DC  "C4'"  C  N R 76  
DC  "O4'"  O  N N 77  
DC  "C3'"  C  N S 78  
DC  "O3'"  O  N N 79  
DC  "C2'"  C  N N 80  
DC  "C1'"  C  N R 81  
DC  N1     N  N N 82  
DC  C2     C  N N 83  
DC  O2     O  N N 84  
DC  N3     N  N N 85  
DC  C4     C  N N 86  
DC  N4     N  N N 87  
DC  C5     C  N N 88  
DC  C6     C  N N 89  
DC  HOP3   H  N N 90  
DC  HOP2   H  N N 91  
DC  "H5'"  H  N N 92  
DC  "H5''" H  N N 93  
DC  "H4'"  H  N N 94  
DC  "H3'"  H  N N 95  
DC  "HO3'" H  N N 96  
DC  "H2'"  H  N N 97  
DC  "H2''" H  N N 98  
DC  "H1'"  H  N N 99  
DC  H41    H  N N 100 
DC  H42    H  N N 101 
DC  H5     H  N N 102 
DC  H6     H  N N 103 
DG  OP3    O  N N 104 
DG  P      P  N N 105 
DG  OP1    O  N N 106 
DG  OP2    O  N N 107 
DG  "O5'"  O  N N 108 
DG  "C5'"  C  N N 109 
DG  "C4'"  C  N R 110 
DG  "O4'"  O  N N 111 
DG  "C3'"  C  N S 112 
DG  "O3'"  O  N N 113 
DG  "C2'"  C  N N 114 
DG  "C1'"  C  N R 115 
DG  N9     N  Y N 116 
DG  C8     C  Y N 117 
DG  N7     N  Y N 118 
DG  C5     C  Y N 119 
DG  C6     C  N N 120 
DG  O6     O  N N 121 
DG  N1     N  N N 122 
DG  C2     C  N N 123 
DG  N2     N  N N 124 
DG  N3     N  N N 125 
DG  C4     C  Y N 126 
DG  HOP3   H  N N 127 
DG  HOP2   H  N N 128 
DG  "H5'"  H  N N 129 
DG  "H5''" H  N N 130 
DG  "H4'"  H  N N 131 
DG  "H3'"  H  N N 132 
DG  "HO3'" H  N N 133 
DG  "H2'"  H  N N 134 
DG  "H2''" H  N N 135 
DG  "H1'"  H  N N 136 
DG  H8     H  N N 137 
DG  H1     H  N N 138 
DG  H21    H  N N 139 
DG  H22    H  N N 140 
DT  OP3    O  N N 141 
DT  P      P  N N 142 
DT  OP1    O  N N 143 
DT  OP2    O  N N 144 
DT  "O5'"  O  N N 145 
DT  "C5'"  C  N N 146 
DT  "C4'"  C  N R 147 
DT  "O4'"  O  N N 148 
DT  "C3'"  C  N S 149 
DT  "O3'"  O  N N 150 
DT  "C2'"  C  N N 151 
DT  "C1'"  C  N R 152 
DT  N1     N  N N 153 
DT  C2     C  N N 154 
DT  O2     O  N N 155 
DT  N3     N  N N 156 
DT  C4     C  N N 157 
DT  O4     O  N N 158 
DT  C5     C  N N 159 
DT  C7     C  N N 160 
DT  C6     C  N N 161 
DT  HOP3   H  N N 162 
DT  HOP2   H  N N 163 
DT  "H5'"  H  N N 164 
DT  "H5''" H  N N 165 
DT  "H4'"  H  N N 166 
DT  "H3'"  H  N N 167 
DT  "HO3'" H  N N 168 
DT  "H2'"  H  N N 169 
DT  "H2''" H  N N 170 
DT  "H1'"  H  N N 171 
DT  H3     H  N N 172 
DT  H71    H  N N 173 
DT  H72    H  N N 174 
DT  H73    H  N N 175 
DT  H6     H  N N 176 
HOH O      O  N N 177 
HOH H1     H  N N 178 
HOH H2     H  N N 179 
K   K      K  N N 180 
# 
loop_
_chem_comp_bond.comp_id 
_chem_comp_bond.atom_id_1 
_chem_comp_bond.atom_id_2 
_chem_comp_bond.value_order 
_chem_comp_bond.pdbx_aromatic_flag 
_chem_comp_bond.pdbx_stereo_config 
_chem_comp_bond.pdbx_ordinal 
BRU N1    C2     sing N N 1   
BRU N1    C6     sing N N 2   
BRU N1    "C1'"  sing N N 3   
BRU C2    N3     sing N N 4   
BRU C2    O2     doub N N 5   
BRU N3    C4     sing N N 6   
BRU N3    HN3    sing N N 7   
BRU C4    C5     sing N N 8   
BRU C4    O4     doub N N 9   
BRU C5    C6     doub N N 10  
BRU C5    BR     sing N N 11  
BRU C6    H6     sing N N 12  
BRU "C1'" "C2'"  sing N N 13  
BRU "C1'" "O4'"  sing N N 14  
BRU "C1'" "H1'"  sing N N 15  
BRU "C2'" "C3'"  sing N N 16  
BRU "C2'" "H2'"  sing N N 17  
BRU "C2'" "H2''" sing N N 18  
BRU "C3'" "C4'"  sing N N 19  
BRU "C3'" "O3'"  sing N N 20  
BRU "C3'" "H3'"  sing N N 21  
BRU "C4'" "O4'"  sing N N 22  
BRU "C4'" "C5'"  sing N N 23  
BRU "C4'" "H4'"  sing N N 24  
BRU "O3'" "HO3'" sing N N 25  
BRU "C5'" "O5'"  sing N N 26  
BRU "C5'" "H5'"  sing N N 27  
BRU "C5'" "H5''" sing N N 28  
BRU "O5'" P      sing N N 29  
BRU P     OP1    doub N N 30  
BRU P     OP2    sing N N 31  
BRU P     OP3    sing N N 32  
BRU OP2   HOP2   sing N N 33  
BRU OP3   HOP3   sing N N 34  
DA  OP3   P      sing N N 35  
DA  OP3   HOP3   sing N N 36  
DA  P     OP1    doub N N 37  
DA  P     OP2    sing N N 38  
DA  P     "O5'"  sing N N 39  
DA  OP2   HOP2   sing N N 40  
DA  "O5'" "C5'"  sing N N 41  
DA  "C5'" "C4'"  sing N N 42  
DA  "C5'" "H5'"  sing N N 43  
DA  "C5'" "H5''" sing N N 44  
DA  "C4'" "O4'"  sing N N 45  
DA  "C4'" "C3'"  sing N N 46  
DA  "C4'" "H4'"  sing N N 47  
DA  "O4'" "C1'"  sing N N 48  
DA  "C3'" "O3'"  sing N N 49  
DA  "C3'" "C2'"  sing N N 50  
DA  "C3'" "H3'"  sing N N 51  
DA  "O3'" "HO3'" sing N N 52  
DA  "C2'" "C1'"  sing N N 53  
DA  "C2'" "H2'"  sing N N 54  
DA  "C2'" "H2''" sing N N 55  
DA  "C1'" N9     sing N N 56  
DA  "C1'" "H1'"  sing N N 57  
DA  N9    C8     sing Y N 58  
DA  N9    C4     sing Y N 59  
DA  C8    N7     doub Y N 60  
DA  C8    H8     sing N N 61  
DA  N7    C5     sing Y N 62  
DA  C5    C6     sing Y N 63  
DA  C5    C4     doub Y N 64  
DA  C6    N6     sing N N 65  
DA  C6    N1     doub Y N 66  
DA  N6    H61    sing N N 67  
DA  N6    H62    sing N N 68  
DA  N1    C2     sing Y N 69  
DA  C2    N3     doub Y N 70  
DA  C2    H2     sing N N 71  
DA  N3    C4     sing Y N 72  
DC  OP3   P      sing N N 73  
DC  OP3   HOP3   sing N N 74  
DC  P     OP1    doub N N 75  
DC  P     OP2    sing N N 76  
DC  P     "O5'"  sing N N 77  
DC  OP2   HOP2   sing N N 78  
DC  "O5'" "C5'"  sing N N 79  
DC  "C5'" "C4'"  sing N N 80  
DC  "C5'" "H5'"  sing N N 81  
DC  "C5'" "H5''" sing N N 82  
DC  "C4'" "O4'"  sing N N 83  
DC  "C4'" "C3'"  sing N N 84  
DC  "C4'" "H4'"  sing N N 85  
DC  "O4'" "C1'"  sing N N 86  
DC  "C3'" "O3'"  sing N N 87  
DC  "C3'" "C2'"  sing N N 88  
DC  "C3'" "H3'"  sing N N 89  
DC  "O3'" "HO3'" sing N N 90  
DC  "C2'" "C1'"  sing N N 91  
DC  "C2'" "H2'"  sing N N 92  
DC  "C2'" "H2''" sing N N 93  
DC  "C1'" N1     sing N N 94  
DC  "C1'" "H1'"  sing N N 95  
DC  N1    C2     sing N N 96  
DC  N1    C6     sing N N 97  
DC  C2    O2     doub N N 98  
DC  C2    N3     sing N N 99  
DC  N3    C4     doub N N 100 
DC  C4    N4     sing N N 101 
DC  C4    C5     sing N N 102 
DC  N4    H41    sing N N 103 
DC  N4    H42    sing N N 104 
DC  C5    C6     doub N N 105 
DC  C5    H5     sing N N 106 
DC  C6    H6     sing N N 107 
DG  OP3   P      sing N N 108 
DG  OP3   HOP3   sing N N 109 
DG  P     OP1    doub N N 110 
DG  P     OP2    sing N N 111 
DG  P     "O5'"  sing N N 112 
DG  OP2   HOP2   sing N N 113 
DG  "O5'" "C5'"  sing N N 114 
DG  "C5'" "C4'"  sing N N 115 
DG  "C5'" "H5'"  sing N N 116 
DG  "C5'" "H5''" sing N N 117 
DG  "C4'" "O4'"  sing N N 118 
DG  "C4'" "C3'"  sing N N 119 
DG  "C4'" "H4'"  sing N N 120 
DG  "O4'" "C1'"  sing N N 121 
DG  "C3'" "O3'"  sing N N 122 
DG  "C3'" "C2'"  sing N N 123 
DG  "C3'" "H3'"  sing N N 124 
DG  "O3'" "HO3'" sing N N 125 
DG  "C2'" "C1'"  sing N N 126 
DG  "C2'" "H2'"  sing N N 127 
DG  "C2'" "H2''" sing N N 128 
DG  "C1'" N9     sing N N 129 
DG  "C1'" "H1'"  sing N N 130 
DG  N9    C8     sing Y N 131 
DG  N9    C4     sing Y N 132 
DG  C8    N7     doub Y N 133 
DG  C8    H8     sing N N 134 
DG  N7    C5     sing Y N 135 
DG  C5    C6     sing N N 136 
DG  C5    C4     doub Y N 137 
DG  C6    O6     doub N N 138 
DG  C6    N1     sing N N 139 
DG  N1    C2     sing N N 140 
DG  N1    H1     sing N N 141 
DG  C2    N2     sing N N 142 
DG  C2    N3     doub N N 143 
DG  N2    H21    sing N N 144 
DG  N2    H22    sing N N 145 
DG  N3    C4     sing N N 146 
DT  OP3   P      sing N N 147 
DT  OP3   HOP3   sing N N 148 
DT  P     OP1    doub N N 149 
DT  P     OP2    sing N N 150 
DT  P     "O5'"  sing N N 151 
DT  OP2   HOP2   sing N N 152 
DT  "O5'" "C5'"  sing N N 153 
DT  "C5'" "C4'"  sing N N 154 
DT  "C5'" "H5'"  sing N N 155 
DT  "C5'" "H5''" sing N N 156 
DT  "C4'" "O4'"  sing N N 157 
DT  "C4'" "C3'"  sing N N 158 
DT  "C4'" "H4'"  sing N N 159 
DT  "O4'" "C1'"  sing N N 160 
DT  "C3'" "O3'"  sing N N 161 
DT  "C3'" "C2'"  sing N N 162 
DT  "C3'" "H3'"  sing N N 163 
DT  "O3'" "HO3'" sing N N 164 
DT  "C2'" "C1'"  sing N N 165 
DT  "C2'" "H2'"  sing N N 166 
DT  "C2'" "H2''" sing N N 167 
DT  "C1'" N1     sing N N 168 
DT  "C1'" "H1'"  sing N N 169 
DT  N1    C2     sing N N 170 
DT  N1    C6     sing N N 171 
DT  C2    O2     doub N N 172 
DT  C2    N3     sing N N 173 
DT  N3    C4     sing N N 174 
DT  N3    H3     sing N N 175 
DT  C4    O4     doub N N 176 
DT  C4    C5     sing N N 177 
DT  C5    C7     sing N N 178 
DT  C5    C6     doub N N 179 
DT  C7    H71    sing N N 180 
DT  C7    H72    sing N N 181 
DT  C7    H73    sing N N 182 
DT  C6    H6     sing N N 183 
HOH O     H1     sing N N 184 
HOH O     H2     sing N N 185 
# 
loop_
_ndb_struct_conf_na.entry_id 
_ndb_struct_conf_na.feature 
6WCK 'double helix'    
6WCK 'quadruple helix' 
# 
loop_
_ndb_struct_na_base_pair.model_number 
_ndb_struct_na_base_pair.i_label_asym_id 
_ndb_struct_na_base_pair.i_label_comp_id 
_ndb_struct_na_base_pair.i_label_seq_id 
_ndb_struct_na_base_pair.i_symmetry 
_ndb_struct_na_base_pair.j_label_asym_id 
_ndb_struct_na_base_pair.j_label_comp_id 
_ndb_struct_na_base_pair.j_label_seq_id 
_ndb_struct_na_base_pair.j_symmetry 
_ndb_struct_na_base_pair.shear 
_ndb_struct_na_base_pair.stretch 
_ndb_struct_na_base_pair.stagger 
_ndb_struct_na_base_pair.buckle 
_ndb_struct_na_base_pair.propeller 
_ndb_struct_na_base_pair.opening 
_ndb_struct_na_base_pair.pair_number 
_ndb_struct_na_base_pair.pair_name 
_ndb_struct_na_base_pair.i_auth_asym_id 
_ndb_struct_na_base_pair.i_auth_seq_id 
_ndb_struct_na_base_pair.i_PDB_ins_code 
_ndb_struct_na_base_pair.j_auth_asym_id 
_ndb_struct_na_base_pair.j_auth_seq_id 
_ndb_struct_na_base_pair.j_PDB_ins_code 
_ndb_struct_na_base_pair.hbond_type_28 
_ndb_struct_na_base_pair.hbond_type_12 
1 A DG  6  1_555 A DG  11 1_555 1.495  3.575  0.170  -0.981  1.231  -90.875  1  A_DG6:DG11_A  A 6  ? A 11 ? 6  3 
1 A DG  2  1_555 A DG  18 1_555 -1.390 -3.379 0.198  -3.417  1.894  91.383   2  A_DG2:DG18_A  A 2  ? A 18 ? 6  3 
1 A DG  3  1_555 A DG  19 1_555 -1.485 -3.458 0.010  1.023   1.702  90.098   3  A_DG3:DG19_A  A 3  ? A 19 ? 6  3 
1 A DG  20 1_555 A DG  13 1_555 -1.781 -3.463 0.114  -10.627 7.710  88.420   4  A_DG20:DG13_A A 20 ? A 13 ? 6  3 
1 A DG  4  1_555 A DG  9  1_555 1.778  3.331  -0.114 4.843   -5.303 -90.950  5  A_DG4:DG9_A   A 4  ? A 9  ? 6  3 
1 A DA  22 1_555 A BRU 8  1_555 0.137  0.966  -0.053 -1.942  7.657  174.495  6  A_DA22:BRU8_A A 22 ? A 8  ? 21 2 
1 B BRU 8  1_555 B DA  22 1_555 -0.046 -0.990 0.067  2.838   -8.376 -176.262 7  B_BRU8:DA22_B B 8  ? B 22 ? 21 2 
1 B DG  9  1_555 B DG  4  1_555 -1.856 -3.285 0.123  -4.599  5.934  89.567   8  B_DG9:DG4_B   B 9  ? B 4  ? 6  3 
1 B DG  13 1_555 B DG  20 1_555 1.810  3.471  -0.046 11.708  -5.659 -87.197  9  B_DG13:DG20_B B 13 ? B 20 ? 6  3 
1 B DG  7  1_555 B DG  12 1_555 1.311  3.605  -0.133 6.876   -5.575 -92.377  10 B_DG7:DG12_B  B 7  ? B 12 ? 6  3 
# 
loop_
_ndb_struct_na_base_pair_step.model_number 
_ndb_struct_na_base_pair_step.i_label_asym_id_1 
_ndb_struct_na_base_pair_step.i_label_comp_id_1 
_ndb_struct_na_base_pair_step.i_label_seq_id_1 
_ndb_struct_na_base_pair_step.i_symmetry_1 
_ndb_struct_na_base_pair_step.j_label_asym_id_1 
_ndb_struct_na_base_pair_step.j_label_comp_id_1 
_ndb_struct_na_base_pair_step.j_label_seq_id_1 
_ndb_struct_na_base_pair_step.j_symmetry_1 
_ndb_struct_na_base_pair_step.i_label_asym_id_2 
_ndb_struct_na_base_pair_step.i_label_comp_id_2 
_ndb_struct_na_base_pair_step.i_label_seq_id_2 
_ndb_struct_na_base_pair_step.i_symmetry_2 
_ndb_struct_na_base_pair_step.j_label_asym_id_2 
_ndb_struct_na_base_pair_step.j_label_comp_id_2 
_ndb_struct_na_base_pair_step.j_label_seq_id_2 
_ndb_struct_na_base_pair_step.j_symmetry_2 
_ndb_struct_na_base_pair_step.shift 
_ndb_struct_na_base_pair_step.slide 
_ndb_struct_na_base_pair_step.rise 
_ndb_struct_na_base_pair_step.tilt 
_ndb_struct_na_base_pair_step.roll 
_ndb_struct_na_base_pair_step.twist 
_ndb_struct_na_base_pair_step.x_displacement 
_ndb_struct_na_base_pair_step.y_displacement 
_ndb_struct_na_base_pair_step.helical_rise 
_ndb_struct_na_base_pair_step.inclination 
_ndb_struct_na_base_pair_step.tip 
_ndb_struct_na_base_pair_step.helical_twist 
_ndb_struct_na_base_pair_step.step_number 
_ndb_struct_na_base_pair_step.step_name 
_ndb_struct_na_base_pair_step.i_auth_asym_id_1 
_ndb_struct_na_base_pair_step.i_auth_seq_id_1 
_ndb_struct_na_base_pair_step.i_PDB_ins_code_1 
_ndb_struct_na_base_pair_step.j_auth_asym_id_1 
_ndb_struct_na_base_pair_step.j_auth_seq_id_1 
_ndb_struct_na_base_pair_step.j_PDB_ins_code_1 
_ndb_struct_na_base_pair_step.i_auth_asym_id_2 
_ndb_struct_na_base_pair_step.i_auth_seq_id_2 
_ndb_struct_na_base_pair_step.i_PDB_ins_code_2 
_ndb_struct_na_base_pair_step.j_auth_asym_id_2 
_ndb_struct_na_base_pair_step.j_auth_seq_id_2 
_ndb_struct_na_base_pair_step.j_PDB_ins_code_2 
1 A DG  6  1_555 A DG 11 1_555 A DG 2  1_555 A DG  18 1_555 -1.606 -3.515 0.097  -0.472 -1.165 179.558  -1.757 0.803  0.097  
-0.582 0.236  179.558  1 AA_DG6DG2:DG18DG11_AA  A 6  ? A 11 ? A 2  ? A 18 ? 
1 A DG  2  1_555 A DG 18 1_555 A DG 3  1_555 A DG  19 1_555 -0.484 -1.049 3.247  1.526  2.198  30.566   -2.405 1.208  3.138  4.159 
-2.887 30.680   2 AA_DG2DG3:DG19DG18_AA  A 2  ? A 18 ? A 3  ? A 19 ? 
1 A DG  3  1_555 A DG 19 1_555 A DG 20 1_555 A DG  13 1_555 0.906  2.026  3.080  4.530  0.219  -60.252  -2.023 1.106  3.005  
-0.218 4.506  -60.406  3 AA_DG3DG20:DG13DG19_AA A 3  ? A 19 ? A 20 ? A 13 ? 
1 A DG  20 1_555 A DG 13 1_555 A DG 4  1_555 A DG  9  1_555 1.755  3.382  0.135  5.555  -6.327 -179.260 -1.691 0.877  0.136  3.163 
2.778  -179.262 4 AA_DG20DG4:DG9DG13_AA  A 20 ? A 13 ? A 4  ? A 9  ? 
1 A DG  4  1_555 A DG 9  1_555 A DA 22 1_555 A BRU 8  1_555 3.094  -1.467 2.923  -6.170 -6.323 136.190  -0.756 -1.700 2.888  
-3.407 3.324  136.326  5 AA_DG4DA22:BRU8DG9_AA  A 4  ? A 9  ? A 22 ? A 8  ? 
1 B BRU 8  1_555 B DA 22 1_555 B DG 9  1_555 B DG  4  1_555 -2.974 1.447  -2.890 6.861  6.021  -135.659 -0.748 -1.642 -2.847 
-3.250 3.703  -135.807 6 BB_BRU8DG9:DG4DA22_BB  B 8  ? B 22 ? B 9  ? B 4  ? 
1 B DG  9  1_555 B DG 4  1_555 B DG 13 1_555 B DG  20 1_555 -1.713 -3.363 -0.146 -6.836 7.289  178.956  -1.682 0.857  -0.147 3.645 
3.418  178.960  7 BB_DG9DG13:DG20DG4_BB  B 9  ? B 4  ? B 13 ? B 20 ? 
1 B DG  13 1_555 B DG 20 1_555 B DG 7  1_555 B DG  12 1_555 1.476  2.916  -3.230 6.366  -6.866 -121.129 -1.735 0.789  -3.174 3.939 
3.652  -121.344 8 BB_DG13DG7:DG12DG20_BB B 13 ? B 20 ? B 7  ? B 12 ? 
# 
_pdbx_audit_support.funding_organization   'National Health and Medical Research Council (NHMRC, Australia)' 
_pdbx_audit_support.country                Australia 
_pdbx_audit_support.grant_number           APP1139936 
_pdbx_audit_support.ordinal                1 
# 
loop_
_pdbx_entity_nonpoly.entity_id 
_pdbx_entity_nonpoly.name 
_pdbx_entity_nonpoly.comp_id 
2 'POTASSIUM ION' K   
3 water           HOH 
# 
_pdbx_initial_refinement_model.id               1 
_pdbx_initial_refinement_model.entity_id_list   ? 
_pdbx_initial_refinement_model.type             'experimental model' 
_pdbx_initial_refinement_model.source_name      PDB 
_pdbx_initial_refinement_model.accession_code   5I2V 
_pdbx_initial_refinement_model.details          ? 
# 
_pdbx_struct_assembly_auth_evidence.id                     1 
_pdbx_struct_assembly_auth_evidence.assembly_id            1 
_pdbx_struct_assembly_auth_evidence.experimental_support   'native gel electrophoresis' 
_pdbx_struct_assembly_auth_evidence.details                ? 
# 
